data_3EUW
#
_entry.id   3EUW
#
_cell.length_a   87.039
_cell.length_b   127.586
_cell.length_c   87.155
_cell.angle_alpha   90.00
_cell.angle_beta   92.96
_cell.angle_gamma   90.00
#
_symmetry.space_group_name_H-M   'P 1 21 1'
#
loop_
_entity.id
_entity.type
_entity.pdbx_description
1 polymer 'Myo-inositol dehydrogenase'
2 non-polymer 'SODIUM ION'
3 water water
#
_entity_poly.entity_id   1
_entity_poly.type   'polypeptide(L)'
_entity_poly.pdbx_seq_one_letter_code
;(MSE)SLTLRIALFGAGRIGHVHAANIAANPDLELVVIADPFIEGAQRLAEANGAEAVASPDEVFARDDIDGIVIGSPTS
THVDLITRAVERGIPALCEKPIDLDIE(MSE)VRACKEKIGDGASKV(MSE)LGFNRRFDPSFAAINARVANQEIGNLEQ
LVIISRDPAPAPKDYIAGSGGIFRD(MSE)TIHDLD(MSE)ARFFVPNIVEVTATGANVFSQEIAEFNDYDQVIVTLRGS
KGELINIVNSRHCSYGYDQRLEAFGSKG(MSE)LAADNIRPTTVRKHNAESTEQADPIFNFFLERYDAAYKAELATFAQG
IRDGQGFSPNFEDGVIALELANACLESAQTGRTVTLNPANEGHHHHHH
;
_entity_poly.pdbx_strand_id   A,B,C,D
#
# COMPACT_ATOMS: atom_id res chain seq x y z
N LEU A 3 -21.73 -6.27 39.13
CA LEU A 3 -20.85 -6.69 40.26
C LEU A 3 -19.38 -6.71 39.81
N THR A 4 -18.60 -5.76 40.30
CA THR A 4 -17.19 -5.66 39.94
C THR A 4 -16.38 -6.84 40.45
N LEU A 5 -15.62 -7.48 39.56
CA LEU A 5 -14.81 -8.65 39.92
C LEU A 5 -13.45 -8.26 40.50
N ARG A 6 -13.05 -8.95 41.57
CA ARG A 6 -11.79 -8.69 42.25
C ARG A 6 -10.64 -9.51 41.68
N ILE A 7 -9.58 -8.82 41.27
CA ILE A 7 -8.44 -9.51 40.67
C ILE A 7 -7.12 -9.37 41.43
N ALA A 8 -6.40 -10.48 41.55
CA ALA A 8 -5.09 -10.47 42.20
C ALA A 8 -4.05 -10.61 41.08
N LEU A 9 -3.02 -9.78 41.10
CA LEU A 9 -1.97 -9.81 40.09
C LEU A 9 -0.60 -10.24 40.60
N PHE A 10 0.03 -11.17 39.89
CA PHE A 10 1.36 -11.65 40.25
C PHE A 10 2.39 -11.11 39.25
N GLY A 11 3.38 -10.39 39.77
CA GLY A 11 4.42 -9.83 38.92
C GLY A 11 4.21 -8.34 38.74
N ALA A 12 5.23 -7.55 39.08
CA ALA A 12 5.12 -6.10 38.94
C ALA A 12 5.98 -5.66 37.77
N GLY A 13 6.46 -6.64 37.01
CA GLY A 13 7.31 -6.34 35.87
C GLY A 13 6.57 -5.61 34.77
N ARG A 14 7.15 -5.61 33.57
CA ARG A 14 6.56 -4.91 32.43
C ARG A 14 5.19 -5.44 32.05
N ILE A 15 5.07 -6.75 31.91
CA ILE A 15 3.78 -7.35 31.56
C ILE A 15 2.80 -7.05 32.69
N GLY A 16 3.30 -7.07 33.93
CA GLY A 16 2.46 -6.77 35.08
C GLY A 16 1.89 -5.37 34.96
N HIS A 17 2.69 -4.44 34.49
CA HIS A 17 2.23 -3.07 34.33
C HIS A 17 1.10 -2.97 33.33
N VAL A 18 1.17 -3.75 32.26
CA VAL A 18 0.13 -3.75 31.23
C VAL A 18 -1.18 -4.30 31.80
N HIS A 19 -1.14 -5.46 32.43
CA HIS A 19 -2.35 -6.03 33.00
C HIS A 19 -2.97 -5.10 34.04
N ALA A 20 -2.14 -4.58 34.95
CA ALA A 20 -2.62 -3.69 35.99
C ALA A 20 -3.36 -2.51 35.36
N ALA A 21 -2.71 -1.87 34.39
CA ALA A 21 -3.33 -0.73 33.72
C ALA A 21 -4.61 -1.14 32.99
N ASN A 22 -4.64 -2.35 32.43
CA ASN A 22 -5.84 -2.80 31.73
C ASN A 22 -6.97 -3.14 32.69
N ILE A 23 -6.63 -3.72 33.85
CA ILE A 23 -7.64 -4.06 34.84
C ILE A 23 -8.30 -2.78 35.34
N ALA A 24 -7.50 -1.76 35.61
CA ALA A 24 -8.05 -0.48 36.07
C ALA A 24 -9.04 0.02 35.04
N ALA A 25 -8.60 0.05 33.79
CA ALA A 25 -9.43 0.52 32.68
C ALA A 25 -10.70 -0.30 32.46
N ASN A 26 -10.62 -1.60 32.64
CA ASN A 26 -11.79 -2.46 32.44
C ASN A 26 -12.80 -2.17 33.54
N PRO A 27 -14.05 -1.85 33.17
CA PRO A 27 -15.11 -1.53 34.14
C PRO A 27 -15.68 -2.69 34.95
N ASP A 28 -15.48 -3.92 34.47
CA ASP A 28 -15.99 -5.10 35.18
C ASP A 28 -14.94 -5.66 36.13
N LEU A 29 -13.77 -5.05 36.17
CA LEU A 29 -12.69 -5.53 37.03
C LEU A 29 -12.11 -4.51 37.97
N GLU A 30 -11.46 -5.01 39.00
CA GLU A 30 -10.85 -4.17 40.01
C GLU A 30 -9.63 -4.91 40.54
N LEU A 31 -8.47 -4.25 40.52
CA LEU A 31 -7.23 -4.84 41.01
C LEU A 31 -7.14 -4.56 42.50
N VAL A 32 -7.15 -5.61 43.32
CA VAL A 32 -7.09 -5.42 44.77
C VAL A 32 -5.78 -5.80 45.42
N VAL A 33 -4.91 -6.48 44.71
CA VAL A 33 -3.62 -6.84 45.29
C VAL A 33 -2.60 -7.23 44.25
N ILE A 34 -1.38 -6.75 44.45
CA ILE A 34 -0.25 -7.01 43.56
C ILE A 34 0.86 -7.66 44.39
N ALA A 35 1.37 -8.79 43.91
CA ALA A 35 2.44 -9.50 44.60
C ALA A 35 3.71 -9.58 43.76
N ASP A 36 4.85 -9.35 44.39
CA ASP A 36 6.14 -9.40 43.74
C ASP A 36 7.22 -9.36 44.81
N PRO A 37 8.09 -10.37 44.85
CA PRO A 37 9.15 -10.38 45.87
C PRO A 37 9.82 -9.02 45.98
N PHE A 38 9.98 -8.34 44.85
CA PHE A 38 10.57 -7.01 44.83
C PHE A 38 9.44 -6.10 45.31
N ILE A 39 9.34 -5.96 46.62
CA ILE A 39 8.27 -5.17 47.24
C ILE A 39 8.11 -3.73 46.76
N GLU A 40 9.20 -2.97 46.68
CA GLU A 40 9.09 -1.58 46.24
C GLU A 40 8.42 -1.50 44.88
N GLY A 41 8.78 -2.42 43.99
CA GLY A 41 8.20 -2.43 42.67
C GLY A 41 6.69 -2.62 42.73
N ALA A 42 6.26 -3.56 43.57
CA ALA A 42 4.85 -3.86 43.75
C ALA A 42 4.10 -2.68 44.38
N GLN A 43 4.69 -2.08 45.41
CA GLN A 43 4.07 -0.95 46.09
C GLN A 43 3.88 0.20 45.12
N ARG A 44 4.88 0.43 44.29
CA ARG A 44 4.86 1.50 43.31
C ARG A 44 3.68 1.35 42.35
N LEU A 45 3.51 0.14 41.82
CA LEU A 45 2.43 -0.13 40.88
C LEU A 45 1.07 -0.15 41.58
N ALA A 46 1.04 -0.71 42.80
CA ALA A 46 -0.20 -0.80 43.58
C ALA A 46 -0.83 0.56 43.87
N GLU A 47 -0.04 1.50 44.38
CA GLU A 47 -0.55 2.82 44.71
C GLU A 47 -1.04 3.56 43.48
N ALA A 48 -0.49 3.20 42.32
CA ALA A 48 -0.86 3.84 41.07
C ALA A 48 -2.17 3.28 40.55
N ASN A 49 -2.73 2.32 41.28
CA ASN A 49 -3.99 1.70 40.88
C ASN A 49 -4.89 1.44 42.08
N GLY A 50 -4.62 2.14 43.18
CA GLY A 50 -5.42 1.96 44.38
C GLY A 50 -5.55 0.51 44.82
N ALA A 51 -4.43 -0.11 45.18
CA ALA A 51 -4.44 -1.50 45.61
C ALA A 51 -3.33 -1.76 46.61
N GLU A 52 -3.42 -2.92 47.28
CA GLU A 52 -2.41 -3.30 48.26
C GLU A 52 -1.22 -3.94 47.55
N ALA A 53 -0.10 -4.03 48.25
CA ALA A 53 1.10 -4.63 47.70
C ALA A 53 1.71 -5.57 48.72
N VAL A 54 1.94 -6.81 48.31
CA VAL A 54 2.55 -7.80 49.18
C VAL A 54 3.70 -8.44 48.43
N ALA A 55 4.58 -9.14 49.14
CA ALA A 55 5.72 -9.76 48.49
C ALA A 55 5.58 -11.25 48.27
N SER A 56 4.65 -11.88 48.99
CA SER A 56 4.46 -13.32 48.88
C SER A 56 3.07 -13.79 48.42
N PRO A 57 3.02 -14.94 47.74
CA PRO A 57 1.72 -15.45 47.29
C PRO A 57 0.85 -15.85 48.50
N ASP A 58 1.50 -16.24 49.59
CA ASP A 58 0.79 -16.59 50.81
C ASP A 58 -0.10 -15.43 51.25
N GLU A 59 0.44 -14.22 51.15
CA GLU A 59 -0.29 -13.02 51.53
C GLU A 59 -1.46 -12.76 50.58
N VAL A 60 -1.34 -13.23 49.35
CA VAL A 60 -2.42 -13.07 48.37
C VAL A 60 -3.55 -14.03 48.73
N PHE A 61 -3.21 -15.31 48.80
CA PHE A 61 -4.17 -16.35 49.10
C PHE A 61 -4.71 -16.31 50.53
N ALA A 62 -4.25 -15.34 51.30
CA ALA A 62 -4.73 -15.18 52.65
C ALA A 62 -6.09 -14.49 52.54
N ARG A 63 -6.32 -13.82 51.41
CA ARG A 63 -7.59 -13.11 51.18
C ARG A 63 -8.67 -14.12 50.83
N ASP A 64 -9.93 -13.69 50.93
CA ASP A 64 -11.05 -14.57 50.62
C ASP A 64 -12.00 -13.93 49.62
N ASP A 65 -11.54 -12.86 48.97
CA ASP A 65 -12.34 -12.12 48.00
C ASP A 65 -11.81 -12.18 46.56
N ILE A 66 -10.77 -12.97 46.31
CA ILE A 66 -10.19 -13.05 44.97
C ILE A 66 -11.06 -13.81 43.97
N ASP A 67 -11.57 -13.08 42.98
CA ASP A 67 -12.42 -13.67 41.94
C ASP A 67 -11.58 -14.24 40.80
N GLY A 68 -10.40 -13.67 40.61
CA GLY A 68 -9.53 -14.13 39.53
C GLY A 68 -8.09 -13.69 39.68
N ILE A 69 -7.21 -14.49 39.12
CA ILE A 69 -5.77 -14.20 39.20
C ILE A 69 -5.11 -14.08 37.83
N VAL A 70 -4.16 -13.16 37.73
CA VAL A 70 -3.38 -12.95 36.51
C VAL A 70 -1.93 -13.24 36.85
N ILE A 71 -1.31 -14.18 36.14
CA ILE A 71 0.06 -14.55 36.42
C ILE A 71 1.06 -13.96 35.43
N GLY A 72 1.68 -12.84 35.82
CA GLY A 72 2.64 -12.18 34.98
C GLY A 72 4.05 -12.22 35.56
N SER A 73 4.29 -13.20 36.43
CA SER A 73 5.58 -13.36 37.07
C SER A 73 6.40 -14.36 36.24
N PRO A 74 7.67 -14.59 36.62
CA PRO A 74 8.54 -15.52 35.88
C PRO A 74 7.99 -16.92 35.66
N THR A 75 8.39 -17.51 34.55
CA THR A 75 7.95 -18.85 34.18
C THR A 75 8.11 -19.86 35.31
N SER A 76 9.22 -19.79 36.05
CA SER A 76 9.47 -20.72 37.13
C SER A 76 8.41 -20.70 38.23
N THR A 77 7.54 -19.71 38.21
CA THR A 77 6.48 -19.62 39.21
C THR A 77 5.10 -19.97 38.66
N HIS A 78 5.02 -20.34 37.39
CA HIS A 78 3.73 -20.64 36.78
C HIS A 78 3.00 -21.89 37.26
N VAL A 79 3.70 -23.01 37.40
CA VAL A 79 3.04 -24.22 37.86
C VAL A 79 2.55 -24.06 39.29
N ASP A 80 3.35 -23.39 40.11
CA ASP A 80 3.01 -23.17 41.50
C ASP A 80 1.75 -22.32 41.65
N LEU A 81 1.75 -21.14 41.04
CA LEU A 81 0.61 -20.24 41.12
C LEU A 81 -0.66 -20.83 40.50
N ILE A 82 -0.52 -21.52 39.37
CA ILE A 82 -1.67 -22.13 38.74
C ILE A 82 -2.32 -23.11 39.70
N THR A 83 -1.51 -23.99 40.29
CA THR A 83 -1.97 -25.00 41.22
C THR A 83 -2.68 -24.40 42.43
N ARG A 84 -2.02 -23.47 43.12
CA ARG A 84 -2.61 -22.85 44.30
C ARG A 84 -3.97 -22.20 44.00
N ALA A 85 -4.02 -21.45 42.91
CA ALA A 85 -5.25 -20.76 42.54
C ALA A 85 -6.36 -21.76 42.23
N VAL A 86 -6.06 -22.72 41.37
CA VAL A 86 -7.04 -23.73 40.99
C VAL A 86 -7.52 -24.55 42.20
N GLU A 87 -6.60 -24.90 43.10
CA GLU A 87 -6.97 -25.68 44.28
C GLU A 87 -7.96 -24.92 45.16
N ARG A 88 -8.00 -23.60 45.01
CA ARG A 88 -8.94 -22.79 45.76
C ARG A 88 -10.11 -22.38 44.90
N GLY A 89 -10.24 -23.03 43.74
CA GLY A 89 -11.33 -22.71 42.82
C GLY A 89 -11.26 -21.31 42.24
N ILE A 90 -10.07 -20.72 42.26
CA ILE A 90 -9.90 -19.39 41.71
C ILE A 90 -9.36 -19.47 40.29
N PRO A 91 -10.10 -18.93 39.32
CA PRO A 91 -9.68 -18.96 37.92
C PRO A 91 -8.33 -18.23 37.77
N ALA A 92 -7.53 -18.64 36.80
CA ALA A 92 -6.24 -18.02 36.60
C ALA A 92 -5.86 -17.84 35.14
N LEU A 93 -5.50 -16.61 34.78
CA LEU A 93 -5.06 -16.27 33.44
C LEU A 93 -3.53 -16.26 33.57
N CYS A 94 -2.88 -17.20 32.91
CA CYS A 94 -1.44 -17.32 33.01
C CYS A 94 -0.65 -17.05 31.73
N GLU A 95 0.39 -16.23 31.83
CA GLU A 95 1.24 -15.95 30.69
C GLU A 95 1.90 -17.25 30.31
N LYS A 96 2.12 -17.46 29.02
CA LYS A 96 2.76 -18.68 28.56
C LYS A 96 4.20 -18.74 29.08
N PRO A 97 4.74 -19.94 29.33
CA PRO A 97 4.13 -21.26 29.13
C PRO A 97 3.69 -21.77 30.51
N ILE A 98 3.10 -22.96 30.57
CA ILE A 98 2.70 -23.51 31.85
C ILE A 98 4.00 -23.76 32.58
N ASP A 99 4.98 -24.24 31.83
CA ASP A 99 6.33 -24.54 32.32
C ASP A 99 7.14 -24.90 31.08
N LEU A 100 8.47 -24.85 31.20
CA LEU A 100 9.33 -25.20 30.07
C LEU A 100 9.54 -26.70 29.98
N ASP A 101 9.33 -27.36 31.12
CA ASP A 101 9.51 -28.81 31.22
C ASP A 101 8.19 -29.54 31.04
N ILE A 102 8.04 -30.22 29.92
CA ILE A 102 6.80 -30.94 29.64
C ILE A 102 6.41 -31.89 30.79
N GLU A 103 7.40 -32.44 31.51
CA GLU A 103 7.11 -33.34 32.61
C GLU A 103 6.41 -32.61 33.76
N VAL A 105 4.72 -29.98 33.45
CA VAL A 105 3.41 -29.61 32.93
C VAL A 105 2.47 -30.79 33.14
N ARG A 106 2.99 -31.98 32.89
CA ARG A 106 2.19 -33.20 33.07
C ARG A 106 1.86 -33.41 34.53
N ALA A 107 2.85 -33.24 35.41
CA ALA A 107 2.65 -33.42 36.83
C ALA A 107 1.56 -32.47 37.31
N CYS A 108 1.68 -31.21 36.93
CA CYS A 108 0.69 -30.21 37.31
C CYS A 108 -0.70 -30.62 36.86
N LYS A 109 -0.82 -31.07 35.62
CA LYS A 109 -2.12 -31.48 35.10
C LYS A 109 -2.77 -32.59 35.94
N GLU A 110 -1.95 -33.49 36.46
CA GLU A 110 -2.45 -34.58 37.29
C GLU A 110 -2.93 -34.10 38.66
N LYS A 111 -2.13 -33.28 39.32
CA LYS A 111 -2.50 -32.78 40.63
C LYS A 111 -3.80 -31.99 40.62
N ILE A 112 -3.95 -31.09 39.65
CA ILE A 112 -5.15 -30.27 39.58
C ILE A 112 -6.35 -30.97 38.96
N GLY A 113 -6.10 -31.97 38.13
CA GLY A 113 -7.19 -32.70 37.49
C GLY A 113 -8.21 -31.82 36.80
N ASP A 114 -9.47 -31.91 37.24
CA ASP A 114 -10.56 -31.13 36.66
C ASP A 114 -10.42 -29.62 36.90
N GLY A 115 -9.53 -29.26 37.82
CA GLY A 115 -9.32 -27.85 38.10
C GLY A 115 -8.68 -27.12 36.92
N ALA A 116 -8.12 -27.89 35.98
CA ALA A 116 -7.48 -27.32 34.80
C ALA A 116 -8.43 -26.44 33.99
N SER A 117 -9.72 -26.71 34.09
CA SER A 117 -10.72 -25.95 33.35
C SER A 117 -10.82 -24.49 33.81
N LYS A 118 -10.17 -24.16 34.92
CA LYS A 118 -10.19 -22.79 35.43
C LYS A 118 -8.94 -22.02 34.99
N VAL A 119 -8.17 -22.64 34.10
CA VAL A 119 -6.97 -21.99 33.61
C VAL A 119 -7.13 -21.45 32.19
N LEU A 121 -4.92 -19.69 29.16
CA LEU A 121 -3.53 -19.43 28.76
C LEU A 121 -3.46 -18.12 28.02
N GLY A 122 -2.46 -17.31 28.37
CA GLY A 122 -2.34 -15.99 27.78
C GLY A 122 -1.72 -15.86 26.40
N PHE A 123 -2.22 -16.60 25.42
CA PHE A 123 -1.70 -16.47 24.05
C PHE A 123 -2.45 -15.29 23.47
N ASN A 124 -1.99 -14.11 23.85
CA ASN A 124 -2.59 -12.85 23.47
C ASN A 124 -2.77 -12.58 21.99
N ARG A 125 -1.94 -13.19 21.16
CA ARG A 125 -2.05 -12.93 19.72
C ARG A 125 -3.39 -13.36 19.14
N ARG A 126 -4.05 -14.35 19.74
CA ARG A 126 -5.35 -14.76 19.23
C ARG A 126 -6.35 -13.63 19.36
N PHE A 127 -6.07 -12.72 20.31
CA PHE A 127 -6.97 -11.60 20.58
C PHE A 127 -6.66 -10.34 19.81
N ASP A 128 -5.68 -10.43 18.91
CA ASP A 128 -5.34 -9.29 18.07
C ASP A 128 -6.50 -9.10 17.08
N PRO A 129 -7.03 -7.87 16.96
CA PRO A 129 -8.14 -7.66 16.03
C PRO A 129 -7.89 -8.22 14.62
N SER A 130 -6.73 -7.88 14.04
CA SER A 130 -6.39 -8.34 12.69
C SER A 130 -6.32 -9.86 12.63
N PHE A 131 -5.47 -10.47 13.46
CA PHE A 131 -5.36 -11.93 13.45
C PHE A 131 -6.70 -12.62 13.79
N ALA A 132 -7.45 -12.07 14.74
CA ALA A 132 -8.72 -12.68 15.13
C ALA A 132 -9.72 -12.58 13.99
N ALA A 133 -9.71 -11.43 13.30
CA ALA A 133 -10.61 -11.24 12.15
C ALA A 133 -10.33 -12.30 11.09
N ILE A 134 -9.05 -12.47 10.75
CA ILE A 134 -8.64 -13.46 9.76
C ILE A 134 -9.12 -14.86 10.15
N ASN A 135 -8.99 -15.21 11.42
CA ASN A 135 -9.40 -16.52 11.88
C ASN A 135 -10.91 -16.74 11.71
N ALA A 136 -11.69 -15.75 12.13
CA ALA A 136 -13.15 -15.80 12.03
C ALA A 136 -13.64 -15.77 10.58
N ARG A 137 -12.98 -14.99 9.75
CA ARG A 137 -13.40 -14.90 8.36
C ARG A 137 -13.04 -16.19 7.63
N VAL A 138 -11.91 -16.80 8.00
CA VAL A 138 -11.52 -18.06 7.38
C VAL A 138 -12.56 -19.11 7.78
N ALA A 139 -12.91 -19.13 9.07
CA ALA A 139 -13.90 -20.08 9.60
C ALA A 139 -15.24 -19.89 8.94
N ASN A 140 -15.53 -18.67 8.51
CA ASN A 140 -16.79 -18.36 7.85
C ASN A 140 -16.73 -18.69 6.34
N GLN A 141 -15.71 -19.43 5.93
CA GLN A 141 -15.55 -19.83 4.53
C GLN A 141 -15.26 -18.72 3.53
N GLU A 142 -14.93 -17.52 4.00
CA GLU A 142 -14.67 -16.42 3.08
C GLU A 142 -13.63 -16.73 2.00
N ILE A 143 -12.65 -17.58 2.31
CA ILE A 143 -11.65 -17.91 1.30
C ILE A 143 -11.60 -19.41 0.99
N GLY A 144 -12.68 -20.11 1.30
CA GLY A 144 -12.74 -21.55 1.05
C GLY A 144 -11.99 -22.37 2.07
N ASN A 145 -11.54 -23.55 1.66
CA ASN A 145 -10.80 -24.43 2.57
C ASN A 145 -9.39 -23.87 2.76
N LEU A 146 -8.97 -23.77 4.01
CA LEU A 146 -7.64 -23.30 4.35
C LEU A 146 -6.61 -24.33 3.88
N GLU A 147 -5.63 -23.89 3.11
CA GLU A 147 -4.62 -24.79 2.58
C GLU A 147 -3.21 -24.50 3.07
N GLN A 148 -2.90 -23.22 3.26
CA GLN A 148 -1.58 -22.81 3.73
C GLN A 148 -1.71 -21.67 4.72
N LEU A 149 -0.81 -21.64 5.69
CA LEU A 149 -0.79 -20.59 6.70
C LEU A 149 0.68 -20.20 6.84
N VAL A 150 1.01 -18.97 6.47
CA VAL A 150 2.38 -18.51 6.51
C VAL A 150 2.53 -17.44 7.58
N ILE A 151 3.41 -17.71 8.54
CA ILE A 151 3.62 -16.81 9.65
C ILE A 151 5.06 -16.34 9.69
N ILE A 152 5.24 -15.02 9.81
CA ILE A 152 6.58 -14.46 9.86
C ILE A 152 6.69 -13.57 11.08
N SER A 153 7.45 -14.05 12.05
CA SER A 153 7.69 -13.34 13.29
C SER A 153 9.19 -13.11 13.47
N ARG A 154 9.56 -11.85 13.65
CA ARG A 154 10.96 -11.53 13.88
C ARG A 154 11.05 -10.52 15.01
N ASP A 155 11.77 -10.90 16.07
CA ASP A 155 11.94 -9.99 17.19
C ASP A 155 12.92 -8.91 16.78
N PRO A 156 12.76 -7.70 17.35
CA PRO A 156 13.64 -6.57 17.06
C PRO A 156 15.08 -6.92 17.38
N ALA A 157 15.30 -7.57 18.52
CA ALA A 157 16.65 -7.97 18.94
C ALA A 157 16.63 -9.08 19.99
N PRO A 158 17.77 -9.73 20.23
CA PRO A 158 17.79 -10.79 21.23
C PRO A 158 17.52 -10.23 22.62
N ALA A 159 16.90 -11.01 23.49
CA ALA A 159 16.62 -10.56 24.85
C ALA A 159 17.97 -10.51 25.59
N PRO A 160 17.96 -10.05 26.86
CA PRO A 160 19.24 -9.98 27.59
C PRO A 160 19.77 -11.38 27.87
N LYS A 161 21.08 -11.50 28.00
CA LYS A 161 21.71 -12.80 28.25
C LYS A 161 21.01 -13.65 29.32
N ASP A 162 20.83 -13.10 30.52
CA ASP A 162 20.19 -13.86 31.61
C ASP A 162 18.83 -14.43 31.21
N TYR A 163 18.11 -13.73 30.34
CA TYR A 163 16.80 -14.21 29.90
C TYR A 163 17.01 -15.36 28.92
N ILE A 164 17.92 -15.18 27.98
CA ILE A 164 18.22 -16.22 27.01
C ILE A 164 18.62 -17.50 27.72
N ALA A 165 19.48 -17.37 28.73
CA ALA A 165 19.97 -18.51 29.50
C ALA A 165 18.87 -19.46 29.98
N GLY A 166 17.79 -18.90 30.51
CA GLY A 166 16.72 -19.75 30.99
C GLY A 166 15.45 -19.77 30.15
N SER A 167 15.53 -19.32 28.91
CA SER A 167 14.37 -19.26 28.01
C SER A 167 13.94 -20.63 27.46
N GLY A 168 14.83 -21.60 27.48
CA GLY A 168 14.49 -22.92 26.96
C GLY A 168 14.62 -23.01 25.44
N GLY A 169 15.28 -22.02 24.84
CA GLY A 169 15.49 -22.03 23.40
C GLY A 169 14.43 -21.28 22.61
N ILE A 170 14.77 -20.92 21.37
CA ILE A 170 13.89 -20.18 20.50
C ILE A 170 12.49 -20.81 20.31
N PHE A 171 12.43 -22.13 20.16
CA PHE A 171 11.15 -22.83 19.97
C PHE A 171 10.21 -22.74 21.17
N ARG A 172 10.72 -22.99 22.37
CA ARG A 172 9.88 -22.91 23.58
C ARG A 172 9.58 -21.47 24.00
N ASP A 173 10.47 -20.55 23.69
CA ASP A 173 10.32 -19.14 24.07
C ASP A 173 9.69 -18.21 23.03
N THR A 175 8.92 -19.29 19.02
CA THR A 175 8.03 -20.01 18.11
C THR A 175 6.76 -20.50 18.78
N ILE A 176 6.82 -20.79 20.08
CA ILE A 176 5.64 -21.28 20.78
C ILE A 176 4.41 -20.41 20.50
N HIS A 177 4.57 -19.09 20.43
CA HIS A 177 3.43 -18.24 20.13
C HIS A 177 2.89 -18.53 18.72
N ASP A 178 3.80 -18.74 17.77
CA ASP A 178 3.39 -19.03 16.40
C ASP A 178 2.79 -20.42 16.29
N LEU A 179 3.26 -21.35 17.11
CA LEU A 179 2.74 -22.70 17.11
C LEU A 179 1.30 -22.70 17.60
N ASP A 180 1.01 -21.84 18.57
CA ASP A 180 -0.35 -21.76 19.09
C ASP A 180 -1.25 -21.09 18.06
N ALA A 182 -0.93 -21.22 15.02
CA ALA A 182 -1.15 -22.25 14.02
C ALA A 182 -2.33 -23.13 14.43
N ARG A 183 -2.37 -23.60 15.68
CA ARG A 183 -3.47 -24.44 16.15
C ARG A 183 -4.78 -23.68 16.20
N PHE A 184 -4.71 -22.36 16.34
CA PHE A 184 -5.90 -21.53 16.38
C PHE A 184 -6.62 -21.72 15.05
N PHE A 185 -5.83 -21.91 13.99
CA PHE A 185 -6.35 -22.10 12.65
C PHE A 185 -6.57 -23.57 12.30
N VAL A 186 -5.61 -24.41 12.66
CA VAL A 186 -5.66 -25.84 12.38
C VAL A 186 -5.30 -26.58 13.66
N PRO A 187 -6.32 -26.88 14.50
CA PRO A 187 -6.19 -27.57 15.78
C PRO A 187 -5.43 -28.89 15.73
N ASN A 188 -5.68 -29.66 14.68
CA ASN A 188 -5.08 -30.97 14.52
C ASN A 188 -3.81 -31.04 13.67
N ILE A 189 -2.67 -31.00 14.35
CA ILE A 189 -1.38 -31.07 13.68
C ILE A 189 -0.87 -32.51 13.83
N VAL A 190 -0.39 -33.10 12.74
CA VAL A 190 0.09 -34.47 12.81
C VAL A 190 1.60 -34.61 12.68
N GLU A 191 2.24 -33.75 11.88
CA GLU A 191 3.69 -33.81 11.70
C GLU A 191 4.38 -32.48 11.93
N VAL A 192 5.64 -32.54 12.34
CA VAL A 192 6.42 -31.34 12.60
C VAL A 192 7.81 -31.40 11.99
N THR A 193 8.15 -30.36 11.24
CA THR A 193 9.47 -30.27 10.61
C THR A 193 10.06 -28.91 10.97
N ALA A 194 11.32 -28.89 11.40
CA ALA A 194 11.95 -27.64 11.77
C ALA A 194 13.41 -27.59 11.39
N THR A 195 13.87 -26.40 11.03
CA THR A 195 15.26 -26.17 10.63
C THR A 195 15.79 -24.96 11.39
N GLY A 196 16.93 -25.13 12.06
CA GLY A 196 17.50 -24.02 12.81
C GLY A 196 18.86 -23.64 12.26
N ALA A 197 19.22 -22.38 12.43
CA ALA A 197 20.51 -21.89 11.95
C ALA A 197 21.09 -20.83 12.91
N ASN A 198 22.32 -20.41 12.65
CA ASN A 198 23.02 -19.42 13.47
C ASN A 198 23.75 -18.46 12.54
N VAL A 199 23.12 -17.32 12.24
CA VAL A 199 23.69 -16.35 11.31
C VAL A 199 24.22 -15.00 11.82
N PHE A 200 23.94 -14.62 13.06
CA PHE A 200 24.44 -13.32 13.52
C PHE A 200 24.82 -13.19 14.98
N SER A 201 24.10 -13.91 15.85
CA SER A 201 24.34 -13.81 17.29
C SER A 201 25.37 -14.76 17.93
N GLN A 202 26.44 -14.19 18.48
CA GLN A 202 27.47 -14.99 19.16
C GLN A 202 26.86 -15.45 20.49
N GLU A 203 26.07 -14.57 21.08
CA GLU A 203 25.40 -14.83 22.34
C GLU A 203 24.43 -16.01 22.28
N ILE A 204 23.56 -16.02 21.27
CA ILE A 204 22.60 -17.11 21.12
C ILE A 204 23.34 -18.43 20.81
N ALA A 205 24.39 -18.34 20.01
CA ALA A 205 25.19 -19.50 19.67
C ALA A 205 25.89 -20.03 20.94
N GLU A 206 26.23 -19.11 21.84
CA GLU A 206 26.89 -19.47 23.10
C GLU A 206 26.01 -20.39 23.95
N PHE A 207 24.70 -20.23 23.85
CA PHE A 207 23.76 -21.04 24.62
C PHE A 207 23.20 -22.23 23.85
N ASN A 208 23.85 -22.59 22.74
CA ASN A 208 23.37 -23.72 21.95
C ASN A 208 21.89 -23.55 21.61
N ASP A 209 21.59 -22.42 20.99
CA ASP A 209 20.25 -22.08 20.58
C ASP A 209 20.39 -21.52 19.15
N TYR A 210 19.26 -21.27 18.47
CA TYR A 210 19.33 -20.75 17.11
C TYR A 210 18.85 -19.31 17.09
N ASP A 211 19.43 -18.50 16.21
CA ASP A 211 18.97 -17.12 16.12
C ASP A 211 17.95 -16.97 14.99
N GLN A 212 17.66 -18.07 14.30
CA GLN A 212 16.64 -18.07 13.25
C GLN A 212 16.21 -19.50 12.91
N VAL A 213 14.90 -19.68 12.72
CA VAL A 213 14.38 -21.00 12.37
C VAL A 213 13.22 -20.94 11.37
N ILE A 214 12.97 -22.06 10.71
CA ILE A 214 11.84 -22.19 9.79
C ILE A 214 11.13 -23.46 10.22
N VAL A 215 9.82 -23.39 10.36
CA VAL A 215 9.04 -24.55 10.75
C VAL A 215 7.93 -24.83 9.74
N THR A 216 7.69 -26.11 9.46
CA THR A 216 6.62 -26.50 8.56
C THR A 216 5.81 -27.62 9.23
N LEU A 217 4.55 -27.33 9.52
CA LEU A 217 3.67 -28.31 10.17
C LEU A 217 2.65 -28.88 9.18
N ARG A 218 2.32 -30.15 9.33
CA ARG A 218 1.33 -30.77 8.46
C ARG A 218 0.04 -30.95 9.27
N GLY A 219 -1.06 -30.43 8.73
CA GLY A 219 -2.35 -30.55 9.39
C GLY A 219 -3.03 -31.85 8.97
N SER A 220 -3.98 -32.31 9.78
CA SER A 220 -4.68 -33.57 9.51
C SER A 220 -5.34 -33.68 8.13
N LYS A 221 -5.61 -32.55 7.48
CA LYS A 221 -6.23 -32.59 6.16
C LYS A 221 -5.30 -32.13 5.04
N GLY A 222 -4.00 -32.16 5.28
CA GLY A 222 -3.05 -31.73 4.25
C GLY A 222 -2.70 -30.25 4.31
N GLU A 223 -3.18 -29.54 5.31
CA GLU A 223 -2.85 -28.12 5.43
C GLU A 223 -1.35 -28.03 5.75
N LEU A 224 -0.72 -26.98 5.24
CA LEU A 224 0.70 -26.76 5.49
C LEU A 224 0.85 -25.42 6.21
N ILE A 225 1.38 -25.47 7.42
CA ILE A 225 1.59 -24.27 8.20
C ILE A 225 3.10 -24.01 8.17
N ASN A 226 3.49 -22.84 7.67
CA ASN A 226 4.90 -22.49 7.55
C ASN A 226 5.24 -21.27 8.42
N ILE A 227 6.13 -21.48 9.38
CA ILE A 227 6.53 -20.43 10.30
C ILE A 227 7.98 -20.01 10.13
N VAL A 228 8.19 -18.70 10.01
CA VAL A 228 9.52 -18.11 9.86
C VAL A 228 9.84 -17.20 11.06
N ASN A 229 10.94 -17.49 11.74
CA ASN A 229 11.35 -16.71 12.91
C ASN A 229 12.79 -16.18 12.76
N SER A 230 13.05 -15.04 13.39
CA SER A 230 14.39 -14.48 13.43
C SER A 230 14.48 -13.72 14.73
N ARG A 231 15.66 -13.72 15.33
CA ARG A 231 15.86 -13.06 16.60
C ARG A 231 16.23 -11.56 16.52
N HIS A 232 16.28 -11.00 15.32
CA HIS A 232 16.50 -9.56 15.17
C HIS A 232 15.76 -9.05 13.95
N CYS A 233 15.51 -7.74 13.91
CA CYS A 233 14.76 -7.14 12.81
C CYS A 233 14.97 -5.63 12.87
N SER A 234 15.64 -5.09 11.87
CA SER A 234 15.98 -3.67 11.84
C SER A 234 14.82 -2.68 11.81
N TYR A 235 13.68 -3.08 11.23
CA TYR A 235 12.56 -2.16 11.12
C TYR A 235 11.46 -2.28 12.19
N GLY A 236 11.68 -3.12 13.20
CA GLY A 236 10.68 -3.28 14.24
C GLY A 236 10.31 -4.70 14.57
N TYR A 237 9.13 -4.88 15.14
CA TYR A 237 8.60 -6.17 15.56
C TYR A 237 7.71 -6.76 14.45
N ASP A 238 8.33 -7.53 13.56
CA ASP A 238 7.66 -8.12 12.40
C ASP A 238 6.67 -9.22 12.79
N GLN A 239 5.38 -8.97 12.58
CA GLN A 239 4.35 -9.94 12.95
C GLN A 239 3.34 -10.07 11.83
N ARG A 240 3.70 -10.79 10.77
CA ARG A 240 2.81 -10.96 9.65
C ARG A 240 2.21 -12.36 9.62
N LEU A 241 1.03 -12.46 9.03
CA LEU A 241 0.34 -13.72 8.92
C LEU A 241 -0.44 -13.74 7.63
N GLU A 242 -0.38 -14.87 6.93
CA GLU A 242 -1.07 -15.03 5.68
C GLU A 242 -1.80 -16.37 5.66
N ALA A 243 -3.09 -16.34 5.35
CA ALA A 243 -3.90 -17.54 5.24
C ALA A 243 -4.32 -17.68 3.77
N PHE A 244 -3.92 -18.77 3.14
CA PHE A 244 -4.26 -18.99 1.74
C PHE A 244 -5.23 -20.17 1.62
N GLY A 245 -6.34 -19.94 0.91
CA GLY A 245 -7.31 -20.99 0.74
C GLY A 245 -7.71 -21.23 -0.70
N SER A 246 -8.61 -22.18 -0.92
CA SER A 246 -9.07 -22.52 -2.25
C SER A 246 -9.77 -21.37 -2.99
N LYS A 247 -10.28 -20.39 -2.26
CA LYS A 247 -10.97 -19.26 -2.90
C LYS A 247 -10.38 -17.89 -2.64
N GLY A 248 -9.17 -17.84 -2.10
CA GLY A 248 -8.58 -16.54 -1.82
C GLY A 248 -7.56 -16.55 -0.71
N LEU A 250 -6.10 -14.19 2.83
CA LEU A 250 -6.32 -13.14 3.82
C LEU A 250 -4.97 -12.97 4.48
N ALA A 251 -4.45 -11.75 4.48
CA ALA A 251 -3.17 -11.51 5.10
C ALA A 251 -3.26 -10.25 5.96
N ALA A 252 -2.44 -10.21 7.01
CA ALA A 252 -2.40 -9.09 7.92
C ALA A 252 -1.03 -8.41 7.83
N ASP A 253 -1.06 -7.10 7.65
CA ASP A 253 0.16 -6.32 7.55
C ASP A 253 0.61 -5.97 8.94
N ASN A 254 1.77 -5.33 9.03
CA ASN A 254 2.31 -4.87 10.29
C ASN A 254 1.64 -3.55 10.64
N ILE A 255 1.81 -3.10 11.87
CA ILE A 255 1.22 -1.86 12.31
C ILE A 255 2.26 -0.81 12.64
N ARG A 256 1.97 0.43 12.25
CA ARG A 256 2.86 1.57 12.47
C ARG A 256 2.16 2.56 13.39
N PRO A 257 2.93 3.46 14.05
CA PRO A 257 2.32 4.45 14.95
C PRO A 257 1.49 5.54 14.27
N THR A 258 1.76 5.82 12.99
CA THR A 258 1.01 6.83 12.23
C THR A 258 0.82 6.32 10.81
N THR A 259 -0.08 6.96 10.07
CA THR A 259 -0.32 6.58 8.68
C THR A 259 0.50 7.46 7.73
N VAL A 260 1.53 8.11 8.26
CA VAL A 260 2.35 9.01 7.46
C VAL A 260 3.29 8.34 6.45
N ARG A 261 3.34 8.91 5.26
CA ARG A 261 4.20 8.42 4.19
C ARG A 261 4.95 9.59 3.58
N LYS A 262 6.25 9.42 3.37
CA LYS A 262 7.07 10.46 2.78
C LYS A 262 7.52 10.08 1.37
N HIS A 263 7.55 11.07 0.49
CA HIS A 263 7.97 10.85 -0.88
C HIS A 263 8.96 11.92 -1.28
N ASN A 264 10.15 11.52 -1.71
CA ASN A 264 11.16 12.46 -2.14
C ASN A 264 11.99 11.83 -3.25
N ALA A 265 13.14 12.43 -3.55
CA ALA A 265 14.01 11.93 -4.61
C ALA A 265 14.64 10.58 -4.27
N GLU A 266 14.68 10.23 -2.98
CA GLU A 266 15.27 8.97 -2.55
C GLU A 266 14.34 7.78 -2.74
N SER A 267 13.07 7.97 -2.38
CA SER A 267 12.08 6.90 -2.53
C SER A 267 10.70 7.39 -2.15
N THR A 268 9.67 6.65 -2.56
CA THR A 268 8.30 7.01 -2.25
C THR A 268 7.68 6.03 -1.25
N GLU A 269 6.46 6.32 -0.81
CA GLU A 269 5.75 5.48 0.14
C GLU A 269 6.49 5.19 1.44
N GLN A 270 7.43 6.05 1.83
CA GLN A 270 8.18 5.82 3.05
C GLN A 270 7.27 5.91 4.28
N ALA A 271 7.10 4.79 4.98
CA ALA A 271 6.25 4.76 6.16
C ALA A 271 7.12 4.64 7.41
N ASP A 272 6.54 4.84 8.58
CA ASP A 272 7.29 4.72 9.82
C ASP A 272 7.77 3.29 10.03
N PRO A 273 8.83 3.12 10.83
CA PRO A 273 9.30 1.77 11.11
C PRO A 273 8.09 1.22 11.88
N ILE A 274 7.87 -0.08 11.86
CA ILE A 274 6.71 -0.61 12.56
C ILE A 274 6.95 -0.66 14.07
N PHE A 275 5.90 -0.90 14.86
CA PHE A 275 6.06 -0.97 16.30
C PHE A 275 7.23 -1.87 16.70
N ASN A 276 8.01 -1.40 17.65
CA ASN A 276 9.20 -2.11 18.12
C ASN A 276 8.98 -2.97 19.36
N PHE A 277 7.97 -2.62 20.15
CA PHE A 277 7.71 -3.36 21.39
C PHE A 277 6.39 -4.12 21.36
N PHE A 278 6.43 -5.33 21.87
CA PHE A 278 5.23 -6.17 21.88
C PHE A 278 4.08 -5.51 22.61
N LEU A 279 4.35 -4.82 23.71
CA LEU A 279 3.30 -4.17 24.49
C LEU A 279 2.53 -3.17 23.64
N GLU A 280 3.20 -2.53 22.70
CA GLU A 280 2.54 -1.56 21.83
C GLU A 280 1.78 -2.23 20.70
N ARG A 281 2.43 -3.20 20.04
CA ARG A 281 1.79 -3.89 18.93
C ARG A 281 0.53 -4.58 19.39
N TYR A 282 0.57 -5.17 20.59
CA TYR A 282 -0.57 -5.90 21.10
C TYR A 282 -1.39 -5.22 22.18
N ASP A 283 -1.42 -3.89 22.15
CA ASP A 283 -2.19 -3.14 23.13
C ASP A 283 -3.63 -3.63 23.14
N ALA A 284 -4.29 -3.57 21.99
CA ALA A 284 -5.68 -4.02 21.89
C ALA A 284 -5.84 -5.48 22.29
N ALA A 285 -4.90 -6.33 21.87
CA ALA A 285 -4.98 -7.75 22.17
C ALA A 285 -5.01 -8.04 23.68
N TYR A 286 -4.15 -7.37 24.44
CA TYR A 286 -4.12 -7.62 25.87
C TYR A 286 -5.41 -7.21 26.54
N LYS A 287 -6.01 -6.14 26.06
CA LYS A 287 -7.27 -5.66 26.62
C LYS A 287 -8.39 -6.64 26.28
N ALA A 288 -8.38 -7.14 25.05
CA ALA A 288 -9.41 -8.07 24.62
C ALA A 288 -9.25 -9.39 25.36
N GLU A 289 -7.99 -9.77 25.60
CA GLU A 289 -7.72 -11.00 26.31
C GLU A 289 -8.26 -10.89 27.74
N LEU A 290 -8.06 -9.74 28.38
CA LEU A 290 -8.53 -9.54 29.75
C LEU A 290 -10.06 -9.62 29.81
N ALA A 291 -10.72 -8.98 28.86
CA ALA A 291 -12.19 -8.96 28.81
C ALA A 291 -12.73 -10.38 28.70
N THR A 292 -12.07 -11.20 27.87
CA THR A 292 -12.48 -12.58 27.69
C THR A 292 -12.30 -13.37 28.98
N PHE A 293 -11.29 -12.98 29.76
CA PHE A 293 -11.00 -13.64 31.02
C PHE A 293 -12.14 -13.33 31.97
N ALA A 294 -12.53 -12.07 32.01
CA ALA A 294 -13.62 -11.63 32.87
C ALA A 294 -14.92 -12.38 32.54
N GLN A 295 -15.25 -12.50 31.26
CA GLN A 295 -16.47 -13.18 30.86
C GLN A 295 -16.42 -14.66 31.22
N GLY A 296 -15.23 -15.24 31.18
CA GLY A 296 -15.08 -16.65 31.52
C GLY A 296 -15.29 -16.85 33.02
N ILE A 297 -14.90 -15.84 33.80
CA ILE A 297 -15.07 -15.91 35.24
C ILE A 297 -16.56 -15.82 35.56
N ARG A 298 -17.28 -14.98 34.82
CA ARG A 298 -18.71 -14.80 35.02
C ARG A 298 -19.52 -16.00 34.52
N ASP A 299 -19.11 -16.57 33.39
CA ASP A 299 -19.81 -17.71 32.80
C ASP A 299 -19.53 -19.04 33.48
N GLY A 300 -18.28 -19.26 33.87
CA GLY A 300 -17.92 -20.51 34.49
C GLY A 300 -18.00 -21.64 33.47
N GLN A 301 -18.06 -21.27 32.19
CA GLN A 301 -18.14 -22.23 31.09
C GLN A 301 -16.78 -22.62 30.52
N GLY A 302 -15.69 -22.19 31.15
CA GLY A 302 -14.36 -22.54 30.65
C GLY A 302 -13.64 -21.40 29.94
N PHE A 303 -12.39 -21.63 29.57
CA PHE A 303 -11.60 -20.61 28.91
C PHE A 303 -11.01 -21.06 27.58
N SER A 304 -10.60 -20.07 26.80
CA SER A 304 -9.97 -20.31 25.51
C SER A 304 -9.08 -19.11 25.19
N PRO A 305 -7.78 -19.34 25.00
CA PRO A 305 -7.05 -20.62 25.04
C PRO A 305 -7.14 -21.29 26.41
N ASN A 306 -7.17 -22.61 26.42
CA ASN A 306 -7.25 -23.37 27.66
C ASN A 306 -5.92 -24.02 28.06
N PHE A 307 -5.95 -24.73 29.17
CA PHE A 307 -4.78 -25.41 29.70
C PHE A 307 -4.18 -26.31 28.63
N GLU A 308 -5.04 -27.07 27.97
CA GLU A 308 -4.63 -28.01 26.92
C GLU A 308 -3.88 -27.32 25.79
N ASP A 309 -4.29 -26.11 25.42
CA ASP A 309 -3.59 -25.39 24.36
C ASP A 309 -2.17 -25.09 24.80
N GLY A 310 -2.00 -24.92 26.11
CA GLY A 310 -0.68 -24.65 26.66
C GLY A 310 0.20 -25.89 26.62
N VAL A 311 -0.41 -27.05 26.84
CA VAL A 311 0.32 -28.30 26.82
C VAL A 311 0.80 -28.64 25.42
N ILE A 312 -0.14 -28.59 24.47
CA ILE A 312 0.15 -28.92 23.08
C ILE A 312 1.13 -27.93 22.43
N ALA A 313 1.05 -26.67 22.81
CA ALA A 313 1.93 -25.67 22.26
C ALA A 313 3.37 -26.02 22.64
N LEU A 314 3.57 -26.46 23.88
CA LEU A 314 4.90 -26.83 24.34
C LEU A 314 5.34 -28.11 23.65
N GLU A 315 4.41 -29.06 23.52
CA GLU A 315 4.76 -30.32 22.85
C GLU A 315 5.18 -30.07 21.41
N LEU A 316 4.53 -29.14 20.72
CA LEU A 316 4.88 -28.82 19.35
C LEU A 316 6.27 -28.19 19.36
N ALA A 317 6.51 -27.30 20.32
CA ALA A 317 7.82 -26.67 20.40
C ALA A 317 8.89 -27.75 20.64
N ASN A 318 8.58 -28.73 21.49
CA ASN A 318 9.56 -29.79 21.75
C ASN A 318 9.76 -30.61 20.47
N ALA A 319 8.68 -30.83 19.73
CA ALA A 319 8.79 -31.60 18.49
C ALA A 319 9.67 -30.82 17.50
N CYS A 320 9.53 -29.49 17.50
CA CYS A 320 10.32 -28.64 16.62
C CYS A 320 11.81 -28.77 16.92
N LEU A 321 12.18 -28.62 18.19
CA LEU A 321 13.56 -28.73 18.61
C LEU A 321 14.14 -30.07 18.22
N GLU A 322 13.38 -31.14 18.45
CA GLU A 322 13.84 -32.48 18.12
C GLU A 322 14.06 -32.63 16.60
N SER A 323 13.13 -32.09 15.81
CA SER A 323 13.23 -32.17 14.36
C SER A 323 14.48 -31.39 13.91
N ALA A 324 14.65 -30.19 14.45
CA ALA A 324 15.78 -29.35 14.09
C ALA A 324 17.10 -30.02 14.43
N GLN A 325 17.13 -30.73 15.55
CA GLN A 325 18.35 -31.41 15.98
C GLN A 325 18.61 -32.71 15.22
N THR A 326 17.58 -33.27 14.61
CA THR A 326 17.73 -34.57 13.93
C THR A 326 17.69 -34.59 12.42
N GLY A 327 17.21 -33.51 11.81
CA GLY A 327 17.16 -33.47 10.36
C GLY A 327 16.07 -34.35 9.78
N ARG A 328 14.96 -34.48 10.50
CA ARG A 328 13.85 -35.27 9.99
C ARG A 328 12.51 -34.79 10.53
N THR A 329 11.44 -35.18 9.85
CA THR A 329 10.10 -34.80 10.27
C THR A 329 9.74 -35.63 11.48
N VAL A 330 8.95 -35.05 12.39
CA VAL A 330 8.52 -35.73 13.61
C VAL A 330 7.00 -35.97 13.60
N THR A 331 6.60 -37.22 13.78
CA THR A 331 5.19 -37.59 13.82
C THR A 331 4.72 -37.51 15.27
N LEU A 332 3.78 -36.61 15.54
CA LEU A 332 3.26 -36.41 16.89
C LEU A 332 2.58 -37.63 17.51
N ASN A 333 1.76 -38.33 16.74
CA ASN A 333 1.06 -39.50 17.26
C ASN A 333 1.33 -40.75 16.42
N PRO A 334 2.26 -41.61 16.87
CA PRO A 334 2.66 -42.86 16.21
C PRO A 334 1.50 -43.79 15.83
N ALA A 335 1.83 -44.91 15.19
CA ALA A 335 0.84 -45.89 14.76
C ALA A 335 0.80 -47.12 15.68
N LEU B 3 26.18 -5.80 -36.79
CA LEU B 3 25.84 -6.98 -37.65
C LEU B 3 24.77 -7.84 -36.99
N THR B 4 23.56 -7.79 -37.54
CA THR B 4 22.43 -8.55 -37.02
C THR B 4 22.63 -10.07 -37.00
N LEU B 5 22.57 -10.66 -35.81
CA LEU B 5 22.74 -12.10 -35.64
C LEU B 5 21.52 -12.90 -36.11
N ARG B 6 21.77 -14.06 -36.69
CA ARG B 6 20.71 -14.92 -37.20
C ARG B 6 20.34 -16.02 -36.23
N ILE B 7 19.06 -16.10 -35.91
CA ILE B 7 18.56 -17.08 -34.95
C ILE B 7 17.61 -18.12 -35.51
N ALA B 8 17.73 -19.34 -34.98
CA ALA B 8 16.85 -20.44 -35.34
C ALA B 8 16.04 -20.74 -34.08
N LEU B 9 14.72 -20.84 -34.22
CA LEU B 9 13.82 -21.10 -33.11
C LEU B 9 13.14 -22.45 -33.20
N PHE B 10 13.28 -23.26 -32.16
CA PHE B 10 12.63 -24.57 -32.11
C PHE B 10 11.39 -24.42 -31.24
N GLY B 11 10.23 -24.78 -31.81
CA GLY B 11 8.99 -24.69 -31.07
C GLY B 11 8.15 -23.51 -31.53
N ALA B 12 6.93 -23.80 -31.99
CA ALA B 12 6.03 -22.75 -32.46
C ALA B 12 4.85 -22.61 -31.51
N GLY B 13 4.98 -23.17 -30.31
CA GLY B 13 3.92 -23.10 -29.33
C GLY B 13 3.85 -21.77 -28.61
N ARG B 14 3.37 -21.80 -27.36
CA ARG B 14 3.22 -20.61 -26.54
C ARG B 14 4.55 -19.88 -26.31
N ILE B 15 5.51 -20.58 -25.72
CA ILE B 15 6.80 -19.99 -25.43
C ILE B 15 7.51 -19.59 -26.74
N GLY B 16 7.35 -20.41 -27.76
CA GLY B 16 7.96 -20.12 -29.05
C GLY B 16 7.45 -18.79 -29.60
N HIS B 17 6.15 -18.54 -29.43
CA HIS B 17 5.55 -17.31 -29.92
C HIS B 17 6.17 -16.09 -29.27
N VAL B 18 6.51 -16.20 -27.98
CA VAL B 18 7.11 -15.08 -27.25
C VAL B 18 8.52 -14.78 -27.74
N HIS B 19 9.37 -15.79 -27.82
CA HIS B 19 10.73 -15.58 -28.27
C HIS B 19 10.73 -15.00 -29.69
N ALA B 20 9.88 -15.56 -30.54
CA ALA B 20 9.79 -15.09 -31.92
C ALA B 20 9.54 -13.58 -31.96
N ALA B 21 8.45 -13.16 -31.32
CA ALA B 21 8.09 -11.75 -31.29
C ALA B 21 9.23 -10.90 -30.73
N ASN B 22 9.92 -11.42 -29.71
CA ASN B 22 11.01 -10.68 -29.11
C ASN B 22 12.26 -10.66 -30.00
N ILE B 23 12.46 -11.72 -30.77
CA ILE B 23 13.61 -11.75 -31.65
C ILE B 23 13.40 -10.68 -32.71
N ALA B 24 12.19 -10.61 -33.26
CA ALA B 24 11.84 -9.62 -34.26
C ALA B 24 12.09 -8.23 -33.70
N ALA B 25 11.46 -7.95 -32.57
CA ALA B 25 11.59 -6.66 -31.91
C ALA B 25 13.04 -6.26 -31.67
N ASN B 26 13.84 -7.20 -31.19
CA ASN B 26 15.24 -6.91 -30.91
C ASN B 26 15.96 -6.52 -32.20
N PRO B 27 16.62 -5.35 -32.19
CA PRO B 27 17.36 -4.84 -33.35
C PRO B 27 18.63 -5.59 -33.72
N ASP B 28 19.24 -6.28 -32.76
CA ASP B 28 20.46 -7.04 -33.00
C ASP B 28 20.22 -8.47 -33.48
N LEU B 29 18.97 -8.89 -33.56
CA LEU B 29 18.67 -10.26 -33.98
C LEU B 29 17.71 -10.34 -35.15
N GLU B 30 17.70 -11.50 -35.78
CA GLU B 30 16.84 -11.77 -36.93
C GLU B 30 16.47 -13.25 -36.88
N LEU B 31 15.19 -13.55 -36.97
CA LEU B 31 14.71 -14.93 -36.94
C LEU B 31 14.67 -15.43 -38.38
N VAL B 32 15.49 -16.43 -38.71
CA VAL B 32 15.52 -16.92 -40.08
C VAL B 32 14.76 -18.21 -40.29
N VAL B 33 14.56 -18.99 -39.24
CA VAL B 33 13.85 -20.24 -39.38
C VAL B 33 13.24 -20.76 -38.06
N ILE B 34 12.03 -21.29 -38.17
CA ILE B 34 11.30 -21.86 -37.05
C ILE B 34 11.05 -23.32 -37.36
N ALA B 35 11.27 -24.19 -36.39
CA ALA B 35 11.06 -25.62 -36.58
C ALA B 35 10.04 -26.21 -35.61
N ASP B 36 9.12 -26.99 -36.17
CA ASP B 36 8.08 -27.66 -35.37
C ASP B 36 7.43 -28.77 -36.21
N PRO B 37 7.31 -29.98 -35.66
CA PRO B 37 6.70 -31.08 -36.43
C PRO B 37 5.33 -30.64 -36.93
N PHE B 38 4.63 -29.83 -36.13
CA PHE B 38 3.33 -29.32 -36.54
C PHE B 38 3.67 -28.15 -37.45
N ILE B 39 3.95 -28.48 -38.71
CA ILE B 39 4.33 -27.51 -39.71
C ILE B 39 3.42 -26.29 -39.90
N GLU B 40 2.10 -26.50 -39.78
CA GLU B 40 1.17 -25.38 -39.95
C GLU B 40 1.43 -24.24 -38.96
N GLY B 41 1.74 -24.61 -37.72
CA GLY B 41 2.02 -23.60 -36.71
C GLY B 41 3.34 -22.89 -36.97
N ALA B 42 4.35 -23.65 -37.35
CA ALA B 42 5.66 -23.07 -37.64
C ALA B 42 5.51 -22.12 -38.82
N GLN B 43 4.79 -22.55 -39.85
CA GLN B 43 4.56 -21.71 -41.02
C GLN B 43 3.80 -20.46 -40.65
N ARG B 44 2.73 -20.66 -39.88
CA ARG B 44 1.89 -19.56 -39.46
C ARG B 44 2.72 -18.52 -38.69
N LEU B 45 3.58 -18.99 -37.79
CA LEU B 45 4.39 -18.09 -36.99
C LEU B 45 5.52 -17.46 -37.81
N ALA B 46 6.20 -18.28 -38.60
CA ALA B 46 7.29 -17.81 -39.45
C ALA B 46 6.81 -16.70 -40.36
N GLU B 47 5.70 -16.97 -41.03
CA GLU B 47 5.08 -16.04 -41.96
C GLU B 47 4.88 -14.68 -41.31
N ALA B 48 4.55 -14.70 -40.02
CA ALA B 48 4.31 -13.49 -39.25
C ALA B 48 5.62 -12.88 -38.75
N ASN B 49 6.74 -13.38 -39.25
CA ASN B 49 8.05 -12.89 -38.85
C ASN B 49 9.05 -12.90 -40.00
N GLY B 50 8.54 -13.06 -41.22
CA GLY B 50 9.40 -13.07 -42.38
C GLY B 50 10.50 -14.10 -42.34
N ALA B 51 10.24 -15.20 -41.65
CA ALA B 51 11.23 -16.27 -41.55
C ALA B 51 10.73 -17.48 -42.31
N GLU B 52 11.55 -18.52 -42.38
CA GLU B 52 11.16 -19.75 -43.05
C GLU B 52 10.69 -20.74 -42.01
N ALA B 53 9.95 -21.76 -42.45
CA ALA B 53 9.43 -22.78 -41.55
C ALA B 53 9.76 -24.18 -42.04
N VAL B 54 10.28 -25.01 -41.14
CA VAL B 54 10.64 -26.39 -41.46
C VAL B 54 10.12 -27.29 -40.36
N ALA B 55 10.03 -28.57 -40.64
CA ALA B 55 9.48 -29.52 -39.68
C ALA B 55 10.47 -30.28 -38.81
N SER B 56 11.73 -30.34 -39.23
CA SER B 56 12.70 -31.09 -38.45
C SER B 56 14.01 -30.36 -38.19
N PRO B 57 14.73 -30.76 -37.13
CA PRO B 57 16.00 -30.13 -36.80
C PRO B 57 17.05 -30.27 -37.91
N ASP B 58 17.01 -31.39 -38.64
CA ASP B 58 17.95 -31.61 -39.74
C ASP B 58 17.88 -30.44 -40.71
N GLU B 59 16.66 -30.06 -41.07
CA GLU B 59 16.43 -28.95 -41.99
C GLU B 59 16.95 -27.64 -41.41
N VAL B 60 17.04 -27.57 -40.09
CA VAL B 60 17.55 -26.36 -39.45
C VAL B 60 19.07 -26.39 -39.50
N PHE B 61 19.64 -27.54 -39.19
CA PHE B 61 21.08 -27.69 -39.18
C PHE B 61 21.71 -27.86 -40.56
N ALA B 62 20.89 -27.80 -41.61
CA ALA B 62 21.39 -27.92 -42.98
C ALA B 62 21.91 -26.53 -43.37
N ARG B 63 21.40 -25.49 -42.70
CA ARG B 63 21.82 -24.11 -42.96
C ARG B 63 23.21 -23.94 -42.39
N ASP B 64 23.95 -22.94 -42.87
CA ASP B 64 25.28 -22.70 -42.36
C ASP B 64 25.43 -21.26 -41.87
N ASP B 65 24.30 -20.59 -41.69
CA ASP B 65 24.30 -19.20 -41.25
C ASP B 65 23.69 -18.96 -39.86
N ILE B 66 23.49 -20.01 -39.08
CA ILE B 66 22.88 -19.84 -37.76
C ILE B 66 23.87 -19.42 -36.67
N ASP B 67 23.66 -18.24 -36.10
CA ASP B 67 24.51 -17.70 -35.04
C ASP B 67 24.09 -18.13 -33.65
N GLY B 68 22.83 -18.54 -33.52
CA GLY B 68 22.33 -18.96 -32.23
C GLY B 68 20.99 -19.65 -32.33
N ILE B 69 20.75 -20.57 -31.41
CA ILE B 69 19.51 -21.32 -31.37
C ILE B 69 18.73 -21.07 -30.08
N VAL B 70 17.41 -21.05 -30.19
CA VAL B 70 16.53 -20.87 -29.03
C VAL B 70 15.64 -22.11 -28.96
N ILE B 71 15.72 -22.84 -27.86
CA ILE B 71 14.94 -24.07 -27.72
C ILE B 71 13.69 -23.88 -26.88
N GLY B 72 12.54 -23.80 -27.55
CA GLY B 72 11.27 -23.64 -26.86
C GLY B 72 10.36 -24.82 -27.10
N SER B 73 10.95 -25.93 -27.53
CA SER B 73 10.21 -27.14 -27.82
C SER B 73 10.15 -28.02 -26.56
N PRO B 74 9.28 -29.03 -26.56
CA PRO B 74 9.14 -29.93 -25.41
C PRO B 74 10.45 -30.37 -24.78
N THR B 75 10.41 -30.65 -23.48
CA THR B 75 11.56 -31.10 -22.73
C THR B 75 12.27 -32.29 -23.38
N SER B 76 11.50 -33.25 -23.88
CA SER B 76 12.08 -34.44 -24.50
C SER B 76 13.05 -34.16 -25.64
N THR B 77 13.03 -32.94 -26.18
CA THR B 77 13.95 -32.61 -27.28
C THR B 77 15.15 -31.76 -26.85
N HIS B 78 15.14 -31.28 -25.61
CA HIS B 78 16.22 -30.43 -25.13
C HIS B 78 17.64 -30.97 -25.24
N VAL B 79 17.89 -32.17 -24.72
CA VAL B 79 19.23 -32.77 -24.80
C VAL B 79 19.70 -32.89 -26.25
N ASP B 80 18.86 -33.48 -27.10
CA ASP B 80 19.21 -33.66 -28.50
C ASP B 80 19.57 -32.35 -29.18
N LEU B 81 18.72 -31.35 -29.01
CA LEU B 81 18.94 -30.04 -29.63
C LEU B 81 20.14 -29.29 -29.06
N ILE B 82 20.40 -29.46 -27.77
CA ILE B 82 21.55 -28.81 -27.14
C ILE B 82 22.83 -29.42 -27.72
N THR B 83 22.87 -30.75 -27.72
CA THR B 83 24.03 -31.48 -28.24
C THR B 83 24.36 -31.13 -29.69
N ARG B 84 23.37 -31.27 -30.56
CA ARG B 84 23.57 -30.97 -31.98
C ARG B 84 24.06 -29.56 -32.21
N ALA B 85 23.51 -28.59 -31.47
CA ALA B 85 23.90 -27.20 -31.64
C ALA B 85 25.32 -26.92 -31.16
N VAL B 86 25.64 -27.47 -30.00
CA VAL B 86 26.96 -27.26 -29.41
C VAL B 86 28.08 -27.94 -30.19
N GLU B 87 27.83 -29.13 -30.70
CA GLU B 87 28.85 -29.84 -31.47
C GLU B 87 29.13 -29.10 -32.78
N ARG B 88 28.21 -28.23 -33.16
CA ARG B 88 28.39 -27.44 -34.38
C ARG B 88 28.84 -26.04 -34.02
N GLY B 89 29.15 -25.82 -32.73
CA GLY B 89 29.61 -24.53 -32.26
C GLY B 89 28.54 -23.44 -32.16
N ILE B 90 27.28 -23.83 -32.26
CA ILE B 90 26.20 -22.85 -32.20
C ILE B 90 25.68 -22.62 -30.77
N PRO B 91 25.69 -21.37 -30.31
CA PRO B 91 25.20 -21.07 -28.96
C PRO B 91 23.71 -21.40 -28.89
N ALA B 92 23.28 -21.91 -27.74
CA ALA B 92 21.88 -22.27 -27.56
C ALA B 92 21.28 -21.83 -26.22
N LEU B 93 20.16 -21.13 -26.30
CA LEU B 93 19.42 -20.68 -25.12
C LEU B 93 18.32 -21.73 -24.99
N CYS B 94 18.35 -22.48 -23.90
CA CYS B 94 17.36 -23.54 -23.69
C CYS B 94 16.45 -23.34 -22.48
N GLU B 95 15.15 -23.56 -22.67
CA GLU B 95 14.16 -23.43 -21.61
C GLU B 95 14.40 -24.46 -20.50
N LYS B 96 13.95 -24.12 -19.28
CA LYS B 96 14.09 -24.94 -18.07
C LYS B 96 14.11 -26.44 -18.40
N PRO B 97 15.01 -27.17 -17.72
CA PRO B 97 15.35 -28.58 -17.79
C PRO B 97 16.06 -28.99 -19.04
N ILE B 98 17.31 -29.39 -18.83
CA ILE B 98 18.17 -29.88 -19.87
C ILE B 98 17.46 -31.17 -20.21
N ASP B 99 16.97 -31.81 -19.16
CA ASP B 99 16.20 -33.05 -19.24
C ASP B 99 15.62 -33.25 -17.84
N LEU B 100 14.66 -34.15 -17.72
CA LEU B 100 14.06 -34.44 -16.41
C LEU B 100 14.86 -35.52 -15.71
N ASP B 101 15.64 -36.29 -16.48
CA ASP B 101 16.45 -37.39 -15.97
C ASP B 101 17.88 -36.91 -15.74
N ILE B 102 18.30 -36.85 -14.47
CA ILE B 102 19.65 -36.40 -14.13
C ILE B 102 20.74 -37.22 -14.82
N GLU B 103 20.48 -38.51 -15.08
CA GLU B 103 21.46 -39.37 -15.75
C GLU B 103 21.62 -38.94 -17.20
N VAL B 105 21.04 -36.05 -18.23
CA VAL B 105 21.67 -34.75 -18.11
C VAL B 105 23.19 -34.95 -18.03
N ARG B 106 23.61 -35.90 -17.20
CA ARG B 106 25.03 -36.20 -17.04
C ARG B 106 25.62 -36.78 -18.33
N ALA B 107 24.83 -37.57 -19.03
CA ALA B 107 25.29 -38.16 -20.29
C ALA B 107 25.60 -37.04 -21.27
N CYS B 108 24.69 -36.07 -21.33
CA CYS B 108 24.84 -34.93 -22.22
C CYS B 108 26.13 -34.20 -21.88
N LYS B 109 26.32 -33.89 -20.61
CA LYS B 109 27.51 -33.19 -20.16
C LYS B 109 28.80 -33.92 -20.57
N GLU B 110 28.81 -35.23 -20.39
CA GLU B 110 29.96 -36.05 -20.74
C GLU B 110 30.28 -35.93 -22.23
N LYS B 111 29.23 -35.97 -23.06
CA LYS B 111 29.41 -35.90 -24.50
C LYS B 111 29.86 -34.57 -25.07
N ILE B 112 29.31 -33.46 -24.56
CA ILE B 112 29.67 -32.14 -25.09
C ILE B 112 30.91 -31.50 -24.46
N GLY B 113 31.34 -32.02 -23.31
CA GLY B 113 32.50 -31.46 -22.65
C GLY B 113 32.49 -29.95 -22.50
N ASP B 114 33.52 -29.30 -23.04
CA ASP B 114 33.66 -27.85 -22.97
C ASP B 114 32.61 -27.12 -23.81
N GLY B 115 31.83 -27.88 -24.56
CA GLY B 115 30.79 -27.28 -25.38
C GLY B 115 29.66 -26.73 -24.53
N ALA B 116 29.64 -27.14 -23.26
CA ALA B 116 28.62 -26.68 -22.34
C ALA B 116 28.65 -25.16 -22.20
N SER B 117 29.82 -24.56 -22.42
CA SER B 117 29.98 -23.11 -22.31
C SER B 117 29.13 -22.34 -23.32
N LYS B 118 28.57 -23.04 -24.31
CA LYS B 118 27.74 -22.37 -25.31
C LYS B 118 26.25 -22.54 -25.03
N VAL B 119 25.92 -22.98 -23.82
CA VAL B 119 24.54 -23.17 -23.45
C VAL B 119 24.11 -22.19 -22.37
N LEU B 121 20.93 -21.22 -19.89
CA LEU B 121 19.65 -21.79 -19.41
C LEU B 121 18.63 -20.69 -19.20
N GLY B 122 17.44 -20.93 -19.76
CA GLY B 122 16.37 -19.95 -19.70
C GLY B 122 15.58 -19.76 -18.43
N PHE B 123 16.26 -19.53 -17.31
CA PHE B 123 15.56 -19.27 -16.05
C PHE B 123 15.24 -17.77 -16.09
N ASN B 124 14.28 -17.42 -16.94
CA ASN B 124 13.86 -16.03 -17.16
C ASN B 124 13.58 -15.19 -15.91
N ARG B 125 13.25 -15.81 -14.80
CA ARG B 125 12.96 -15.00 -13.62
C ARG B 125 14.15 -14.16 -13.13
N ARG B 126 15.38 -14.65 -13.32
CA ARG B 126 16.54 -13.87 -12.92
C ARG B 126 16.58 -12.54 -13.68
N PHE B 127 15.91 -12.50 -14.84
CA PHE B 127 15.91 -11.28 -15.65
C PHE B 127 14.75 -10.32 -15.38
N ASP B 128 13.87 -10.68 -14.46
CA ASP B 128 12.76 -9.81 -14.10
C ASP B 128 13.39 -8.53 -13.50
N PRO B 129 12.96 -7.35 -13.97
CA PRO B 129 13.55 -6.13 -13.40
C PRO B 129 13.48 -6.04 -11.86
N SER B 130 12.36 -6.47 -11.29
CA SER B 130 12.21 -6.44 -9.85
C SER B 130 13.09 -7.46 -9.13
N PHE B 131 13.00 -8.72 -9.52
CA PHE B 131 13.82 -9.71 -8.84
C PHE B 131 15.31 -9.41 -9.05
N ALA B 132 15.68 -8.97 -10.25
CA ALA B 132 17.08 -8.65 -10.56
C ALA B 132 17.56 -7.46 -9.73
N ALA B 133 16.71 -6.44 -9.57
CA ALA B 133 17.07 -5.26 -8.80
C ALA B 133 17.38 -5.65 -7.35
N ILE B 134 16.55 -6.52 -6.79
CA ILE B 134 16.75 -6.97 -5.43
C ILE B 134 18.05 -7.76 -5.32
N ASN B 135 18.31 -8.62 -6.29
CA ASN B 135 19.52 -9.43 -6.25
C ASN B 135 20.78 -8.53 -6.26
N ALA B 136 20.73 -7.49 -7.07
CA ALA B 136 21.85 -6.56 -7.19
C ALA B 136 22.02 -5.68 -5.95
N ARG B 137 20.90 -5.24 -5.39
CA ARG B 137 20.97 -4.41 -4.20
C ARG B 137 21.49 -5.19 -3.01
N VAL B 138 21.10 -6.46 -2.89
CA VAL B 138 21.59 -7.29 -1.80
C VAL B 138 23.09 -7.49 -1.99
N ALA B 139 23.50 -7.80 -3.22
CA ALA B 139 24.92 -7.99 -3.52
C ALA B 139 25.71 -6.73 -3.20
N ASN B 140 25.07 -5.57 -3.29
CA ASN B 140 25.73 -4.31 -2.99
C ASN B 140 25.69 -4.00 -1.49
N GLN B 141 25.34 -4.99 -0.68
CA GLN B 141 25.30 -4.86 0.78
C GLN B 141 24.21 -3.93 1.32
N GLU B 142 23.23 -3.56 0.49
CA GLU B 142 22.19 -2.64 0.93
C GLU B 142 21.39 -3.06 2.16
N ILE B 143 21.31 -4.37 2.43
CA ILE B 143 20.57 -4.82 3.60
C ILE B 143 21.42 -5.69 4.51
N GLY B 144 22.74 -5.54 4.41
CA GLY B 144 23.65 -6.31 5.23
C GLY B 144 23.79 -7.74 4.77
N ASN B 145 24.22 -8.64 5.66
CA ASN B 145 24.38 -10.04 5.28
C ASN B 145 23.00 -10.66 5.05
N LEU B 146 22.84 -11.38 3.95
CA LEU B 146 21.59 -12.03 3.63
C LEU B 146 21.39 -13.17 4.61
N GLU B 147 20.24 -13.21 5.28
CA GLU B 147 20.00 -14.27 6.26
C GLU B 147 18.82 -15.19 5.91
N GLN B 148 17.76 -14.62 5.32
CA GLN B 148 16.60 -15.40 4.94
C GLN B 148 16.11 -14.97 3.57
N LEU B 149 15.61 -15.93 2.82
CA LEU B 149 15.06 -15.67 1.50
C LEU B 149 13.75 -16.43 1.46
N VAL B 150 12.65 -15.69 1.29
CA VAL B 150 11.32 -16.30 1.25
C VAL B 150 10.68 -16.11 -0.11
N ILE B 151 10.38 -17.22 -0.76
CA ILE B 151 9.78 -17.20 -2.08
C ILE B 151 8.43 -17.88 -2.05
N ILE B 152 7.44 -17.19 -2.60
CA ILE B 152 6.09 -17.70 -2.65
C ILE B 152 5.60 -17.68 -4.08
N SER B 153 5.43 -18.86 -4.64
CA SER B 153 4.97 -18.98 -6.01
C SER B 153 3.71 -19.83 -6.08
N ARG B 154 2.65 -19.26 -6.63
CA ARG B 154 1.41 -20.00 -6.79
C ARG B 154 0.92 -19.88 -8.22
N ASP B 155 0.86 -21.01 -8.93
CA ASP B 155 0.37 -21.03 -10.30
C ASP B 155 -1.14 -20.80 -10.23
N PRO B 156 -1.73 -20.16 -11.24
CA PRO B 156 -3.17 -19.92 -11.23
C PRO B 156 -4.00 -21.20 -11.18
N ALA B 157 -3.53 -22.25 -11.85
CA ALA B 157 -4.24 -23.53 -11.86
C ALA B 157 -3.35 -24.63 -12.41
N PRO B 158 -3.73 -25.90 -12.18
CA PRO B 158 -2.92 -27.00 -12.69
C PRO B 158 -2.88 -26.99 -14.22
N ALA B 159 -1.80 -27.50 -14.79
CA ALA B 159 -1.69 -27.56 -16.25
C ALA B 159 -2.57 -28.72 -16.73
N PRO B 160 -2.69 -28.91 -18.06
CA PRO B 160 -3.52 -30.01 -18.56
C PRO B 160 -2.97 -31.36 -18.11
N LYS B 161 -3.86 -32.33 -17.94
CA LYS B 161 -3.49 -33.68 -17.51
C LYS B 161 -2.25 -34.23 -18.21
N ASP B 162 -2.29 -34.31 -19.54
CA ASP B 162 -1.16 -34.85 -20.29
C ASP B 162 0.16 -34.14 -19.95
N TYR B 163 0.10 -32.84 -19.72
CA TYR B 163 1.31 -32.11 -19.38
C TYR B 163 1.78 -32.56 -17.99
N ILE B 164 0.83 -32.70 -17.06
CA ILE B 164 1.14 -33.12 -15.71
C ILE B 164 1.73 -34.53 -15.71
N ALA B 165 1.26 -35.36 -16.65
CA ALA B 165 1.72 -36.75 -16.75
C ALA B 165 3.21 -36.87 -16.99
N GLY B 166 3.74 -36.02 -17.87
CA GLY B 166 5.17 -36.09 -18.15
C GLY B 166 5.97 -34.93 -17.59
N SER B 167 5.42 -34.26 -16.58
CA SER B 167 6.07 -33.10 -15.98
C SER B 167 7.24 -33.43 -15.07
N GLY B 168 7.20 -34.63 -14.47
CA GLY B 168 8.26 -35.06 -13.58
C GLY B 168 8.00 -34.64 -12.14
N GLY B 169 6.79 -34.15 -11.86
CA GLY B 169 6.45 -33.74 -10.51
C GLY B 169 6.61 -32.25 -10.28
N ILE B 170 5.93 -31.76 -9.25
CA ILE B 170 5.96 -30.35 -8.91
C ILE B 170 7.38 -29.77 -8.68
N PHE B 171 8.26 -30.54 -8.07
CA PHE B 171 9.63 -30.08 -7.80
C PHE B 171 10.44 -29.85 -9.06
N ARG B 172 10.37 -30.80 -9.99
CA ARG B 172 11.10 -30.72 -11.25
C ARG B 172 10.48 -29.73 -12.22
N ASP B 173 9.16 -29.63 -12.18
CA ASP B 173 8.43 -28.77 -13.09
C ASP B 173 8.16 -27.34 -12.59
N THR B 175 8.87 -25.98 -8.77
CA THR B 175 9.84 -25.49 -7.80
C THR B 175 11.20 -25.24 -8.41
N ILE B 176 11.52 -25.95 -9.49
CA ILE B 176 12.83 -25.78 -10.11
C ILE B 176 13.15 -24.31 -10.39
N HIS B 177 12.17 -23.52 -10.80
CA HIS B 177 12.42 -22.11 -11.06
C HIS B 177 12.77 -21.40 -9.75
N ASP B 178 12.08 -21.75 -8.67
CA ASP B 178 12.34 -21.15 -7.38
C ASP B 178 13.68 -21.60 -6.84
N LEU B 179 14.04 -22.85 -7.11
CA LEU B 179 15.32 -23.38 -6.64
C LEU B 179 16.45 -22.64 -7.33
N ASP B 180 16.23 -22.24 -8.59
CA ASP B 180 17.26 -21.51 -9.30
C ASP B 180 17.35 -20.10 -8.72
N ALA B 182 16.77 -19.25 -5.81
CA ALA B 182 17.48 -19.39 -4.55
C ALA B 182 18.99 -19.34 -4.78
N ARG B 183 19.48 -20.07 -5.78
CA ARG B 183 20.91 -20.09 -6.07
C ARG B 183 21.41 -18.73 -6.61
N PHE B 184 20.54 -18.02 -7.31
CA PHE B 184 20.91 -16.71 -7.83
C PHE B 184 21.32 -15.82 -6.65
N PHE B 185 20.78 -16.12 -5.46
CA PHE B 185 21.11 -15.34 -4.27
C PHE B 185 22.14 -16.03 -3.39
N VAL B 186 22.03 -17.35 -3.29
CA VAL B 186 22.93 -18.15 -2.45
C VAL B 186 23.35 -19.39 -3.24
N PRO B 187 24.40 -19.28 -4.05
CA PRO B 187 24.95 -20.35 -4.90
C PRO B 187 25.26 -21.66 -4.16
N ASN B 188 25.82 -21.55 -2.95
CA ASN B 188 26.20 -22.71 -2.16
C ASN B 188 25.16 -23.20 -1.17
N ILE B 189 24.40 -24.21 -1.58
CA ILE B 189 23.36 -24.81 -0.76
C ILE B 189 23.89 -26.13 -0.22
N VAL B 190 23.80 -26.35 1.09
CA VAL B 190 24.29 -27.60 1.64
C VAL B 190 23.24 -28.61 2.09
N GLU B 191 22.02 -28.15 2.38
CA GLU B 191 20.96 -29.05 2.81
C GLU B 191 19.62 -28.72 2.20
N VAL B 192 18.78 -29.75 2.07
CA VAL B 192 17.46 -29.61 1.49
C VAL B 192 16.41 -30.34 2.32
N THR B 193 15.32 -29.66 2.59
CA THR B 193 14.20 -30.22 3.34
C THR B 193 12.94 -29.77 2.61
N ALA B 194 12.06 -30.70 2.30
CA ALA B 194 10.84 -30.37 1.57
C ALA B 194 9.66 -31.15 2.12
N THR B 195 8.48 -30.56 1.97
CA THR B 195 7.25 -31.16 2.47
C THR B 195 6.13 -30.98 1.47
N GLY B 196 5.50 -32.08 1.07
CA GLY B 196 4.41 -32.02 0.12
C GLY B 196 3.08 -32.48 0.67
N ALA B 197 1.99 -31.98 0.09
CA ALA B 197 0.65 -32.36 0.54
C ALA B 197 -0.27 -32.43 -0.67
N ASN B 198 -1.49 -32.91 -0.47
CA ASN B 198 -2.49 -33.02 -1.54
C ASN B 198 -3.80 -32.49 -0.94
N VAL B 199 -4.14 -31.24 -1.23
CA VAL B 199 -5.33 -30.62 -0.66
C VAL B 199 -6.47 -30.21 -1.58
N PHE B 200 -6.30 -30.32 -2.89
CA PHE B 200 -7.40 -29.92 -3.77
C PHE B 200 -7.53 -30.67 -5.08
N SER B 201 -6.40 -30.99 -5.70
CA SER B 201 -6.41 -31.65 -7.00
C SER B 201 -6.46 -33.17 -7.01
N GLN B 202 -7.57 -33.74 -7.51
CA GLN B 202 -7.68 -35.19 -7.60
C GLN B 202 -6.70 -35.65 -8.69
N GLU B 203 -6.61 -34.83 -9.74
CA GLU B 203 -5.73 -35.08 -10.87
C GLU B 203 -4.26 -35.20 -10.46
N ILE B 204 -3.76 -34.26 -9.65
CA ILE B 204 -2.37 -34.29 -9.21
C ILE B 204 -2.13 -35.48 -8.28
N ALA B 205 -3.06 -35.75 -7.39
CA ALA B 205 -2.92 -36.88 -6.48
C ALA B 205 -2.88 -38.19 -7.29
N GLU B 206 -3.59 -38.18 -8.41
CA GLU B 206 -3.67 -39.34 -9.30
C GLU B 206 -2.31 -39.73 -9.87
N PHE B 207 -1.49 -38.73 -10.17
CA PHE B 207 -0.16 -38.98 -10.71
C PHE B 207 0.90 -39.05 -9.62
N ASN B 208 0.46 -39.29 -8.38
CA ASN B 208 1.36 -39.36 -7.23
C ASN B 208 2.28 -38.14 -7.17
N ASP B 209 1.66 -36.98 -7.26
CA ASP B 209 2.38 -35.72 -7.22
C ASP B 209 1.74 -34.89 -6.09
N TYR B 210 2.33 -33.75 -5.77
CA TYR B 210 1.77 -32.90 -4.71
C TYR B 210 1.20 -31.64 -5.36
N ASP B 211 0.12 -31.10 -4.81
CA ASP B 211 -0.43 -29.88 -5.37
C ASP B 211 0.01 -28.71 -4.49
N GLN B 212 0.87 -29.04 -3.53
CA GLN B 212 1.27 -28.02 -2.56
C GLN B 212 2.58 -28.43 -1.84
N VAL B 213 3.62 -27.59 -1.90
CA VAL B 213 4.86 -27.95 -1.21
C VAL B 213 5.50 -26.77 -0.49
N ILE B 214 6.33 -27.08 0.51
CA ILE B 214 7.09 -26.08 1.26
C ILE B 214 8.51 -26.63 1.27
N VAL B 215 9.45 -25.79 0.85
CA VAL B 215 10.84 -26.20 0.79
C VAL B 215 11.70 -25.24 1.62
N THR B 216 12.65 -25.80 2.36
CA THR B 216 13.57 -24.99 3.16
C THR B 216 15.01 -25.44 2.89
N LEU B 217 15.83 -24.52 2.35
CA LEU B 217 17.22 -24.83 2.04
C LEU B 217 18.17 -24.14 3.02
N ARG B 218 19.26 -24.82 3.35
CA ARG B 218 20.28 -24.25 4.22
C ARG B 218 21.47 -23.86 3.35
N GLY B 219 21.91 -22.61 3.45
CA GLY B 219 23.05 -22.17 2.69
C GLY B 219 24.34 -22.43 3.45
N SER B 220 25.47 -22.35 2.75
CA SER B 220 26.77 -22.61 3.36
C SER B 220 27.10 -21.75 4.56
N LYS B 221 26.45 -20.60 4.70
CA LYS B 221 26.71 -19.74 5.85
C LYS B 221 25.53 -19.60 6.81
N GLY B 222 24.64 -20.59 6.80
CA GLY B 222 23.48 -20.55 7.68
C GLY B 222 22.29 -19.78 7.10
N GLU B 223 22.35 -19.41 5.83
CA GLU B 223 21.23 -18.71 5.20
C GLU B 223 20.08 -19.73 5.14
N LEU B 224 18.85 -19.26 5.33
CA LEU B 224 17.70 -20.14 5.21
C LEU B 224 16.81 -19.63 4.07
N ILE B 225 16.66 -20.45 3.03
CA ILE B 225 15.81 -20.10 1.90
C ILE B 225 14.51 -20.90 2.07
N ASN B 226 13.37 -20.20 2.06
CA ASN B 226 12.09 -20.84 2.26
C ASN B 226 11.18 -20.64 1.05
N ILE B 227 10.81 -21.74 0.41
CA ILE B 227 9.96 -21.68 -0.78
C ILE B 227 8.57 -22.28 -0.52
N VAL B 228 7.54 -21.53 -0.87
CA VAL B 228 6.17 -21.97 -0.73
C VAL B 228 5.54 -22.07 -2.13
N ASN B 229 4.97 -23.22 -2.47
CA ASN B 229 4.34 -23.42 -3.78
C ASN B 229 2.92 -23.94 -3.62
N SER B 230 2.12 -23.70 -4.63
CA SER B 230 0.76 -24.20 -4.71
C SER B 230 0.43 -24.19 -6.19
N ARG B 231 -0.32 -25.22 -6.63
CA ARG B 231 -0.70 -25.35 -8.02
C ARG B 231 -1.95 -24.57 -8.45
N HIS B 232 -2.55 -23.81 -7.52
CA HIS B 232 -3.70 -22.97 -7.89
C HIS B 232 -3.64 -21.66 -7.13
N CYS B 233 -4.33 -20.65 -7.64
CA CYS B 233 -4.34 -19.34 -7.00
C CYS B 233 -5.44 -18.51 -7.64
N SER B 234 -6.47 -18.22 -6.88
CA SER B 234 -7.64 -17.49 -7.37
C SER B 234 -7.43 -16.06 -7.86
N TYR B 235 -6.44 -15.35 -7.31
CA TYR B 235 -6.22 -13.96 -7.71
C TYR B 235 -5.16 -13.76 -8.81
N GLY B 236 -4.62 -14.85 -9.32
CA GLY B 236 -3.62 -14.73 -10.37
C GLY B 236 -2.36 -15.56 -10.18
N TYR B 237 -1.27 -15.09 -10.78
CA TYR B 237 0.03 -15.75 -10.75
C TYR B 237 0.90 -15.14 -9.64
N ASP B 238 0.76 -15.68 -8.43
CA ASP B 238 1.48 -15.18 -7.28
C ASP B 238 2.99 -15.45 -7.41
N GLN B 239 3.77 -14.37 -7.43
CA GLN B 239 5.22 -14.46 -7.57
C GLN B 239 5.91 -13.46 -6.65
N ARG B 240 5.95 -13.77 -5.36
CA ARG B 240 6.60 -12.86 -4.44
C ARG B 240 7.94 -13.37 -3.95
N LEU B 241 8.80 -12.43 -3.60
CA LEU B 241 10.12 -12.74 -3.11
C LEU B 241 10.50 -11.75 -2.03
N GLU B 242 11.12 -12.26 -0.97
CA GLU B 242 11.55 -11.45 0.15
C GLU B 242 12.97 -11.81 0.58
N ALA B 243 13.86 -10.82 0.57
CA ALA B 243 15.24 -11.02 1.00
C ALA B 243 15.37 -10.32 2.35
N PHE B 244 15.68 -11.09 3.39
CA PHE B 244 15.83 -10.50 4.72
C PHE B 244 17.28 -10.56 5.16
N GLY B 245 17.82 -9.40 5.50
CA GLY B 245 19.20 -9.31 5.95
C GLY B 245 19.38 -8.65 7.30
N SER B 246 20.61 -8.68 7.79
CA SER B 246 20.96 -8.11 9.08
C SER B 246 20.70 -6.60 9.18
N LYS B 247 20.62 -5.89 8.05
CA LYS B 247 20.40 -4.45 8.08
C LYS B 247 19.12 -3.98 7.41
N GLY B 248 18.23 -4.91 7.10
CA GLY B 248 16.99 -4.51 6.46
C GLY B 248 16.38 -5.61 5.61
N LEU B 250 14.28 -6.46 1.62
CA LEU B 250 13.85 -6.07 0.28
C LEU B 250 12.85 -7.10 -0.23
N ALA B 251 11.70 -6.64 -0.68
CA ALA B 251 10.65 -7.55 -1.16
C ALA B 251 10.07 -7.03 -2.44
N ALA B 252 9.56 -7.93 -3.26
CA ALA B 252 8.95 -7.54 -4.50
C ALA B 252 7.47 -7.88 -4.48
N ASP B 253 6.62 -6.90 -4.78
CA ASP B 253 5.20 -7.15 -4.80
C ASP B 253 4.79 -7.73 -6.13
N ASN B 254 3.56 -8.21 -6.20
CA ASN B 254 3.03 -8.75 -7.44
C ASN B 254 2.68 -7.58 -8.37
N ILE B 255 2.48 -7.87 -9.64
CA ILE B 255 2.18 -6.84 -10.64
C ILE B 255 0.74 -6.92 -11.15
N ARG B 256 0.14 -5.75 -11.33
CA ARG B 256 -1.23 -5.62 -11.81
C ARG B 256 -1.25 -4.84 -13.12
N PRO B 257 -2.31 -5.01 -13.93
CA PRO B 257 -2.42 -4.30 -15.22
C PRO B 257 -2.56 -2.77 -15.09
N THR B 258 -3.22 -2.31 -14.02
CA THR B 258 -3.37 -0.87 -13.81
C THR B 258 -3.09 -0.51 -12.35
N THR B 259 -3.05 0.78 -12.07
CA THR B 259 -2.80 1.24 -10.71
C THR B 259 -4.12 1.69 -10.09
N VAL B 260 -5.22 1.23 -10.66
CA VAL B 260 -6.55 1.62 -10.17
C VAL B 260 -6.93 0.94 -8.88
N ARG B 261 -7.56 1.70 -8.00
CA ARG B 261 -8.02 1.17 -6.72
C ARG B 261 -9.43 1.67 -6.46
N LYS B 262 -10.31 0.76 -6.06
CA LYS B 262 -11.69 1.11 -5.76
C LYS B 262 -11.89 1.15 -4.24
N HIS B 263 -12.75 2.06 -3.81
CA HIS B 263 -13.06 2.20 -2.38
C HIS B 263 -14.56 2.41 -2.27
N ASN B 264 -15.23 1.51 -1.54
CA ASN B 264 -16.66 1.66 -1.34
C ASN B 264 -17.08 1.08 0.02
N ALA B 265 -18.36 0.81 0.18
CA ALA B 265 -18.89 0.27 1.43
C ALA B 265 -18.42 -1.15 1.76
N GLU B 266 -18.04 -1.93 0.76
CA GLU B 266 -17.59 -3.30 0.99
C GLU B 266 -16.13 -3.37 1.48
N SER B 267 -15.26 -2.62 0.83
CA SER B 267 -13.86 -2.59 1.22
C SER B 267 -13.11 -1.48 0.50
N THR B 268 -11.95 -1.13 1.04
CA THR B 268 -11.14 -0.08 0.43
C THR B 268 -9.89 -0.67 -0.20
N GLU B 269 -9.20 0.15 -0.99
CA GLU B 269 -7.96 -0.23 -1.65
C GLU B 269 -8.06 -1.44 -2.60
N GLN B 270 -9.24 -1.66 -3.16
CA GLN B 270 -9.41 -2.79 -4.08
C GLN B 270 -8.60 -2.59 -5.35
N ALA B 271 -7.64 -3.47 -5.59
CA ALA B 271 -6.79 -3.39 -6.78
C ALA B 271 -7.15 -4.52 -7.75
N ASP B 272 -6.64 -4.43 -8.98
CA ASP B 272 -6.94 -5.46 -9.96
C ASP B 272 -6.37 -6.80 -9.54
N PRO B 273 -6.91 -7.88 -10.11
CA PRO B 273 -6.39 -9.21 -9.79
C PRO B 273 -4.98 -9.09 -10.41
N ILE B 274 -4.00 -9.85 -9.93
CA ILE B 274 -2.68 -9.71 -10.52
C ILE B 274 -2.62 -10.44 -11.87
N PHE B 275 -1.53 -10.27 -12.61
CA PHE B 275 -1.41 -10.95 -13.90
C PHE B 275 -1.55 -12.44 -13.68
N ASN B 276 -2.35 -13.06 -14.55
CA ASN B 276 -2.65 -14.49 -14.46
C ASN B 276 -1.83 -15.36 -15.41
N PHE B 277 -1.06 -14.75 -16.30
CA PHE B 277 -0.27 -15.49 -17.28
C PHE B 277 1.21 -15.18 -17.18
N PHE B 278 2.04 -16.22 -17.20
CA PHE B 278 3.47 -15.97 -17.08
C PHE B 278 4.00 -15.08 -18.20
N LEU B 279 3.42 -15.16 -19.38
CA LEU B 279 3.88 -14.34 -20.49
C LEU B 279 3.64 -12.86 -20.19
N GLU B 280 2.59 -12.57 -19.44
CA GLU B 280 2.29 -11.19 -19.09
C GLU B 280 3.20 -10.69 -17.98
N ARG B 281 3.33 -11.50 -16.94
CA ARG B 281 4.14 -11.16 -15.79
C ARG B 281 5.61 -11.01 -16.13
N TYR B 282 6.12 -11.88 -17.00
CA TYR B 282 7.53 -11.83 -17.32
C TYR B 282 7.93 -11.28 -18.68
N ASP B 283 7.10 -10.41 -19.24
CA ASP B 283 7.36 -9.82 -20.54
C ASP B 283 8.75 -9.20 -20.60
N ALA B 284 9.01 -8.26 -19.70
CA ALA B 284 10.32 -7.60 -19.65
C ALA B 284 11.45 -8.60 -19.47
N ALA B 285 11.24 -9.61 -18.62
CA ALA B 285 12.27 -10.62 -18.35
C ALA B 285 12.67 -11.42 -19.59
N TYR B 286 11.68 -11.87 -20.35
CA TYR B 286 12.00 -12.62 -21.56
C TYR B 286 12.81 -11.78 -22.52
N LYS B 287 12.43 -10.51 -22.68
CA LYS B 287 13.16 -9.62 -23.56
C LYS B 287 14.59 -9.39 -23.05
N ALA B 288 14.73 -9.22 -21.74
CA ALA B 288 16.04 -8.99 -21.14
C ALA B 288 16.93 -10.22 -21.26
N GLU B 289 16.30 -11.39 -21.16
CA GLU B 289 17.02 -12.65 -21.25
C GLU B 289 17.54 -12.84 -22.66
N LEU B 290 16.76 -12.48 -23.66
CA LEU B 290 17.17 -12.61 -25.05
C LEU B 290 18.38 -11.71 -25.32
N ALA B 291 18.29 -10.46 -24.86
CA ALA B 291 19.37 -9.52 -25.07
C ALA B 291 20.64 -10.06 -24.44
N THR B 292 20.51 -10.64 -23.25
CA THR B 292 21.67 -11.20 -22.57
C THR B 292 22.27 -12.34 -23.39
N PHE B 293 21.39 -13.07 -24.09
CA PHE B 293 21.80 -14.19 -24.94
C PHE B 293 22.56 -13.62 -26.13
N ALA B 294 22.01 -12.57 -26.73
CA ALA B 294 22.63 -11.93 -27.88
C ALA B 294 24.02 -11.40 -27.53
N GLN B 295 24.13 -10.79 -26.36
CA GLN B 295 25.41 -10.24 -25.92
C GLN B 295 26.45 -11.34 -25.75
N GLY B 296 26.04 -12.46 -25.16
CA GLY B 296 26.95 -13.58 -24.94
C GLY B 296 27.47 -14.16 -26.24
N ILE B 297 26.65 -14.08 -27.28
CA ILE B 297 27.02 -14.60 -28.58
C ILE B 297 28.12 -13.73 -29.16
N ARG B 298 28.00 -12.41 -28.97
CA ARG B 298 29.00 -11.48 -29.47
C ARG B 298 30.30 -11.57 -28.68
N ASP B 299 30.19 -11.52 -27.35
CA ASP B 299 31.37 -11.57 -26.47
C ASP B 299 32.12 -12.89 -26.48
N GLY B 300 31.39 -14.00 -26.52
CA GLY B 300 32.01 -15.30 -26.51
C GLY B 300 32.60 -15.63 -25.14
N GLN B 301 32.19 -14.88 -24.12
CA GLN B 301 32.68 -15.07 -22.76
C GLN B 301 31.92 -16.14 -21.96
N GLY B 302 30.71 -16.48 -22.40
CA GLY B 302 29.93 -17.46 -21.68
C GLY B 302 28.57 -16.90 -21.33
N PHE B 303 27.71 -17.72 -20.75
CA PHE B 303 26.36 -17.29 -20.40
C PHE B 303 26.02 -17.53 -18.93
N SER B 304 25.04 -16.77 -18.45
CA SER B 304 24.55 -16.91 -17.08
C SER B 304 23.05 -16.63 -17.16
N PRO B 305 22.22 -17.58 -16.73
CA PRO B 305 22.54 -18.91 -16.19
C PRO B 305 23.25 -19.80 -17.22
N ASN B 306 24.13 -20.67 -16.73
CA ASN B 306 24.88 -21.59 -17.58
C ASN B 306 24.37 -23.02 -17.44
N PHE B 307 25.05 -23.95 -18.12
CA PHE B 307 24.69 -25.38 -18.12
C PHE B 307 24.68 -25.96 -16.70
N GLU B 308 25.67 -25.60 -15.89
CA GLU B 308 25.76 -26.11 -14.53
C GLU B 308 24.54 -25.69 -13.70
N ASP B 309 24.09 -24.45 -13.87
CA ASP B 309 22.92 -23.97 -13.14
C ASP B 309 21.73 -24.89 -13.44
N GLY B 310 21.61 -25.29 -14.70
CA GLY B 310 20.53 -26.18 -15.08
C GLY B 310 20.71 -27.54 -14.39
N VAL B 311 21.97 -27.94 -14.23
CA VAL B 311 22.29 -29.21 -13.61
C VAL B 311 21.91 -29.19 -12.14
N ILE B 312 22.46 -28.23 -11.41
CA ILE B 312 22.21 -28.14 -9.99
C ILE B 312 20.74 -27.88 -9.64
N ALA B 313 20.06 -27.08 -10.46
CA ALA B 313 18.65 -26.80 -10.21
C ALA B 313 17.90 -28.13 -10.21
N LEU B 314 18.23 -29.00 -11.16
CA LEU B 314 17.56 -30.31 -11.23
C LEU B 314 17.97 -31.19 -10.06
N GLU B 315 19.25 -31.19 -9.71
CA GLU B 315 19.75 -31.99 -8.59
C GLU B 315 19.03 -31.56 -7.30
N LEU B 316 18.72 -30.28 -7.19
CA LEU B 316 18.04 -29.75 -6.02
C LEU B 316 16.58 -30.21 -6.02
N ALA B 317 15.95 -30.20 -7.18
CA ALA B 317 14.56 -30.63 -7.25
C ALA B 317 14.48 -32.10 -6.85
N ASN B 318 15.44 -32.89 -7.33
CA ASN B 318 15.46 -34.31 -6.99
C ASN B 318 15.63 -34.50 -5.50
N ALA B 319 16.48 -33.67 -4.90
CA ALA B 319 16.73 -33.74 -3.46
C ALA B 319 15.45 -33.41 -2.71
N CYS B 320 14.71 -32.42 -3.19
CA CYS B 320 13.46 -32.03 -2.54
C CYS B 320 12.50 -33.23 -2.54
N LEU B 321 12.37 -33.87 -3.69
CA LEU B 321 11.48 -35.02 -3.83
C LEU B 321 11.91 -36.13 -2.88
N GLU B 322 13.21 -36.39 -2.83
CA GLU B 322 13.74 -37.41 -1.94
C GLU B 322 13.46 -37.05 -0.48
N SER B 323 13.51 -35.76 -0.18
CA SER B 323 13.27 -35.28 1.18
C SER B 323 11.81 -35.46 1.56
N ALA B 324 10.92 -35.11 0.64
CA ALA B 324 9.49 -35.24 0.87
C ALA B 324 9.07 -36.70 1.02
N GLN B 325 9.61 -37.58 0.19
CA GLN B 325 9.27 -38.99 0.24
C GLN B 325 9.73 -39.67 1.52
N THR B 326 10.90 -39.26 2.03
CA THR B 326 11.46 -39.86 3.23
C THR B 326 11.18 -39.09 4.52
N GLY B 327 10.68 -37.86 4.40
CA GLY B 327 10.40 -37.08 5.59
C GLY B 327 11.69 -36.81 6.34
N ARG B 328 12.78 -36.66 5.60
CA ARG B 328 14.08 -36.41 6.18
C ARG B 328 14.81 -35.37 5.35
N THR B 329 15.69 -34.61 6.01
CA THR B 329 16.51 -33.60 5.38
C THR B 329 17.61 -34.33 4.59
N VAL B 330 17.96 -33.79 3.41
CA VAL B 330 18.99 -34.39 2.57
C VAL B 330 20.27 -33.54 2.53
N THR B 331 21.41 -34.18 2.77
CA THR B 331 22.70 -33.48 2.72
C THR B 331 23.15 -33.56 1.26
N LEU B 332 23.27 -32.41 0.61
CA LEU B 332 23.65 -32.34 -0.80
C LEU B 332 25.04 -32.84 -1.15
N ASN B 333 26.04 -32.46 -0.36
CA ASN B 333 27.40 -32.89 -0.63
C ASN B 333 27.98 -33.60 0.58
N PRO B 334 27.70 -34.90 0.71
CA PRO B 334 28.19 -35.71 1.83
C PRO B 334 29.70 -35.60 2.01
N ALA B 335 30.11 -34.90 3.06
CA ALA B 335 31.53 -34.70 3.38
C ALA B 335 32.35 -34.17 2.21
N LEU C 3 -3.60 -6.05 -44.85
CA LEU C 3 -4.17 -4.67 -44.83
C LEU C 3 -3.28 -3.75 -44.00
N THR C 4 -2.86 -2.64 -44.59
CA THR C 4 -1.99 -1.69 -43.88
C THR C 4 -2.39 -0.25 -44.23
N LEU C 5 -1.64 0.71 -43.69
CA LEU C 5 -1.91 2.13 -43.95
C LEU C 5 -0.62 2.93 -43.83
N ARG C 6 -0.29 3.67 -44.89
CA ARG C 6 0.92 4.50 -44.87
C ARG C 6 0.70 5.74 -44.00
N ILE C 7 1.75 6.14 -43.30
CA ILE C 7 1.65 7.30 -42.43
C ILE C 7 2.86 8.21 -42.66
N ALA C 8 2.69 9.49 -42.38
CA ALA C 8 3.77 10.46 -42.55
C ALA C 8 3.91 11.32 -41.30
N LEU C 9 5.08 11.25 -40.67
CA LEU C 9 5.33 12.03 -39.46
C LEU C 9 5.99 13.35 -39.79
N PHE C 10 5.67 14.37 -38.99
CA PHE C 10 6.26 15.70 -39.14
C PHE C 10 7.06 15.97 -37.88
N GLY C 11 8.37 16.04 -38.01
CA GLY C 11 9.22 16.28 -36.86
C GLY C 11 9.98 15.02 -36.49
N ALA C 12 11.21 15.20 -36.03
CA ALA C 12 12.06 14.07 -35.64
C ALA C 12 12.62 14.32 -34.23
N GLY C 13 11.99 15.24 -33.51
CA GLY C 13 12.43 15.53 -32.16
C GLY C 13 12.10 14.37 -31.24
N ARG C 14 12.02 14.64 -29.95
CA ARG C 14 11.70 13.60 -28.98
C ARG C 14 10.40 12.91 -29.37
N ILE C 15 9.30 13.66 -29.35
CA ILE C 15 7.98 13.14 -29.69
C ILE C 15 7.96 12.40 -31.03
N GLY C 16 8.77 12.86 -31.98
CA GLY C 16 8.82 12.21 -33.28
C GLY C 16 9.32 10.78 -33.22
N HIS C 17 10.39 10.56 -32.47
CA HIS C 17 10.96 9.23 -32.32
C HIS C 17 9.90 8.27 -31.79
N VAL C 18 9.21 8.71 -30.73
CA VAL C 18 8.17 7.92 -30.09
C VAL C 18 7.11 7.44 -31.05
N HIS C 19 6.52 8.36 -31.79
CA HIS C 19 5.48 8.00 -32.75
C HIS C 19 5.97 7.08 -33.86
N ALA C 20 7.16 7.38 -34.39
CA ALA C 20 7.74 6.58 -35.45
C ALA C 20 7.85 5.11 -35.07
N ALA C 21 8.50 4.84 -33.95
CA ALA C 21 8.67 3.46 -33.48
C ALA C 21 7.31 2.81 -33.28
N ASN C 22 6.39 3.55 -32.64
CA ASN C 22 5.04 3.05 -32.39
C ASN C 22 4.36 2.70 -33.71
N ILE C 23 4.59 3.52 -34.73
CA ILE C 23 4.00 3.27 -36.04
C ILE C 23 4.57 1.98 -36.61
N ALA C 24 5.89 1.83 -36.49
CA ALA C 24 6.57 0.64 -36.97
C ALA C 24 6.11 -0.56 -36.15
N ALA C 25 6.00 -0.35 -34.84
CA ALA C 25 5.57 -1.39 -33.92
C ALA C 25 4.18 -1.90 -34.30
N ASN C 26 3.27 -0.97 -34.56
CA ASN C 26 1.92 -1.35 -34.95
C ASN C 26 2.04 -2.04 -36.30
N PRO C 27 1.67 -3.32 -36.37
CA PRO C 27 1.74 -4.08 -37.62
C PRO C 27 0.88 -3.53 -38.74
N ASP C 28 -0.16 -2.79 -38.36
CA ASP C 28 -1.09 -2.22 -39.35
C ASP C 28 -0.67 -0.85 -39.83
N LEU C 29 0.61 -0.51 -39.65
CA LEU C 29 1.10 0.81 -40.07
C LEU C 29 2.57 0.76 -40.49
N GLU C 30 3.03 1.86 -41.12
CA GLU C 30 4.41 1.97 -41.57
C GLU C 30 4.77 3.39 -42.01
N LEU C 31 5.75 3.96 -41.32
CA LEU C 31 6.23 5.31 -41.60
C LEU C 31 6.91 5.40 -42.97
N VAL C 32 6.74 6.53 -43.66
CA VAL C 32 7.34 6.70 -44.98
C VAL C 32 8.26 7.92 -45.10
N VAL C 33 8.04 8.94 -44.28
CA VAL C 33 8.89 10.13 -44.32
C VAL C 33 8.79 11.00 -43.08
N ILE C 34 9.85 11.77 -42.82
CA ILE C 34 9.91 12.66 -41.66
C ILE C 34 10.34 14.06 -42.11
N ALA C 35 9.55 15.06 -41.74
CA ALA C 35 9.86 16.45 -42.11
C ALA C 35 10.37 17.26 -40.93
N ASP C 36 11.55 17.83 -41.06
CA ASP C 36 12.13 18.63 -39.99
C ASP C 36 13.25 19.53 -40.53
N PRO C 37 13.24 20.82 -40.14
CA PRO C 37 14.24 21.81 -40.55
C PRO C 37 15.66 21.42 -40.17
N PHE C 38 15.77 20.49 -39.22
CA PHE C 38 17.06 19.99 -38.77
C PHE C 38 17.12 18.61 -39.42
N ILE C 39 17.05 18.62 -40.75
CA ILE C 39 17.06 17.41 -41.58
C ILE C 39 18.10 16.35 -41.21
N GLU C 40 19.25 16.78 -40.70
CA GLU C 40 20.30 15.83 -40.31
C GLU C 40 19.73 14.74 -39.40
N GLY C 41 18.97 15.17 -38.39
CA GLY C 41 18.38 14.23 -37.46
C GLY C 41 17.21 13.48 -38.10
N ALA C 42 16.50 14.16 -38.99
CA ALA C 42 15.36 13.56 -39.68
C ALA C 42 15.81 12.36 -40.49
N GLN C 43 16.97 12.49 -41.11
CA GLN C 43 17.55 11.42 -41.93
C GLN C 43 17.97 10.27 -41.03
N ARG C 44 18.64 10.62 -39.94
CA ARG C 44 19.12 9.65 -38.96
C ARG C 44 17.98 8.77 -38.44
N LEU C 45 16.98 9.41 -37.85
CA LEU C 45 15.81 8.74 -37.28
C LEU C 45 15.07 7.86 -38.29
N ALA C 46 14.67 8.46 -39.41
CA ALA C 46 13.95 7.73 -40.45
C ALA C 46 14.70 6.47 -40.85
N GLU C 47 16.01 6.62 -41.09
CA GLU C 47 16.87 5.53 -41.49
C GLU C 47 16.84 4.39 -40.47
N ALA C 48 16.37 4.70 -39.26
CA ALA C 48 16.28 3.71 -38.20
C ALA C 48 14.89 3.07 -38.13
N ASN C 49 14.04 3.39 -39.09
CA ASN C 49 12.68 2.86 -39.13
C ASN C 49 12.37 2.28 -40.51
N GLY C 50 12.74 3.04 -41.54
CA GLY C 50 12.50 2.60 -42.90
C GLY C 50 11.70 3.64 -43.66
N ALA C 51 12.05 4.90 -43.46
CA ALA C 51 11.36 6.00 -44.11
C ALA C 51 12.35 7.03 -44.66
N GLU C 52 11.88 7.88 -45.58
CA GLU C 52 12.72 8.91 -46.19
C GLU C 52 12.81 10.14 -45.29
N ALA C 53 13.52 11.16 -45.75
CA ALA C 53 13.67 12.39 -44.98
C ALA C 53 13.63 13.65 -45.84
N VAL C 54 12.82 14.61 -45.41
CA VAL C 54 12.69 15.89 -46.11
C VAL C 54 12.86 17.00 -45.08
N ALA C 55 12.86 18.25 -45.52
CA ALA C 55 13.03 19.37 -44.61
C ALA C 55 11.73 20.10 -44.29
N SER C 56 11.04 20.55 -45.33
CA SER C 56 9.78 21.28 -45.17
C SER C 56 8.57 20.42 -45.54
N PRO C 57 7.35 20.89 -45.21
CA PRO C 57 6.13 20.15 -45.52
C PRO C 57 5.84 20.03 -47.02
N ASP C 58 6.35 21.00 -47.78
CA ASP C 58 6.16 21.02 -49.22
C ASP C 58 6.56 19.67 -49.83
N GLU C 59 7.74 19.19 -49.47
CA GLU C 59 8.24 17.92 -49.97
C GLU C 59 7.30 16.77 -49.62
N VAL C 60 6.76 16.82 -48.40
CA VAL C 60 5.83 15.78 -47.96
C VAL C 60 4.53 15.91 -48.75
N PHE C 61 4.26 17.13 -49.21
CA PHE C 61 3.06 17.40 -50.00
C PHE C 61 3.30 17.15 -51.48
N ALA C 62 4.51 16.75 -51.82
CA ALA C 62 4.88 16.45 -53.20
C ALA C 62 4.74 14.93 -53.33
N ARG C 63 4.03 14.35 -52.37
CA ARG C 63 3.78 12.91 -52.31
C ARG C 63 2.30 12.63 -52.58
N ASP C 64 2.00 11.41 -53.02
CA ASP C 64 0.63 11.01 -53.29
C ASP C 64 0.29 9.70 -52.59
N ASP C 65 1.19 9.25 -51.72
CA ASP C 65 1.01 8.00 -50.97
C ASP C 65 0.98 8.25 -49.46
N ILE C 66 0.04 9.08 -49.03
CA ILE C 66 -0.10 9.42 -47.62
C ILE C 66 -1.58 9.37 -47.22
N ASP C 67 -1.96 8.37 -46.43
CA ASP C 67 -3.35 8.23 -45.98
C ASP C 67 -3.43 8.34 -44.46
N GLY C 68 -2.31 8.71 -43.86
CA GLY C 68 -2.23 8.86 -42.42
C GLY C 68 -1.26 9.97 -42.08
N ILE C 69 -1.69 10.90 -41.24
CA ILE C 69 -0.84 12.01 -40.86
C ILE C 69 -0.67 12.10 -39.34
N VAL C 70 0.51 12.53 -38.92
CA VAL C 70 0.83 12.68 -37.51
C VAL C 70 1.71 13.92 -37.37
N ILE C 71 1.28 14.87 -36.56
CA ILE C 71 2.03 16.11 -36.38
C ILE C 71 2.80 16.16 -35.06
N GLY C 72 4.05 15.69 -35.10
CA GLY C 72 4.88 15.72 -33.91
C GLY C 72 5.73 16.97 -33.93
N SER C 73 5.60 17.73 -35.01
CA SER C 73 6.35 18.97 -35.17
C SER C 73 5.89 20.01 -34.16
N PRO C 74 6.72 21.04 -33.94
CA PRO C 74 6.41 22.13 -32.99
C PRO C 74 5.03 22.76 -33.17
N THR C 75 4.61 23.50 -32.16
CA THR C 75 3.31 24.16 -32.16
C THR C 75 3.08 25.08 -33.37
N SER C 76 4.05 25.97 -33.61
CA SER C 76 3.97 26.93 -34.72
C SER C 76 3.48 26.34 -36.04
N THR C 77 3.73 25.05 -36.25
CA THR C 77 3.35 24.40 -37.51
C THR C 77 2.06 23.59 -37.43
N HIS C 78 1.43 23.55 -36.27
CA HIS C 78 0.19 22.79 -36.09
C HIS C 78 -0.95 23.28 -36.96
N VAL C 79 -1.35 24.54 -36.77
CA VAL C 79 -2.44 25.12 -37.56
C VAL C 79 -2.16 24.97 -39.06
N ASP C 80 -0.90 25.13 -39.42
CA ASP C 80 -0.45 25.03 -40.81
C ASP C 80 -0.72 23.66 -41.44
N LEU C 81 -0.11 22.63 -40.89
CA LEU C 81 -0.25 21.26 -41.39
C LEU C 81 -1.65 20.68 -41.36
N ILE C 82 -2.41 20.97 -40.31
CA ILE C 82 -3.77 20.45 -40.20
C ILE C 82 -4.57 20.92 -41.39
N THR C 83 -4.46 22.21 -41.70
CA THR C 83 -5.16 22.80 -42.83
C THR C 83 -4.68 22.14 -44.12
N ARG C 84 -3.39 22.28 -44.38
CA ARG C 84 -2.75 21.72 -45.57
C ARG C 84 -2.92 20.21 -45.70
N ALA C 85 -3.67 19.61 -44.78
CA ALA C 85 -3.88 18.17 -44.80
C ALA C 85 -5.36 17.83 -44.98
N VAL C 86 -6.23 18.70 -44.48
CA VAL C 86 -7.67 18.49 -44.61
C VAL C 86 -8.03 18.79 -46.06
N GLU C 87 -7.18 19.58 -46.71
CA GLU C 87 -7.38 19.95 -48.10
C GLU C 87 -7.45 18.67 -48.92
N ARG C 88 -6.46 17.80 -48.73
CA ARG C 88 -6.40 16.53 -49.45
C ARG C 88 -7.32 15.52 -48.77
N GLY C 89 -7.99 15.97 -47.71
CA GLY C 89 -8.91 15.11 -46.98
C GLY C 89 -8.29 13.84 -46.43
N ILE C 90 -7.13 13.96 -45.79
CA ILE C 90 -6.46 12.80 -45.22
C ILE C 90 -6.52 12.83 -43.69
N PRO C 91 -6.96 11.72 -43.06
CA PRO C 91 -7.07 11.64 -41.60
C PRO C 91 -5.75 12.03 -40.94
N ALA C 92 -5.81 12.89 -39.93
CA ALA C 92 -4.60 13.31 -39.23
C ALA C 92 -4.70 13.31 -37.70
N LEU C 93 -3.54 13.23 -37.07
CA LEU C 93 -3.43 13.22 -35.61
C LEU C 93 -2.33 14.19 -35.21
N CYS C 94 -2.72 15.32 -34.62
CA CYS C 94 -1.79 16.35 -34.20
C CYS C 94 -1.38 16.11 -32.74
N GLU C 95 -0.40 16.86 -32.25
CA GLU C 95 0.08 16.70 -30.87
C GLU C 95 -0.60 17.67 -29.92
N LYS C 96 0.20 18.23 -29.01
CA LYS C 96 -0.32 19.20 -28.05
C LYS C 96 -0.99 20.34 -28.81
N PRO C 97 -1.92 21.06 -28.15
CA PRO C 97 -2.71 22.19 -28.65
C PRO C 97 -2.50 22.68 -30.07
N ILE C 98 -3.61 22.91 -30.77
CA ILE C 98 -3.58 23.38 -32.15
C ILE C 98 -2.70 24.63 -32.22
N ASP C 99 -2.85 25.51 -31.24
CA ASP C 99 -2.07 26.74 -31.18
C ASP C 99 -2.35 27.39 -29.84
N LEU C 100 -1.41 28.20 -29.36
CA LEU C 100 -1.59 28.89 -28.09
C LEU C 100 -2.54 30.06 -28.29
N ASP C 101 -2.64 30.53 -29.53
CA ASP C 101 -3.50 31.67 -29.85
C ASP C 101 -4.89 31.22 -30.28
N ILE C 102 -5.85 31.37 -29.38
CA ILE C 102 -7.23 30.97 -29.65
C ILE C 102 -7.78 31.56 -30.95
N GLU C 103 -7.39 32.80 -31.27
CA GLU C 103 -7.86 33.42 -32.51
C GLU C 103 -7.39 32.59 -33.70
N VAL C 105 -6.79 29.64 -33.78
CA VAL C 105 -7.55 28.41 -33.74
C VAL C 105 -8.90 28.64 -34.40
N ARG C 106 -9.57 29.72 -33.99
CA ARG C 106 -10.86 30.06 -34.57
C ARG C 106 -10.68 30.31 -36.06
N ALA C 107 -9.60 31.01 -36.40
CA ALA C 107 -9.29 31.31 -37.79
C ALA C 107 -9.09 30.00 -38.56
N CYS C 108 -8.42 29.04 -37.93
CA CYS C 108 -8.18 27.74 -38.56
C CYS C 108 -9.49 26.98 -38.69
N LYS C 109 -10.30 27.00 -37.64
CA LYS C 109 -11.58 26.30 -37.66
C LYS C 109 -12.44 26.88 -38.77
N GLU C 110 -12.40 28.20 -38.91
CA GLU C 110 -13.18 28.90 -39.93
C GLU C 110 -12.78 28.47 -41.34
N LYS C 111 -11.49 28.14 -41.55
CA LYS C 111 -11.01 27.73 -42.86
C LYS C 111 -11.36 26.27 -43.21
N ILE C 112 -10.92 25.33 -42.38
CA ILE C 112 -11.21 23.92 -42.63
C ILE C 112 -12.71 23.66 -42.55
N GLY C 113 -13.41 24.53 -41.84
CA GLY C 113 -14.85 24.41 -41.70
C GLY C 113 -15.38 23.10 -41.16
N ASP C 114 -15.67 22.15 -42.05
CA ASP C 114 -16.19 20.85 -41.65
C ASP C 114 -15.08 19.79 -41.64
N GLY C 115 -13.96 20.11 -42.28
CA GLY C 115 -12.85 19.18 -42.34
C GLY C 115 -12.10 19.04 -41.03
N ALA C 116 -12.76 19.33 -39.91
CA ALA C 116 -12.15 19.21 -38.59
C ALA C 116 -12.54 17.87 -38.01
N SER C 117 -13.56 17.26 -38.62
CA SER C 117 -14.06 15.96 -38.19
C SER C 117 -13.04 14.87 -38.46
N LYS C 118 -12.10 15.16 -39.34
CA LYS C 118 -11.07 14.19 -39.71
C LYS C 118 -9.80 14.35 -38.85
N VAL C 119 -9.82 15.32 -37.95
CA VAL C 119 -8.66 15.59 -37.10
C VAL C 119 -8.80 15.05 -35.67
N LEU C 121 -6.92 14.83 -31.78
CA LEU C 121 -5.97 15.52 -30.93
C LEU C 121 -5.16 14.58 -30.03
N GLY C 122 -3.87 14.87 -29.92
CA GLY C 122 -2.97 14.05 -29.13
C GLY C 122 -2.98 14.18 -27.62
N PHE C 123 -4.17 14.10 -27.02
CA PHE C 123 -4.28 14.17 -25.57
C PHE C 123 -4.11 12.71 -25.11
N ASN C 124 -2.86 12.26 -25.15
CA ASN C 124 -2.51 10.88 -24.81
C ASN C 124 -2.98 10.34 -23.46
N ARG C 125 -3.03 11.20 -22.44
CA ARG C 125 -3.44 10.75 -21.10
C ARG C 125 -4.77 10.01 -21.08
N ARG C 126 -5.69 10.39 -21.97
CA ARG C 126 -7.00 9.74 -22.04
C ARG C 126 -6.84 8.26 -22.41
N PHE C 127 -5.70 7.92 -23.00
CA PHE C 127 -5.46 6.56 -23.44
C PHE C 127 -4.65 5.69 -22.49
N ASP C 128 -4.21 6.28 -21.38
CA ASP C 128 -3.46 5.54 -20.39
C ASP C 128 -4.42 4.46 -19.86
N PRO C 129 -3.95 3.21 -19.75
CA PRO C 129 -4.82 2.13 -19.27
C PRO C 129 -5.47 2.42 -17.92
N SER C 130 -4.73 3.01 -16.98
CA SER C 130 -5.28 3.32 -15.66
C SER C 130 -6.37 4.41 -15.73
N PHE C 131 -6.04 5.56 -16.29
CA PHE C 131 -7.03 6.64 -16.38
C PHE C 131 -8.23 6.21 -17.23
N ALA C 132 -7.97 5.52 -18.33
CA ALA C 132 -9.04 5.06 -19.22
C ALA C 132 -9.94 4.05 -18.53
N ALA C 133 -9.35 3.17 -17.74
CA ALA C 133 -10.12 2.17 -17.02
C ALA C 133 -11.06 2.89 -16.05
N ILE C 134 -10.54 3.87 -15.33
CA ILE C 134 -11.35 4.64 -14.38
C ILE C 134 -12.51 5.33 -15.10
N ASN C 135 -12.21 5.98 -16.22
CA ASN C 135 -13.25 6.66 -17.00
C ASN C 135 -14.35 5.68 -17.40
N ALA C 136 -13.95 4.57 -18.02
CA ALA C 136 -14.91 3.55 -18.45
C ALA C 136 -15.69 2.94 -17.29
N ARG C 137 -15.03 2.68 -16.17
CA ARG C 137 -15.71 2.08 -15.03
C ARG C 137 -16.67 3.09 -14.39
N VAL C 138 -16.32 4.37 -14.42
CA VAL C 138 -17.20 5.39 -13.88
C VAL C 138 -18.43 5.44 -14.79
N ALA C 139 -18.20 5.41 -16.10
CA ALA C 139 -19.29 5.46 -17.08
C ALA C 139 -20.17 4.22 -17.00
N ASN C 140 -19.64 3.15 -16.40
CA ASN C 140 -20.40 1.92 -16.26
C ASN C 140 -21.17 1.92 -14.93
N GLN C 141 -21.23 3.09 -14.30
CA GLN C 141 -21.96 3.26 -13.04
C GLN C 141 -21.35 2.52 -11.85
N GLU C 142 -20.08 2.13 -11.94
CA GLU C 142 -19.45 1.40 -10.84
C GLU C 142 -19.39 2.13 -9.49
N ILE C 143 -19.37 3.46 -9.52
CA ILE C 143 -19.33 4.21 -8.27
C ILE C 143 -20.48 5.20 -8.18
N GLY C 144 -21.56 4.92 -8.89
CA GLY C 144 -22.74 5.79 -8.86
C GLY C 144 -22.56 7.04 -9.70
N ASN C 145 -23.22 8.13 -9.29
CA ASN C 145 -23.12 9.38 -10.03
C ASN C 145 -21.85 10.13 -9.66
N LEU C 146 -21.07 10.49 -10.67
CA LEU C 146 -19.83 11.22 -10.45
C LEU C 146 -20.11 12.56 -9.81
N GLU C 147 -19.41 12.86 -8.72
CA GLU C 147 -19.59 14.12 -8.01
C GLU C 147 -18.33 14.94 -7.87
N GLN C 148 -17.18 14.28 -7.78
CA GLN C 148 -15.91 14.98 -7.64
C GLN C 148 -14.81 14.30 -8.44
N LEU C 149 -13.90 15.11 -8.95
CA LEU C 149 -12.76 14.63 -9.71
C LEU C 149 -11.56 15.46 -9.27
N VAL C 150 -10.59 14.81 -8.65
CA VAL C 150 -9.38 15.50 -8.18
C VAL C 150 -8.21 14.97 -8.98
N ILE C 151 -7.51 15.91 -9.63
CA ILE C 151 -6.37 15.60 -10.48
C ILE C 151 -5.13 16.32 -9.97
N ILE C 152 -4.08 15.56 -9.69
CA ILE C 152 -2.84 16.14 -9.20
C ILE C 152 -1.72 15.82 -10.18
N SER C 153 -1.20 16.87 -10.81
CA SER C 153 -0.12 16.77 -11.78
C SER C 153 1.03 17.65 -11.31
N ARG C 154 2.24 17.10 -11.31
CA ARG C 154 3.42 17.85 -10.89
C ARG C 154 4.64 17.43 -11.71
N ASP C 155 5.13 18.34 -12.54
CA ASP C 155 6.30 18.06 -13.37
C ASP C 155 7.54 17.98 -12.48
N PRO C 156 8.51 17.14 -12.86
CA PRO C 156 9.74 16.98 -12.08
C PRO C 156 10.46 18.30 -11.80
N ALA C 157 10.55 19.16 -12.82
CA ALA C 157 11.22 20.44 -12.70
C ALA C 157 10.81 21.35 -13.85
N PRO C 158 11.15 22.65 -13.76
CA PRO C 158 10.78 23.58 -14.84
C PRO C 158 11.59 23.29 -16.11
N ALA C 159 11.03 23.71 -17.24
CA ALA C 159 11.69 23.53 -18.53
C ALA C 159 12.66 24.70 -18.71
N PRO C 160 13.59 24.60 -19.69
CA PRO C 160 14.57 25.66 -19.95
C PRO C 160 13.95 27.06 -20.11
N LYS C 161 14.70 28.08 -19.71
CA LYS C 161 14.24 29.47 -19.77
C LYS C 161 13.57 29.87 -21.09
N ASP C 162 14.13 29.42 -22.22
CA ASP C 162 13.56 29.76 -23.52
C ASP C 162 12.19 29.15 -23.75
N TYR C 163 11.99 27.93 -23.26
CA TYR C 163 10.72 27.25 -23.43
C TYR C 163 9.64 27.96 -22.61
N ILE C 164 10.01 28.34 -21.39
CA ILE C 164 9.09 29.04 -20.49
C ILE C 164 8.64 30.37 -21.09
N ALA C 165 9.53 31.01 -21.83
CA ALA C 165 9.23 32.30 -22.45
C ALA C 165 8.17 32.16 -23.54
N GLY C 166 8.31 31.13 -24.38
CA GLY C 166 7.34 30.94 -25.44
C GLY C 166 6.31 29.87 -25.18
N SER C 167 6.14 29.48 -23.92
CA SER C 167 5.18 28.44 -23.58
C SER C 167 3.74 28.94 -23.58
N GLY C 168 3.54 30.18 -23.13
CA GLY C 168 2.19 30.74 -23.09
C GLY C 168 1.57 30.63 -21.71
N GLY C 169 2.41 30.34 -20.71
CA GLY C 169 1.90 30.22 -19.35
C GLY C 169 1.53 28.82 -18.92
N ILE C 170 1.62 28.60 -17.61
CA ILE C 170 1.32 27.28 -17.03
C ILE C 170 -0.04 26.73 -17.46
N PHE C 171 -1.04 27.59 -17.60
CA PHE C 171 -2.38 27.15 -18.00
C PHE C 171 -2.44 26.62 -19.43
N ARG C 172 -1.71 27.27 -20.33
CA ARG C 172 -1.70 26.86 -21.72
C ARG C 172 -0.75 25.70 -21.98
N ASP C 173 0.35 25.68 -21.24
CA ASP C 173 1.38 24.66 -21.42
C ASP C 173 1.20 23.39 -20.61
N THR C 175 -1.50 22.87 -17.43
CA THR C 175 -2.87 22.66 -17.01
C THR C 175 -3.83 22.22 -18.10
N ILE C 176 -3.53 22.57 -19.35
CA ILE C 176 -4.41 22.21 -20.44
C ILE C 176 -4.68 20.71 -20.55
N HIS C 177 -3.69 19.89 -20.24
CA HIS C 177 -3.88 18.43 -20.30
C HIS C 177 -4.92 17.99 -19.26
N ASP C 178 -4.85 18.56 -18.06
CA ASP C 178 -5.79 18.22 -16.99
C ASP C 178 -7.19 18.74 -17.31
N LEU C 179 -7.25 19.88 -17.98
CA LEU C 179 -8.53 20.47 -18.35
C LEU C 179 -9.26 19.53 -19.31
N ASP C 180 -8.51 18.92 -20.22
CA ASP C 180 -9.10 18.00 -21.16
C ASP C 180 -9.52 16.73 -20.43
N ALA C 182 -10.44 16.52 -17.49
CA ALA C 182 -11.64 16.89 -16.77
C ALA C 182 -12.85 16.73 -17.71
N ARG C 183 -12.69 17.19 -18.95
CA ARG C 183 -13.77 17.08 -19.93
C ARG C 183 -13.99 15.63 -20.35
N PHE C 184 -12.93 14.82 -20.27
CA PHE C 184 -13.02 13.41 -20.62
C PHE C 184 -14.05 12.78 -19.66
N PHE C 185 -14.17 13.35 -18.46
CA PHE C 185 -15.12 12.86 -17.45
C PHE C 185 -16.41 13.68 -17.43
N VAL C 186 -16.29 14.99 -17.46
CA VAL C 186 -17.45 15.88 -17.43
C VAL C 186 -17.30 16.84 -18.62
N PRO C 187 -17.83 16.43 -19.79
CA PRO C 187 -17.79 17.20 -21.04
C PRO C 187 -18.31 18.63 -20.94
N ASN C 188 -19.37 18.82 -20.17
CA ASN C 188 -19.98 20.13 -20.02
C ASN C 188 -19.48 20.90 -18.80
N ILE C 189 -18.78 22.00 -19.05
CA ILE C 189 -18.24 22.83 -17.97
C ILE C 189 -18.92 24.20 -18.01
N VAL C 190 -19.51 24.61 -16.89
CA VAL C 190 -20.21 25.89 -16.82
C VAL C 190 -19.43 27.03 -16.19
N GLU C 191 -18.64 26.74 -15.16
CA GLU C 191 -17.85 27.77 -14.50
C GLU C 191 -16.38 27.38 -14.33
N VAL C 192 -15.53 28.39 -14.23
CA VAL C 192 -14.10 28.19 -14.07
C VAL C 192 -13.54 29.09 -12.99
N THR C 193 -12.71 28.52 -12.11
CA THR C 193 -12.08 29.27 -11.03
C THR C 193 -10.62 28.84 -10.96
N ALA C 194 -9.71 29.80 -11.01
CA ALA C 194 -8.29 29.48 -10.96
C ALA C 194 -7.51 30.38 -10.03
N THR C 195 -6.51 29.79 -9.39
CA THR C 195 -5.67 30.54 -8.47
C THR C 195 -4.23 30.18 -8.79
N GLY C 196 -3.39 31.20 -9.01
CA GLY C 196 -2.00 30.94 -9.30
C GLY C 196 -1.10 31.53 -8.23
N ALA C 197 0.13 31.07 -8.15
CA ALA C 197 1.07 31.58 -7.16
C ALA C 197 2.50 31.37 -7.59
N ASN C 198 3.42 31.99 -6.85
CA ASN C 198 4.85 31.88 -7.14
C ASN C 198 5.58 31.56 -5.84
N VAL C 199 6.11 30.35 -5.75
CA VAL C 199 6.79 29.93 -4.54
C VAL C 199 8.24 29.49 -4.64
N PHE C 200 8.72 29.19 -5.84
CA PHE C 200 10.11 28.74 -5.93
C PHE C 200 10.90 29.20 -7.15
N SER C 201 10.25 29.33 -8.29
CA SER C 201 10.96 29.72 -9.50
C SER C 201 11.01 31.22 -9.77
N GLN C 202 12.17 31.81 -9.53
CA GLN C 202 12.36 33.24 -9.78
C GLN C 202 12.22 33.45 -11.29
N GLU C 203 12.73 32.49 -12.04
CA GLU C 203 12.69 32.53 -13.49
C GLU C 203 11.26 32.62 -14.01
N ILE C 204 10.37 31.82 -13.44
CA ILE C 204 8.96 31.83 -13.86
C ILE C 204 8.29 33.12 -13.39
N ALA C 205 8.77 33.68 -12.30
CA ALA C 205 8.21 34.91 -11.76
C ALA C 205 8.44 36.10 -12.69
N GLU C 206 9.68 36.25 -13.18
CA GLU C 206 9.99 37.37 -14.06
C GLU C 206 9.33 37.25 -15.43
N PHE C 207 8.73 36.10 -15.71
CA PHE C 207 8.04 35.89 -16.98
C PHE C 207 6.54 36.04 -16.77
N ASN C 208 6.17 36.56 -15.60
CA ASN C 208 4.78 36.77 -15.22
C ASN C 208 3.93 35.52 -15.42
N ASP C 209 4.45 34.41 -14.92
CA ASP C 209 3.79 33.12 -15.01
C ASP C 209 3.69 32.59 -13.58
N TYR C 210 3.02 31.45 -13.40
CA TYR C 210 2.89 30.87 -12.06
C TYR C 210 3.64 29.54 -12.01
N ASP C 211 4.13 29.16 -10.84
CA ASP C 211 4.79 27.88 -10.72
C ASP C 211 3.85 26.91 -10.00
N GLN C 212 2.73 27.43 -9.52
CA GLN C 212 1.70 26.65 -8.82
C GLN C 212 0.32 27.20 -9.17
N VAL C 213 -0.63 26.31 -9.44
CA VAL C 213 -2.00 26.74 -9.73
C VAL C 213 -3.03 25.71 -9.25
N ILE C 214 -4.23 26.18 -8.91
CA ILE C 214 -5.32 25.30 -8.49
C ILE C 214 -6.59 25.73 -9.21
N VAL C 215 -7.16 24.79 -9.96
CA VAL C 215 -8.35 25.04 -10.75
C VAL C 215 -9.54 24.22 -10.28
N THR C 216 -10.69 24.88 -10.15
CA THR C 216 -11.92 24.23 -9.75
C THR C 216 -12.93 24.54 -10.84
N LEU C 217 -13.42 23.50 -11.52
CA LEU C 217 -14.39 23.65 -12.59
C LEU C 217 -15.75 23.13 -12.13
N ARG C 218 -16.81 23.84 -12.48
CA ARG C 218 -18.16 23.40 -12.11
C ARG C 218 -18.81 22.78 -13.34
N GLY C 219 -19.23 21.53 -13.21
CA GLY C 219 -19.88 20.84 -14.31
C GLY C 219 -21.36 21.19 -14.37
N SER C 220 -21.98 20.96 -15.52
CA SER C 220 -23.40 21.28 -15.69
C SER C 220 -24.33 20.66 -14.67
N LYS C 221 -23.94 19.56 -14.04
CA LYS C 221 -24.82 18.92 -13.06
C LYS C 221 -24.34 19.06 -11.61
N GLY C 222 -23.42 19.99 -11.36
CA GLY C 222 -22.93 20.18 -10.01
C GLY C 222 -21.61 19.49 -9.66
N GLU C 223 -20.98 18.86 -10.66
CA GLU C 223 -19.71 18.16 -10.43
C GLU C 223 -18.58 19.17 -10.21
N LEU C 224 -17.80 18.96 -9.16
CA LEU C 224 -16.68 19.84 -8.88
C LEU C 224 -15.38 19.14 -9.27
N ILE C 225 -14.68 19.70 -10.24
CA ILE C 225 -13.42 19.13 -10.69
C ILE C 225 -12.30 20.00 -10.14
N ASN C 226 -11.41 19.35 -9.40
CA ASN C 226 -10.30 20.05 -8.75
C ASN C 226 -8.93 19.62 -9.26
N ILE C 227 -8.23 20.54 -9.91
CA ILE C 227 -6.91 20.27 -10.48
C ILE C 227 -5.83 20.99 -9.68
N VAL C 228 -4.74 20.29 -9.41
CA VAL C 228 -3.60 20.84 -8.69
C VAL C 228 -2.37 20.68 -9.57
N ASN C 229 -1.63 21.77 -9.76
CA ASN C 229 -0.42 21.74 -10.58
C ASN C 229 0.77 22.37 -9.86
N SER C 230 1.95 21.93 -10.23
CA SER C 230 3.17 22.48 -9.67
C SER C 230 4.25 22.27 -10.71
N ARG C 231 5.20 23.21 -10.77
CA ARG C 231 6.26 23.14 -11.76
C ARG C 231 7.48 22.28 -11.39
N HIS C 232 7.48 21.71 -10.18
CA HIS C 232 8.55 20.82 -9.78
C HIS C 232 8.03 19.71 -8.86
N CYS C 233 8.81 18.64 -8.73
CA CYS C 233 8.42 17.50 -7.92
C CYS C 233 9.65 16.64 -7.69
N SER C 234 10.09 16.57 -6.44
CA SER C 234 11.30 15.83 -6.11
C SER C 234 11.25 14.32 -6.34
N TYR C 235 10.08 13.71 -6.20
CA TYR C 235 9.97 12.26 -6.36
C TYR C 235 9.65 11.73 -7.74
N GLY C 236 9.39 12.62 -8.69
CA GLY C 236 9.09 12.17 -10.04
C GLY C 236 7.98 12.94 -10.74
N TYR C 237 7.37 12.29 -11.73
CA TYR C 237 6.30 12.90 -12.51
C TYR C 237 4.96 12.49 -11.89
N ASP C 238 4.51 13.28 -10.93
CA ASP C 238 3.26 13.04 -10.21
C ASP C 238 2.05 13.20 -11.14
N GLN C 239 1.32 12.11 -11.35
CA GLN C 239 0.14 12.10 -12.23
C GLN C 239 -1.00 11.31 -11.59
N ARG C 240 -1.54 11.80 -10.49
CA ARG C 240 -2.64 11.11 -9.81
C ARG C 240 -4.02 11.62 -10.22
N LEU C 241 -5.01 10.75 -10.09
CA LEU C 241 -6.39 11.09 -10.45
C LEU C 241 -7.37 10.39 -9.54
N GLU C 242 -8.39 11.11 -9.11
CA GLU C 242 -9.40 10.54 -8.22
C GLU C 242 -10.80 10.88 -8.68
N ALA C 243 -11.64 9.85 -8.84
CA ALA C 243 -13.02 10.02 -9.24
C ALA C 243 -13.88 9.65 -8.03
N PHE C 244 -14.71 10.59 -7.56
CA PHE C 244 -15.55 10.32 -6.41
C PHE C 244 -17.02 10.36 -6.78
N GLY C 245 -17.72 9.28 -6.44
CA GLY C 245 -19.14 9.20 -6.73
C GLY C 245 -20.01 8.89 -5.54
N SER C 246 -21.31 8.84 -5.79
CA SER C 246 -22.30 8.57 -4.76
C SER C 246 -22.23 7.16 -4.18
N LYS C 247 -21.59 6.24 -4.90
CA LYS C 247 -21.49 4.86 -4.43
C LYS C 247 -20.06 4.38 -4.26
N GLY C 248 -19.11 5.30 -4.29
CA GLY C 248 -17.72 4.89 -4.12
C GLY C 248 -16.70 5.83 -4.72
N LEU C 250 -12.83 5.81 -7.18
CA LEU C 250 -11.81 5.12 -7.98
C LEU C 250 -10.63 6.08 -8.11
N ALA C 251 -9.42 5.55 -7.90
CA ALA C 251 -8.22 6.37 -7.98
C ALA C 251 -7.08 5.63 -8.65
N ALA C 252 -6.13 6.39 -9.18
CA ALA C 252 -4.97 5.81 -9.84
C ALA C 252 -3.70 6.26 -9.15
N ASP C 253 -2.82 5.30 -8.87
CA ASP C 253 -1.55 5.60 -8.23
C ASP C 253 -0.53 5.96 -9.32
N ASN C 254 0.61 6.48 -8.89
CA ASN C 254 1.70 6.80 -9.81
C ASN C 254 2.35 5.46 -10.16
N ILE C 255 3.16 5.42 -11.21
CA ILE C 255 3.81 4.18 -11.64
C ILE C 255 5.31 4.19 -11.40
N ARG C 256 5.82 3.06 -10.91
CA ARG C 256 7.26 2.90 -10.61
C ARG C 256 7.89 1.88 -11.56
N PRO C 257 9.21 1.95 -11.76
CA PRO C 257 9.86 0.99 -12.66
C PRO C 257 9.88 -0.45 -12.14
N THR C 258 9.96 -0.63 -10.83
CA THR C 258 9.94 -1.97 -10.26
C THR C 258 8.93 -2.02 -9.10
N THR C 259 8.70 -3.20 -8.56
CA THR C 259 7.78 -3.35 -7.42
C THR C 259 8.58 -3.60 -6.15
N VAL C 260 9.86 -3.27 -6.20
CA VAL C 260 10.73 -3.46 -5.06
C VAL C 260 10.39 -2.52 -3.91
N ARG C 261 10.39 -3.07 -2.70
CA ARG C 261 10.10 -2.32 -1.48
C ARG C 261 11.20 -2.58 -0.47
N LYS C 262 11.71 -1.53 0.17
CA LYS C 262 12.75 -1.71 1.17
C LYS C 262 12.24 -1.35 2.56
N HIS C 263 12.69 -2.09 3.56
CA HIS C 263 12.28 -1.86 4.94
C HIS C 263 13.50 -1.92 5.85
N ASN C 264 13.69 -0.89 6.66
CA ASN C 264 14.84 -0.89 7.58
C ASN C 264 14.58 0.01 8.79
N ALA C 265 15.63 0.31 9.55
CA ALA C 265 15.52 1.14 10.74
C ALA C 265 15.03 2.56 10.48
N GLU C 266 15.23 3.06 9.27
CA GLU C 266 14.81 4.42 8.95
C GLU C 266 13.38 4.55 8.46
N SER C 267 12.94 3.58 7.67
CA SER C 267 11.61 3.64 7.10
C SER C 267 11.18 2.30 6.51
N THR C 268 9.87 2.06 6.41
CA THR C 268 9.40 0.81 5.80
C THR C 268 8.61 1.10 4.54
N GLU C 269 8.42 0.05 3.75
CA GLU C 269 7.66 0.12 2.51
C GLU C 269 8.20 1.10 1.46
N GLN C 270 9.49 1.39 1.55
CA GLN C 270 10.18 2.30 0.63
C GLN C 270 10.13 1.78 -0.82
N ALA C 271 9.49 2.55 -1.69
CA ALA C 271 9.38 2.17 -3.09
C ALA C 271 10.26 3.06 -3.95
N ASP C 272 10.40 2.72 -5.23
CA ASP C 272 11.23 3.52 -6.13
C ASP C 272 10.61 4.89 -6.37
N PRO C 273 11.45 5.86 -6.78
CA PRO C 273 10.90 7.19 -7.07
C PRO C 273 10.04 6.86 -8.30
N ILE C 274 8.97 7.60 -8.56
CA ILE C 274 8.14 7.29 -9.72
C ILE C 274 8.79 7.73 -11.03
N PHE C 275 8.25 7.28 -12.17
CA PHE C 275 8.81 7.68 -13.46
C PHE C 275 8.93 9.21 -13.50
N ASN C 276 10.03 9.71 -14.05
CA ASN C 276 10.22 11.15 -14.11
C ASN C 276 10.15 11.71 -15.54
N PHE C 277 9.81 10.86 -16.50
CA PHE C 277 9.66 11.32 -17.89
C PHE C 277 8.28 10.95 -18.45
N PHE C 278 7.60 11.94 -19.02
CA PHE C 278 6.26 11.69 -19.56
C PHE C 278 6.26 10.57 -20.60
N LEU C 279 7.37 10.43 -21.32
CA LEU C 279 7.47 9.40 -22.35
C LEU C 279 7.46 7.99 -21.72
N GLU C 280 8.08 7.85 -20.53
CA GLU C 280 8.10 6.56 -19.85
C GLU C 280 6.71 6.27 -19.29
N ARG C 281 6.19 7.23 -18.55
CA ARG C 281 4.88 7.09 -17.93
C ARG C 281 3.76 6.76 -18.92
N TYR C 282 3.77 7.41 -20.08
CA TYR C 282 2.71 7.19 -21.05
C TYR C 282 3.06 6.36 -22.27
N ASP C 283 4.02 5.46 -22.10
CA ASP C 283 4.42 4.58 -23.20
C ASP C 283 3.19 3.86 -23.75
N ALA C 284 2.48 3.15 -22.88
CA ALA C 284 1.29 2.41 -23.28
C ALA C 284 0.21 3.31 -23.86
N ALA C 285 0.09 4.52 -23.33
CA ALA C 285 -0.91 5.47 -23.81
C ALA C 285 -0.69 5.83 -25.28
N TYR C 286 0.53 6.25 -25.61
CA TYR C 286 0.85 6.61 -26.99
C TYR C 286 0.52 5.48 -27.94
N LYS C 287 0.77 4.25 -27.53
CA LYS C 287 0.48 3.10 -28.39
C LYS C 287 -1.03 2.97 -28.58
N ALA C 288 -1.78 3.08 -27.48
CA ALA C 288 -3.23 2.97 -27.54
C ALA C 288 -3.80 4.14 -28.35
N GLU C 289 -3.19 5.30 -28.20
CA GLU C 289 -3.61 6.50 -28.91
C GLU C 289 -3.54 6.25 -30.41
N LEU C 290 -2.47 5.59 -30.86
CA LEU C 290 -2.27 5.30 -32.27
C LEU C 290 -3.27 4.26 -32.78
N ALA C 291 -3.42 3.17 -32.04
CA ALA C 291 -4.35 2.12 -32.44
C ALA C 291 -5.75 2.68 -32.63
N THR C 292 -6.10 3.67 -31.82
CA THR C 292 -7.42 4.30 -31.88
C THR C 292 -7.51 5.16 -33.12
N PHE C 293 -6.38 5.78 -33.48
CA PHE C 293 -6.28 6.64 -34.65
C PHE C 293 -6.49 5.78 -35.89
N ALA C 294 -5.79 4.65 -35.93
CA ALA C 294 -5.88 3.72 -37.05
C ALA C 294 -7.31 3.20 -37.20
N GLN C 295 -7.87 2.67 -36.11
CA GLN C 295 -9.21 2.13 -36.13
C GLN C 295 -10.22 3.21 -36.53
N GLY C 296 -9.82 4.46 -36.34
CA GLY C 296 -10.69 5.56 -36.69
C GLY C 296 -10.63 5.81 -38.18
N ILE C 297 -9.44 5.66 -38.74
CA ILE C 297 -9.23 5.85 -40.17
C ILE C 297 -9.86 4.68 -40.93
N ARG C 298 -9.75 3.50 -40.36
CA ARG C 298 -10.32 2.31 -40.98
C ARG C 298 -11.80 2.21 -40.60
N ASP C 299 -12.43 3.37 -40.41
CA ASP C 299 -13.84 3.43 -40.06
C ASP C 299 -14.46 4.72 -40.58
N GLY C 300 -13.62 5.74 -40.76
CA GLY C 300 -14.09 7.03 -41.24
C GLY C 300 -15.30 7.55 -40.49
N GLN C 301 -15.27 7.45 -39.16
CA GLN C 301 -16.38 7.93 -38.34
C GLN C 301 -15.94 9.08 -37.44
N GLY C 302 -14.86 9.75 -37.84
CA GLY C 302 -14.36 10.86 -37.06
C GLY C 302 -13.32 10.42 -36.03
N PHE C 303 -13.14 11.22 -34.99
CA PHE C 303 -12.17 10.90 -33.95
C PHE C 303 -12.57 11.38 -32.57
N SER C 304 -11.76 11.01 -31.57
CA SER C 304 -11.98 11.37 -30.18
C SER C 304 -10.71 11.04 -29.39
N PRO C 305 -10.06 12.07 -28.81
CA PRO C 305 -10.41 13.49 -28.88
C PRO C 305 -10.34 14.07 -30.29
N ASN C 306 -11.22 15.03 -30.58
CA ASN C 306 -11.24 15.67 -31.89
C ASN C 306 -10.86 17.15 -31.77
N PHE C 307 -10.82 17.82 -32.92
CA PHE C 307 -10.46 19.24 -33.01
C PHE C 307 -11.22 20.08 -31.99
N GLU C 308 -12.54 19.87 -31.91
CA GLU C 308 -13.38 20.63 -31.00
C GLU C 308 -12.90 20.52 -29.54
N ASP C 309 -12.35 19.37 -29.17
CA ASP C 309 -11.86 19.18 -27.80
C ASP C 309 -10.66 20.08 -27.53
N GLY C 310 -9.80 20.22 -28.53
CA GLY C 310 -8.63 21.07 -28.38
C GLY C 310 -9.03 22.52 -28.23
N VAL C 311 -10.03 22.94 -29.00
CA VAL C 311 -10.53 24.30 -28.95
C VAL C 311 -11.01 24.60 -27.54
N ILE C 312 -12.00 23.82 -27.09
CA ILE C 312 -12.57 24.00 -25.75
C ILE C 312 -11.46 23.95 -24.69
N ALA C 313 -10.49 23.06 -24.87
CA ALA C 313 -9.38 22.94 -23.94
C ALA C 313 -8.62 24.25 -23.78
N LEU C 314 -8.28 24.89 -24.90
CA LEU C 314 -7.56 26.16 -24.83
C LEU C 314 -8.47 27.23 -24.22
N GLU C 315 -9.76 27.14 -24.52
CA GLU C 315 -10.70 28.11 -23.97
C GLU C 315 -10.73 28.01 -22.45
N LEU C 316 -10.71 26.79 -21.92
CA LEU C 316 -10.72 26.59 -20.47
C LEU C 316 -9.42 27.17 -19.91
N ALA C 317 -8.32 26.90 -20.60
CA ALA C 317 -7.03 27.40 -20.17
C ALA C 317 -7.09 28.92 -20.09
N ASN C 318 -7.50 29.56 -21.18
CA ASN C 318 -7.62 31.02 -21.18
C ASN C 318 -8.60 31.47 -20.10
N ALA C 319 -9.67 30.71 -19.92
CA ALA C 319 -10.65 31.03 -18.90
C ALA C 319 -9.96 31.00 -17.53
N CYS C 320 -9.14 29.97 -17.30
CA CYS C 320 -8.42 29.86 -16.02
C CYS C 320 -7.55 31.08 -15.78
N LEU C 321 -6.76 31.43 -16.80
CA LEU C 321 -5.87 32.58 -16.70
C LEU C 321 -6.69 33.81 -16.34
N GLU C 322 -7.80 34.00 -17.05
CA GLU C 322 -8.68 35.13 -16.80
C GLU C 322 -9.16 35.17 -15.36
N SER C 323 -9.44 33.98 -14.81
CA SER C 323 -9.92 33.88 -13.42
C SER C 323 -8.81 34.17 -12.42
N ALA C 324 -7.60 33.71 -12.72
CA ALA C 324 -6.46 33.92 -11.84
C ALA C 324 -6.03 35.38 -11.75
N GLN C 325 -6.11 36.09 -12.87
CA GLN C 325 -5.71 37.50 -12.92
C GLN C 325 -6.74 38.41 -12.26
N THR C 326 -8.01 38.08 -12.39
CA THR C 326 -9.08 38.89 -11.81
C THR C 326 -9.45 38.40 -10.41
N GLY C 327 -9.17 37.13 -10.14
CA GLY C 327 -9.51 36.58 -8.85
C GLY C 327 -11.00 36.36 -8.75
N ARG C 328 -11.63 36.09 -9.89
CA ARG C 328 -13.07 35.86 -9.92
C ARG C 328 -13.42 34.65 -10.79
N THR C 329 -14.55 34.03 -10.48
CA THR C 329 -15.02 32.88 -11.24
C THR C 329 -15.51 33.35 -12.62
N VAL C 330 -15.17 32.59 -13.65
CA VAL C 330 -15.55 32.90 -15.02
C VAL C 330 -16.64 31.98 -15.55
N THR C 331 -17.66 32.58 -16.17
CA THR C 331 -18.77 31.81 -16.74
C THR C 331 -18.46 31.62 -18.23
N LEU C 332 -18.41 30.37 -18.69
CA LEU C 332 -18.08 30.07 -20.08
C LEU C 332 -19.09 30.54 -21.12
N ASN C 333 -20.38 30.32 -20.84
CA ASN C 333 -21.41 30.74 -21.78
C ASN C 333 -22.56 31.42 -21.05
N PRO C 334 -22.49 32.76 -20.94
CA PRO C 334 -23.53 33.55 -20.25
C PRO C 334 -24.92 33.39 -20.85
N ALA C 335 -25.88 33.10 -19.98
CA ALA C 335 -27.28 32.90 -20.38
C ALA C 335 -27.40 31.83 -21.46
N LEU D 3 1.51 15.99 41.31
CA LEU D 3 0.35 16.58 42.04
C LEU D 3 -0.87 16.62 41.12
N THR D 4 -1.84 15.78 41.42
CA THR D 4 -3.08 15.71 40.63
C THR D 4 -3.82 17.04 40.56
N LEU D 5 -4.76 17.13 39.62
CA LEU D 5 -5.56 18.34 39.43
C LEU D 5 -7.03 17.96 39.23
N ARG D 6 -7.94 18.81 39.70
CA ARG D 6 -9.36 18.53 39.56
C ARG D 6 -9.96 19.17 38.31
N ILE D 7 -10.98 18.54 37.76
CA ILE D 7 -11.62 19.04 36.54
C ILE D 7 -13.15 19.00 36.63
N ALA D 8 -13.80 20.00 36.03
CA ALA D 8 -15.26 20.07 36.01
C ALA D 8 -15.70 19.80 34.57
N LEU D 9 -16.73 18.97 34.42
CA LEU D 9 -17.21 18.61 33.08
C LEU D 9 -18.59 19.13 32.73
N PHE D 10 -18.64 20.17 31.91
CA PHE D 10 -19.92 20.72 31.47
C PHE D 10 -20.48 19.82 30.39
N GLY D 11 -21.80 19.75 30.28
CA GLY D 11 -22.41 18.90 29.27
C GLY D 11 -22.28 17.43 29.61
N ALA D 12 -23.15 16.60 29.02
CA ALA D 12 -23.13 15.17 29.27
C ALA D 12 -23.56 14.39 28.02
N GLY D 13 -23.70 15.10 26.91
CA GLY D 13 -24.10 14.47 25.67
C GLY D 13 -23.11 13.43 25.17
N ARG D 14 -23.05 13.30 23.85
CA ARG D 14 -22.15 12.33 23.22
C ARG D 14 -20.68 12.65 23.56
N ILE D 15 -20.31 13.91 23.41
CA ILE D 15 -18.95 14.39 23.65
C ILE D 15 -18.48 14.33 25.10
N GLY D 16 -19.41 14.38 26.04
CA GLY D 16 -19.05 14.36 27.45
C GLY D 16 -18.46 13.06 27.98
N HIS D 17 -18.92 11.94 27.45
CA HIS D 17 -18.45 10.63 27.89
C HIS D 17 -16.96 10.44 27.59
N VAL D 18 -16.54 10.92 26.42
CA VAL D 18 -15.14 10.78 25.99
C VAL D 18 -14.16 11.39 26.98
N HIS D 19 -14.29 12.69 27.21
CA HIS D 19 -13.40 13.39 28.13
C HIS D 19 -13.39 12.73 29.50
N ALA D 20 -14.58 12.53 30.06
CA ALA D 20 -14.74 11.91 31.36
C ALA D 20 -13.88 10.67 31.49
N ALA D 21 -14.09 9.73 30.57
CA ALA D 21 -13.35 8.46 30.58
C ALA D 21 -11.85 8.62 30.38
N ASN D 22 -11.44 9.49 29.47
CA ASN D 22 -10.01 9.69 29.21
C ASN D 22 -9.32 10.28 30.43
N ILE D 23 -10.04 11.08 31.20
CA ILE D 23 -9.49 11.71 32.40
C ILE D 23 -9.06 10.62 33.39
N ALA D 24 -9.99 9.72 33.69
CA ALA D 24 -9.75 8.62 34.62
C ALA D 24 -8.48 7.87 34.24
N ALA D 25 -8.28 7.66 32.94
CA ALA D 25 -7.10 6.95 32.45
C ALA D 25 -5.84 7.75 32.70
N ASN D 26 -5.96 9.08 32.63
CA ASN D 26 -4.83 9.96 32.86
C ASN D 26 -4.66 10.13 34.37
N PRO D 27 -3.44 9.99 34.87
CA PRO D 27 -3.20 10.14 36.32
C PRO D 27 -3.38 11.56 36.83
N ASP D 28 -2.78 12.51 36.12
CA ASP D 28 -2.82 13.92 36.48
C ASP D 28 -4.18 14.61 36.42
N LEU D 29 -5.26 13.85 36.27
CA LEU D 29 -6.59 14.45 36.20
C LEU D 29 -7.67 13.61 36.89
N GLU D 30 -8.70 14.29 37.41
CA GLU D 30 -9.81 13.61 38.08
C GLU D 30 -11.12 14.39 37.96
N LEU D 31 -12.13 13.75 37.37
CA LEU D 31 -13.43 14.37 37.18
C LEU D 31 -14.19 14.47 38.50
N VAL D 32 -15.07 15.47 38.62
CA VAL D 32 -15.82 15.65 39.86
C VAL D 32 -17.29 16.08 39.73
N VAL D 33 -17.68 16.59 38.56
CA VAL D 33 -19.07 17.03 38.39
C VAL D 33 -19.49 17.19 36.92
N ILE D 34 -20.80 17.31 36.69
CA ILE D 34 -21.34 17.46 35.34
C ILE D 34 -22.54 18.41 35.28
N ALA D 35 -22.36 19.50 34.56
CA ALA D 35 -23.41 20.50 34.41
C ALA D 35 -24.23 20.29 33.14
N ASP D 36 -25.45 19.78 33.29
CA ASP D 36 -26.32 19.55 32.16
C ASP D 36 -27.78 19.68 32.60
N PRO D 37 -28.61 20.38 31.80
CA PRO D 37 -30.02 20.56 32.11
C PRO D 37 -30.73 19.22 32.28
N PHE D 38 -30.45 18.31 31.35
CA PHE D 38 -31.03 16.97 31.37
C PHE D 38 -30.28 16.15 32.44
N ILE D 39 -30.48 16.53 33.69
CA ILE D 39 -29.85 15.89 34.85
C ILE D 39 -29.89 14.36 34.82
N GLU D 40 -30.96 13.80 34.25
CA GLU D 40 -31.10 12.34 34.16
C GLU D 40 -30.02 11.77 33.25
N GLY D 41 -29.60 12.56 32.27
CA GLY D 41 -28.56 12.15 31.35
C GLY D 41 -27.23 12.66 31.84
N ALA D 42 -27.26 13.46 32.91
CA ALA D 42 -26.07 14.04 33.51
C ALA D 42 -25.63 13.22 34.72
N GLN D 43 -26.49 12.31 35.16
CA GLN D 43 -26.21 11.46 36.31
C GLN D 43 -25.91 10.05 35.80
N ARG D 44 -25.97 9.90 34.48
CA ARG D 44 -25.69 8.62 33.82
C ARG D 44 -24.26 8.72 33.29
N LEU D 45 -23.54 9.72 33.80
CA LEU D 45 -22.15 9.96 33.40
C LEU D 45 -21.37 10.46 34.62
N ALA D 46 -22.05 11.20 35.49
CA ALA D 46 -21.45 11.74 36.70
C ALA D 46 -21.33 10.60 37.70
N GLU D 47 -22.46 9.95 37.95
CA GLU D 47 -22.53 8.83 38.88
C GLU D 47 -21.59 7.75 38.36
N ALA D 48 -21.37 7.78 37.05
CA ALA D 48 -20.51 6.81 36.36
C ALA D 48 -19.08 6.76 36.89
N ASN D 49 -18.31 7.82 36.59
CA ASN D 49 -16.90 7.90 37.00
C ASN D 49 -16.68 8.21 38.48
N GLY D 50 -17.77 8.36 39.22
CA GLY D 50 -17.64 8.65 40.64
C GLY D 50 -17.62 10.15 40.91
N ALA D 51 -18.57 10.86 40.35
CA ALA D 51 -18.67 12.30 40.52
C ALA D 51 -20.14 12.72 40.63
N GLU D 52 -20.38 13.96 41.06
CA GLU D 52 -21.75 14.47 41.22
C GLU D 52 -22.29 15.08 39.93
N ALA D 53 -23.58 15.43 39.94
CA ALA D 53 -24.22 16.02 38.76
C ALA D 53 -25.26 17.08 39.13
N VAL D 54 -25.27 18.17 38.37
CA VAL D 54 -26.22 19.25 38.61
C VAL D 54 -27.04 19.52 37.35
N ALA D 55 -27.87 20.57 37.39
CA ALA D 55 -28.71 20.92 36.25
C ALA D 55 -28.25 22.22 35.59
N SER D 56 -28.13 23.29 36.38
CA SER D 56 -27.68 24.57 35.86
C SER D 56 -26.18 24.77 36.08
N PRO D 57 -25.55 25.63 35.29
CA PRO D 57 -24.11 25.90 35.39
C PRO D 57 -23.75 26.65 36.68
N ASP D 58 -24.58 27.63 37.03
CA ASP D 58 -24.38 28.44 38.22
C ASP D 58 -23.98 27.62 39.44
N GLU D 59 -24.51 26.40 39.53
CA GLU D 59 -24.19 25.52 40.65
C GLU D 59 -22.70 25.24 40.66
N VAL D 60 -22.15 25.04 39.47
CA VAL D 60 -20.72 24.76 39.33
C VAL D 60 -19.96 26.08 39.47
N PHE D 61 -20.52 27.15 38.90
CA PHE D 61 -19.90 28.46 38.97
C PHE D 61 -20.03 29.03 40.38
N ALA D 62 -20.63 28.25 41.26
CA ALA D 62 -20.80 28.64 42.65
C ALA D 62 -20.01 27.63 43.48
N ARG D 63 -18.81 27.31 43.01
CA ARG D 63 -17.93 26.36 43.69
C ARG D 63 -16.61 27.04 43.99
N ASP D 64 -15.58 26.24 44.27
CA ASP D 64 -14.26 26.79 44.59
C ASP D 64 -13.22 25.69 44.81
N ASP D 65 -13.28 24.64 43.99
CA ASP D 65 -12.35 23.53 44.10
C ASP D 65 -12.15 22.83 42.76
N ILE D 66 -12.11 23.61 41.68
CA ILE D 66 -11.94 23.05 40.35
C ILE D 66 -10.89 23.83 39.56
N ASP D 67 -9.97 23.11 38.92
CA ASP D 67 -8.94 23.76 38.13
C ASP D 67 -9.41 23.87 36.69
N GLY D 68 -9.42 22.75 35.97
CA GLY D 68 -9.84 22.75 34.58
C GLY D 68 -11.34 22.74 34.38
N ILE D 69 -11.78 23.38 33.31
CA ILE D 69 -13.19 23.47 32.97
C ILE D 69 -13.47 22.90 31.58
N VAL D 70 -13.61 21.58 31.50
CA VAL D 70 -13.88 20.93 30.22
C VAL D 70 -15.33 21.18 29.79
N ILE D 71 -15.54 22.29 29.09
CA ILE D 71 -16.86 22.67 28.60
C ILE D 71 -17.33 21.74 27.49
N GLY D 72 -18.45 21.05 27.72
CA GLY D 72 -18.96 20.14 26.72
C GLY D 72 -20.47 20.18 26.55
N SER D 73 -21.01 21.37 26.32
CA SER D 73 -22.44 21.54 26.12
C SER D 73 -22.69 22.12 24.73
N PRO D 74 -23.97 22.33 24.34
CA PRO D 74 -24.26 22.89 23.02
C PRO D 74 -23.37 24.07 22.63
N THR D 75 -23.08 24.16 21.33
CA THR D 75 -22.23 25.20 20.78
C THR D 75 -22.76 26.63 20.94
N SER D 76 -24.03 26.77 21.32
CA SER D 76 -24.60 28.11 21.49
C SER D 76 -24.67 28.53 22.96
N THR D 77 -23.90 27.85 23.80
CA THR D 77 -23.88 28.15 25.23
C THR D 77 -22.45 28.33 25.70
N HIS D 78 -21.50 27.81 24.92
CA HIS D 78 -20.08 27.90 25.22
C HIS D 78 -19.60 29.27 25.70
N VAL D 79 -20.01 30.32 25.00
CA VAL D 79 -19.63 31.68 25.35
C VAL D 79 -19.96 31.99 26.81
N ASP D 80 -21.22 31.73 27.16
CA ASP D 80 -21.73 31.97 28.50
C ASP D 80 -21.06 31.08 29.55
N LEU D 81 -20.20 30.18 29.12
CA LEU D 81 -19.54 29.26 30.04
C LEU D 81 -18.04 29.51 30.12
N ILE D 82 -17.47 30.05 29.06
CA ILE D 82 -16.03 30.34 29.01
C ILE D 82 -15.74 31.59 29.82
N THR D 83 -16.61 32.59 29.67
CA THR D 83 -16.45 33.86 30.37
C THR D 83 -16.37 33.67 31.87
N ARG D 84 -17.37 32.98 32.41
CA ARG D 84 -17.46 32.71 33.84
C ARG D 84 -16.42 31.72 34.37
N ALA D 85 -15.43 31.41 33.54
CA ALA D 85 -14.35 30.51 33.92
C ALA D 85 -13.09 31.34 33.91
N VAL D 86 -13.14 32.41 33.10
CA VAL D 86 -12.04 33.35 32.98
C VAL D 86 -12.14 34.33 34.13
N GLU D 87 -13.37 34.76 34.40
CA GLU D 87 -13.65 35.69 35.49
C GLU D 87 -13.61 34.96 36.82
N ARG D 88 -12.84 33.87 36.85
CA ARG D 88 -12.66 33.06 38.04
C ARG D 88 -11.23 32.50 37.99
N GLY D 89 -10.48 33.00 37.01
CA GLY D 89 -9.08 32.61 36.83
C GLY D 89 -8.79 31.12 36.70
N ILE D 90 -9.78 30.34 36.28
CA ILE D 90 -9.58 28.90 36.12
C ILE D 90 -9.48 28.48 34.65
N PRO D 91 -8.34 27.89 34.25
CA PRO D 91 -8.11 27.44 32.87
C PRO D 91 -9.25 26.54 32.40
N ALA D 92 -9.62 26.67 31.13
CA ALA D 92 -10.70 25.87 30.57
C ALA D 92 -10.34 25.28 29.21
N LEU D 93 -11.10 24.25 28.82
CA LEU D 93 -10.93 23.57 27.54
C LEU D 93 -12.33 23.40 26.96
N CYS D 94 -12.59 24.03 25.82
CA CYS D 94 -13.91 23.95 25.20
C CYS D 94 -13.95 23.06 23.95
N GLU D 95 -15.16 22.73 23.50
CA GLU D 95 -15.34 21.89 22.31
C GLU D 95 -15.48 22.67 21.01
N LYS D 96 -16.65 22.60 20.38
CA LYS D 96 -16.86 23.31 19.12
C LYS D 96 -16.46 24.77 19.26
N PRO D 97 -15.67 25.27 18.31
CA PRO D 97 -15.18 26.66 18.29
C PRO D 97 -16.18 27.75 18.66
N ILE D 98 -16.06 28.24 19.89
CA ILE D 98 -16.91 29.31 20.42
C ILE D 98 -18.38 29.11 20.06
N ASP D 99 -18.93 30.08 19.34
CA ASP D 99 -20.33 30.07 18.90
C ASP D 99 -20.34 30.05 17.37
N LEU D 100 -21.54 30.12 16.79
CA LEU D 100 -21.67 30.12 15.34
C LEU D 100 -21.74 31.56 14.85
N ASP D 101 -22.16 32.45 15.75
CA ASP D 101 -22.28 33.87 15.42
C ASP D 101 -20.99 34.61 15.79
N ILE D 102 -20.31 35.11 14.76
CA ILE D 102 -19.06 35.82 14.94
C ILE D 102 -19.14 36.98 15.94
N GLU D 103 -20.27 37.69 15.96
CA GLU D 103 -20.45 38.80 16.88
C GLU D 103 -20.31 38.34 18.32
N VAL D 105 -18.98 35.96 19.52
CA VAL D 105 -17.59 35.55 19.73
C VAL D 105 -16.69 36.73 20.05
N ARG D 106 -16.85 37.81 19.29
CA ARG D 106 -16.04 38.99 19.51
C ARG D 106 -16.36 39.59 20.87
N ALA D 107 -17.63 39.60 21.21
CA ALA D 107 -18.09 40.12 22.49
C ALA D 107 -17.40 39.34 23.60
N CYS D 108 -17.25 38.05 23.39
CA CYS D 108 -16.61 37.19 24.38
C CYS D 108 -15.14 37.57 24.55
N LYS D 109 -14.44 37.78 23.43
CA LYS D 109 -13.02 38.15 23.48
C LYS D 109 -12.83 39.43 24.31
N GLU D 110 -13.59 40.46 23.96
CA GLU D 110 -13.50 41.73 24.67
C GLU D 110 -13.70 41.57 26.17
N LYS D 111 -14.84 41.01 26.56
CA LYS D 111 -15.16 40.80 27.97
C LYS D 111 -14.06 40.06 28.72
N ILE D 112 -13.60 38.93 28.18
CA ILE D 112 -12.54 38.17 28.84
C ILE D 112 -11.19 38.81 28.57
N GLY D 113 -11.19 39.88 27.78
CA GLY D 113 -9.97 40.58 27.46
C GLY D 113 -8.91 39.62 26.94
N ASP D 114 -7.98 39.24 27.81
CA ASP D 114 -6.93 38.32 27.43
C ASP D 114 -7.16 36.98 28.12
N GLY D 115 -8.43 36.58 28.19
CA GLY D 115 -8.78 35.31 28.78
C GLY D 115 -8.48 34.24 27.74
N ALA D 116 -8.28 34.71 26.51
CA ALA D 116 -7.98 33.84 25.38
C ALA D 116 -6.68 33.08 25.68
N SER D 117 -6.06 33.42 26.80
CA SER D 117 -4.82 32.78 27.22
C SER D 117 -5.19 31.50 27.96
N LYS D 118 -6.26 31.60 28.77
CA LYS D 118 -6.74 30.48 29.58
C LYS D 118 -7.73 29.56 28.86
N VAL D 119 -7.99 29.79 27.58
CA VAL D 119 -8.96 28.96 26.88
C VAL D 119 -8.42 28.15 25.71
N LEU D 121 -8.92 25.52 22.82
CA LEU D 121 -10.04 25.04 22.03
C LEU D 121 -9.96 23.55 21.69
N GLY D 122 -11.12 22.97 21.36
CA GLY D 122 -11.18 21.56 21.07
C GLY D 122 -10.95 21.10 19.63
N PHE D 123 -9.95 21.67 18.96
CA PHE D 123 -9.63 21.26 17.60
C PHE D 123 -8.77 20.01 17.72
N ASN D 124 -9.42 18.90 18.04
CA ASN D 124 -8.77 17.62 18.25
C ASN D 124 -7.87 17.09 17.13
N ARG D 125 -8.13 17.51 15.89
CA ARG D 125 -7.34 17.06 14.75
C ARG D 125 -5.86 17.41 14.86
N ARG D 126 -5.56 18.56 15.45
CA ARG D 126 -4.16 18.96 15.61
C ARG D 126 -3.44 17.97 16.50
N PHE D 127 -4.19 17.29 17.35
CA PHE D 127 -3.57 16.33 18.27
C PHE D 127 -3.56 14.88 17.79
N ASP D 128 -4.00 14.66 16.56
CA ASP D 128 -3.97 13.31 15.97
C ASP D 128 -2.50 13.03 15.67
N PRO D 129 -1.99 11.86 16.09
CA PRO D 129 -0.59 11.52 15.85
C PRO D 129 -0.11 11.68 14.41
N SER D 130 -0.90 11.23 13.45
CA SER D 130 -0.50 11.34 12.05
C SER D 130 -0.38 12.78 11.57
N PHE D 131 -1.46 13.56 11.71
CA PHE D 131 -1.42 14.95 11.28
C PHE D 131 -0.41 15.75 12.09
N ALA D 132 -0.36 15.53 13.39
CA ALA D 132 0.58 16.24 14.25
C ALA D 132 2.01 15.92 13.82
N ALA D 133 2.26 14.66 13.47
CA ALA D 133 3.59 14.26 13.03
C ALA D 133 3.95 15.02 11.76
N ILE D 134 3.03 15.06 10.80
CA ILE D 134 3.30 15.77 9.56
C ILE D 134 3.58 17.26 9.82
N ASN D 135 2.82 17.85 10.73
CA ASN D 135 3.03 19.25 11.06
C ASN D 135 4.42 19.44 11.66
N ALA D 136 4.79 18.58 12.61
CA ALA D 136 6.09 18.68 13.25
C ALA D 136 7.24 18.43 12.27
N ARG D 137 7.12 17.37 11.48
CA ARG D 137 8.15 17.03 10.53
C ARG D 137 8.32 18.12 9.47
N VAL D 138 7.23 18.77 9.10
CA VAL D 138 7.30 19.87 8.11
C VAL D 138 8.02 21.05 8.73
N ALA D 139 7.69 21.37 9.98
CA ALA D 139 8.33 22.49 10.69
C ALA D 139 9.81 22.21 10.85
N ASN D 140 10.17 20.93 10.89
CA ASN D 140 11.55 20.51 11.04
C ASN D 140 12.25 20.47 9.69
N GLN D 141 11.66 21.13 8.70
CA GLN D 141 12.23 21.23 7.35
C GLN D 141 12.51 19.91 6.64
N GLU D 142 11.77 18.86 6.97
CA GLU D 142 12.01 17.57 6.34
C GLU D 142 11.64 17.56 4.84
N ILE D 143 10.70 18.39 4.44
CA ILE D 143 10.33 18.41 3.02
C ILE D 143 10.52 19.78 2.38
N GLY D 144 11.46 20.57 2.91
CA GLY D 144 11.72 21.89 2.37
C GLY D 144 10.62 22.87 2.71
N ASN D 145 10.50 23.94 1.93
CA ASN D 145 9.47 24.95 2.19
C ASN D 145 8.09 24.43 1.78
N LEU D 146 7.12 24.57 2.70
CA LEU D 146 5.77 24.14 2.42
C LEU D 146 5.18 24.98 1.30
N GLU D 147 4.66 24.32 0.26
CA GLU D 147 4.10 25.05 -0.88
C GLU D 147 2.63 24.71 -1.13
N GLN D 148 2.27 23.46 -0.91
CA GLN D 148 0.89 23.00 -1.12
C GLN D 148 0.40 22.09 -0.01
N LEU D 149 -0.84 22.29 0.39
CA LEU D 149 -1.46 21.49 1.44
C LEU D 149 -2.83 21.08 0.92
N VAL D 150 -3.03 19.78 0.72
CA VAL D 150 -4.31 19.26 0.23
C VAL D 150 -5.02 18.47 1.32
N ILE D 151 -6.26 18.85 1.59
CA ILE D 151 -7.06 18.19 2.63
C ILE D 151 -8.37 17.66 2.07
N ILE D 152 -8.66 16.38 2.30
CA ILE D 152 -9.89 15.79 1.81
C ILE D 152 -10.67 15.21 2.97
N SER D 153 -11.83 15.82 3.23
CA SER D 153 -12.70 15.41 4.32
C SER D 153 -14.11 15.13 3.80
N ARG D 154 -14.62 13.95 4.11
CA ARG D 154 -15.95 13.55 3.68
C ARG D 154 -16.66 12.80 4.79
N ASP D 155 -17.79 13.33 5.27
CA ASP D 155 -18.55 12.67 6.32
C ASP D 155 -19.26 11.48 5.69
N PRO D 156 -19.53 10.43 6.48
CA PRO D 156 -20.19 9.22 5.98
C PRO D 156 -21.57 9.53 5.39
N ALA D 157 -22.29 10.44 6.02
CA ALA D 157 -23.61 10.82 5.55
C ALA D 157 -24.08 12.10 6.22
N PRO D 158 -25.05 12.80 5.62
CA PRO D 158 -25.57 14.04 6.19
C PRO D 158 -26.19 13.82 7.57
N ALA D 159 -26.10 14.81 8.44
CA ALA D 159 -26.68 14.73 9.78
C ALA D 159 -28.19 14.86 9.67
N PRO D 160 -28.92 14.59 10.77
CA PRO D 160 -30.39 14.69 10.75
C PRO D 160 -30.87 16.10 10.38
N LYS D 161 -32.01 16.17 9.68
CA LYS D 161 -32.60 17.44 9.25
C LYS D 161 -32.57 18.53 10.32
N ASP D 162 -32.90 18.17 11.56
CA ASP D 162 -32.92 19.13 12.65
C ASP D 162 -31.54 19.75 12.87
N TYR D 163 -30.50 18.93 12.76
CA TYR D 163 -29.15 19.43 12.96
C TYR D 163 -28.74 20.36 11.83
N ILE D 164 -29.08 19.99 10.60
CA ILE D 164 -28.75 20.80 9.44
C ILE D 164 -29.39 22.19 9.52
N ALA D 165 -30.53 22.27 10.20
CA ALA D 165 -31.25 23.53 10.36
C ALA D 165 -30.50 24.51 11.26
N GLY D 166 -29.84 23.99 12.29
CA GLY D 166 -29.09 24.84 13.20
C GLY D 166 -27.59 24.62 13.06
N SER D 167 -27.19 24.06 11.92
CA SER D 167 -25.79 23.76 11.64
C SER D 167 -24.95 25.01 11.41
N GLY D 168 -25.50 25.95 10.65
CA GLY D 168 -24.80 27.18 10.35
C GLY D 168 -24.17 27.07 8.97
N GLY D 169 -24.52 26.02 8.26
CA GLY D 169 -23.98 25.80 6.93
C GLY D 169 -22.75 24.89 6.95
N ILE D 170 -22.49 24.24 5.82
CA ILE D 170 -21.35 23.35 5.72
C ILE D 170 -20.02 24.01 6.12
N PHE D 171 -19.82 25.26 5.70
CA PHE D 171 -18.59 25.98 6.00
C PHE D 171 -18.35 26.16 7.50
N ARG D 172 -19.41 26.55 8.22
CA ARG D 172 -19.31 26.75 9.66
C ARG D 172 -19.34 25.46 10.45
N ASP D 173 -20.07 24.48 9.93
CA ASP D 173 -20.23 23.20 10.62
C ASP D 173 -19.20 22.11 10.30
N THR D 175 -16.36 22.35 7.14
CA THR D 175 -15.13 22.93 6.62
C THR D 175 -14.31 23.68 7.67
N ILE D 176 -14.97 24.17 8.71
CA ILE D 176 -14.27 24.92 9.76
C ILE D 176 -13.12 24.12 10.38
N HIS D 177 -13.29 22.81 10.55
CA HIS D 177 -12.23 21.98 11.13
C HIS D 177 -11.04 21.94 10.19
N ASP D 178 -11.32 21.87 8.90
CA ASP D 178 -10.27 21.84 7.88
C ASP D 178 -9.59 23.20 7.80
N LEU D 179 -10.38 24.26 7.99
CA LEU D 179 -9.83 25.61 7.93
C LEU D 179 -8.84 25.81 9.08
N ASP D 180 -9.13 25.22 10.23
CA ASP D 180 -8.22 25.35 11.36
C ASP D 180 -6.94 24.54 11.09
N ALA D 182 -5.64 23.97 8.35
CA ALA D 182 -4.85 24.75 7.40
C ALA D 182 -3.95 25.72 8.15
N ARG D 183 -4.53 26.50 9.06
CA ARG D 183 -3.76 27.46 9.84
C ARG D 183 -2.74 26.77 10.74
N PHE D 184 -3.02 25.53 11.13
CA PHE D 184 -2.09 24.81 11.97
C PHE D 184 -0.76 24.71 11.22
N PHE D 185 -0.85 24.67 9.90
CA PHE D 185 0.33 24.59 9.03
C PHE D 185 0.74 25.97 8.50
N VAL D 186 -0.25 26.80 8.17
CA VAL D 186 0.01 28.14 7.65
C VAL D 186 -0.96 29.10 8.31
N PRO D 187 -0.59 29.63 9.49
CA PRO D 187 -1.40 30.57 10.28
C PRO D 187 -1.83 31.84 9.54
N ASN D 188 -0.96 32.35 8.68
CA ASN D 188 -1.24 33.59 7.94
C ASN D 188 -1.89 33.37 6.57
N ILE D 189 -3.21 33.41 6.55
CA ILE D 189 -3.97 33.24 5.31
C ILE D 189 -4.37 34.64 4.89
N VAL D 190 -4.12 34.98 3.63
CA VAL D 190 -4.47 36.31 3.15
C VAL D 190 -5.73 36.34 2.30
N GLU D 191 -5.95 35.27 1.51
CA GLU D 191 -7.12 35.20 0.63
C GLU D 191 -7.93 33.90 0.77
N VAL D 192 -9.20 33.98 0.40
CA VAL D 192 -10.11 32.85 0.48
C VAL D 192 -10.96 32.74 -0.78
N THR D 193 -10.98 31.55 -1.36
CA THR D 193 -11.76 31.26 -2.56
C THR D 193 -12.53 29.98 -2.27
N ALA D 194 -13.81 29.96 -2.58
CA ALA D 194 -14.62 28.78 -2.31
C ALA D 194 -15.72 28.54 -3.33
N THR D 195 -15.95 27.26 -3.65
CA THR D 195 -16.98 26.87 -4.59
C THR D 195 -17.90 25.84 -3.93
N GLY D 196 -19.21 26.09 -3.99
CA GLY D 196 -20.17 25.18 -3.40
C GLY D 196 -21.09 24.58 -4.45
N ALA D 197 -21.60 23.39 -4.19
CA ALA D 197 -22.50 22.71 -5.13
C ALA D 197 -23.55 21.90 -4.39
N ASN D 198 -24.48 21.33 -5.15
CA ASN D 198 -25.57 20.51 -4.62
C ASN D 198 -25.76 19.30 -5.53
N VAL D 199 -25.12 18.19 -5.22
CA VAL D 199 -25.22 17.00 -6.07
C VAL D 199 -26.07 15.84 -5.60
N PHE D 200 -26.40 15.74 -4.31
CA PHE D 200 -27.20 14.60 -3.89
C PHE D 200 -28.26 14.83 -2.83
N SER D 201 -28.01 15.73 -1.89
CA SER D 201 -28.96 15.97 -0.81
C SER D 201 -30.06 16.99 -1.09
N GLN D 202 -31.28 16.50 -1.31
CA GLN D 202 -32.43 17.36 -1.56
C GLN D 202 -32.66 18.18 -0.29
N GLU D 203 -32.51 17.50 0.85
CA GLU D 203 -32.68 18.09 2.16
C GLU D 203 -31.76 19.31 2.32
N ILE D 204 -30.45 19.08 2.27
CA ILE D 204 -29.47 20.16 2.40
C ILE D 204 -29.75 21.27 1.40
N ALA D 205 -30.25 20.91 0.24
CA ALA D 205 -30.56 21.87 -0.81
C ALA D 205 -31.58 22.95 -0.43
N GLU D 206 -32.73 22.54 0.10
CA GLU D 206 -33.74 23.52 0.48
C GLU D 206 -33.30 24.42 1.62
N PHE D 207 -32.38 23.95 2.46
CA PHE D 207 -31.87 24.79 3.54
C PHE D 207 -30.82 25.72 2.95
N ASN D 208 -30.77 25.75 1.61
CA ASN D 208 -29.81 26.57 0.88
C ASN D 208 -28.42 26.48 1.50
N ASP D 209 -27.92 25.26 1.52
CA ASP D 209 -26.61 24.95 2.05
C ASP D 209 -26.01 24.06 0.98
N TYR D 210 -24.73 23.74 1.07
CA TYR D 210 -24.11 22.90 0.06
C TYR D 210 -23.83 21.52 0.62
N ASP D 211 -23.88 20.51 -0.25
CA ASP D 211 -23.59 19.16 0.19
C ASP D 211 -22.20 18.78 -0.32
N GLN D 212 -21.52 19.78 -0.88
CA GLN D 212 -20.19 19.56 -1.46
C GLN D 212 -19.50 20.91 -1.72
N VAL D 213 -18.24 21.03 -1.29
CA VAL D 213 -17.50 22.26 -1.50
C VAL D 213 -16.00 22.03 -1.65
N ILE D 214 -15.34 23.06 -2.18
CA ILE D 214 -13.89 23.06 -2.39
C ILE D 214 -13.40 24.47 -2.06
N VAL D 215 -12.36 24.55 -1.24
CA VAL D 215 -11.80 25.82 -0.82
C VAL D 215 -10.33 25.92 -1.20
N THR D 216 -9.91 27.11 -1.61
CA THR D 216 -8.52 27.34 -1.96
C THR D 216 -8.10 28.61 -1.22
N LEU D 217 -7.16 28.45 -0.30
CA LEU D 217 -6.65 29.55 0.48
C LEU D 217 -5.25 29.90 -0.01
N ARG D 218 -4.89 31.18 0.13
CA ARG D 218 -3.57 31.65 -0.26
C ARG D 218 -2.83 32.09 0.98
N GLY D 219 -1.62 31.55 1.18
CA GLY D 219 -0.83 31.91 2.34
C GLY D 219 -0.02 33.17 2.07
N SER D 220 0.44 33.82 3.13
CA SER D 220 1.21 35.05 2.98
C SER D 220 2.48 34.88 2.14
N LYS D 221 2.90 33.64 1.90
CA LYS D 221 4.12 33.43 1.12
C LYS D 221 3.90 32.70 -0.19
N GLY D 222 2.64 32.58 -0.62
CA GLY D 222 2.36 31.90 -1.87
C GLY D 222 1.87 30.47 -1.73
N GLU D 223 1.67 30.05 -0.48
CA GLU D 223 1.18 28.69 -0.22
C GLU D 223 -0.27 28.57 -0.64
N LEU D 224 -0.61 27.43 -1.23
CA LEU D 224 -1.96 27.16 -1.65
C LEU D 224 -2.51 26.00 -0.85
N ILE D 225 -3.52 26.26 -0.03
CA ILE D 225 -4.14 25.22 0.77
C ILE D 225 -5.44 24.84 0.08
N ASN D 226 -5.56 23.58 -0.33
CA ASN D 226 -6.75 23.11 -1.03
C ASN D 226 -7.55 22.13 -0.17
N ILE D 227 -8.77 22.53 0.17
CA ILE D 227 -9.64 21.70 1.00
C ILE D 227 -10.83 21.18 0.20
N VAL D 228 -11.02 19.87 0.23
CA VAL D 228 -12.14 19.25 -0.46
C VAL D 228 -13.07 18.64 0.58
N ASN D 229 -14.37 18.92 0.43
CA ASN D 229 -15.38 18.42 1.36
C ASN D 229 -16.57 17.76 0.66
N SER D 230 -17.23 16.86 1.37
CA SER D 230 -18.43 16.19 0.88
C SER D 230 -19.28 15.74 2.06
N ARG D 231 -20.60 15.85 1.91
CA ARG D 231 -21.50 15.46 2.99
C ARG D 231 -21.81 13.97 3.09
N HIS D 232 -21.20 13.16 2.22
CA HIS D 232 -21.38 11.72 2.30
C HIS D 232 -20.17 10.99 1.75
N CYS D 233 -20.00 9.73 2.16
CA CYS D 233 -18.86 8.93 1.74
C CYS D 233 -19.18 7.47 2.03
N SER D 234 -19.32 6.68 0.97
CA SER D 234 -19.67 5.27 1.11
C SER D 234 -18.66 4.40 1.85
N TYR D 235 -17.37 4.75 1.81
CA TYR D 235 -16.36 3.91 2.44
C TYR D 235 -15.96 4.28 3.86
N GLY D 236 -16.56 5.34 4.38
CA GLY D 236 -16.25 5.75 5.75
C GLY D 236 -16.03 7.24 5.95
N TYR D 237 -15.31 7.58 7.01
CA TYR D 237 -15.01 8.98 7.34
C TYR D 237 -13.65 9.35 6.78
N ASP D 238 -13.66 9.72 5.50
CA ASP D 238 -12.46 10.10 4.78
C ASP D 238 -11.81 11.34 5.40
N GLN D 239 -10.57 11.18 5.83
CA GLN D 239 -9.82 12.26 6.45
C GLN D 239 -8.36 12.21 5.98
N ARG D 240 -8.08 12.68 4.78
CA ARG D 240 -6.71 12.69 4.25
C ARG D 240 -6.08 14.07 4.23
N LEU D 241 -4.75 14.10 4.20
CA LEU D 241 -4.00 15.35 4.17
C LEU D 241 -2.65 15.13 3.49
N GLU D 242 -2.33 16.03 2.57
CA GLU D 242 -1.11 15.96 1.81
C GLU D 242 -0.36 17.29 1.91
N ALA D 243 0.89 17.23 2.38
CA ALA D 243 1.72 18.42 2.50
C ALA D 243 2.83 18.26 1.46
N PHE D 244 2.87 19.20 0.51
CA PHE D 244 3.86 19.16 -0.55
C PHE D 244 4.82 20.33 -0.40
N GLY D 245 6.11 20.03 -0.47
CA GLY D 245 7.12 21.07 -0.32
C GLY D 245 8.18 21.02 -1.41
N SER D 246 9.20 21.85 -1.26
CA SER D 246 10.29 21.92 -2.24
C SER D 246 11.18 20.67 -2.28
N LYS D 247 11.29 19.96 -1.16
CA LYS D 247 12.16 18.78 -1.13
C LYS D 247 11.42 17.44 -0.96
N GLY D 248 10.10 17.45 -1.10
CA GLY D 248 9.39 16.19 -0.95
C GLY D 248 7.94 16.34 -0.54
N LEU D 250 4.67 14.74 2.24
CA LEU D 250 4.22 13.97 3.40
C LEU D 250 2.71 13.87 3.39
N ALA D 251 2.19 12.64 3.43
CA ALA D 251 0.75 12.44 3.43
C ALA D 251 0.29 11.45 4.47
N ALA D 252 -0.95 11.60 4.88
CA ALA D 252 -1.56 10.75 5.87
C ALA D 252 -2.68 9.92 5.24
N ASP D 253 -2.63 8.61 5.44
CA ASP D 253 -3.66 7.72 4.89
C ASP D 253 -4.78 7.64 5.92
N ASN D 254 -5.89 7.05 5.51
CA ASN D 254 -7.01 6.85 6.42
C ASN D 254 -6.67 5.67 7.35
N ILE D 255 -7.42 5.54 8.44
CA ILE D 255 -7.18 4.46 9.40
C ILE D 255 -8.29 3.41 9.36
N ARG D 256 -7.89 2.14 9.34
CA ARG D 256 -8.84 1.04 9.31
C ARG D 256 -8.79 0.29 10.64
N PRO D 257 -9.86 -0.42 11.01
CA PRO D 257 -9.85 -1.14 12.28
C PRO D 257 -8.83 -2.27 12.35
N THR D 258 -8.53 -2.89 11.20
CA THR D 258 -7.55 -3.97 11.16
C THR D 258 -6.63 -3.76 9.95
N THR D 259 -5.57 -4.55 9.86
CA THR D 259 -4.64 -4.46 8.74
C THR D 259 -4.86 -5.63 7.81
N VAL D 260 -6.04 -6.24 7.91
CA VAL D 260 -6.36 -7.38 7.07
C VAL D 260 -6.64 -6.98 5.64
N ARG D 261 -6.20 -7.82 4.71
CA ARG D 261 -6.43 -7.59 3.29
C ARG D 261 -6.82 -8.90 2.64
N LYS D 262 -7.85 -8.86 1.81
CA LYS D 262 -8.31 -10.05 1.12
C LYS D 262 -7.89 -10.01 -0.35
N HIS D 263 -7.55 -11.18 -0.88
CA HIS D 263 -7.14 -11.28 -2.28
C HIS D 263 -7.84 -12.47 -2.90
N ASN D 264 -8.61 -12.21 -3.96
CA ASN D 264 -9.32 -13.28 -4.65
C ASN D 264 -9.50 -12.95 -6.11
N ALA D 265 -10.32 -13.74 -6.81
CA ALA D 265 -10.56 -13.57 -8.24
C ALA D 265 -11.21 -12.25 -8.63
N GLU D 266 -11.84 -11.57 -7.68
CA GLU D 266 -12.48 -10.30 -8.00
C GLU D 266 -11.56 -9.09 -7.84
N SER D 267 -10.68 -9.15 -6.85
CA SER D 267 -9.80 -8.02 -6.58
C SER D 267 -8.74 -8.37 -5.55
N THR D 268 -7.63 -7.64 -5.56
CA THR D 268 -6.56 -7.88 -4.58
C THR D 268 -6.44 -6.68 -3.64
N GLU D 269 -5.72 -6.87 -2.54
CA GLU D 269 -5.48 -5.85 -1.53
C GLU D 269 -6.72 -5.22 -0.89
N GLN D 270 -7.84 -5.94 -0.92
CA GLN D 270 -9.08 -5.45 -0.32
C GLN D 270 -8.94 -5.23 1.20
N ALA D 271 -8.96 -3.98 1.62
CA ALA D 271 -8.84 -3.64 3.04
C ALA D 271 -10.22 -3.29 3.63
N ASP D 272 -10.29 -3.15 4.94
CA ASP D 272 -11.56 -2.82 5.59
C ASP D 272 -12.02 -1.41 5.24
N PRO D 273 -13.32 -1.14 5.42
CA PRO D 273 -13.82 0.20 5.14
C PRO D 273 -13.09 0.98 6.23
N ILE D 274 -12.89 2.28 6.09
CA ILE D 274 -12.20 3.01 7.13
C ILE D 274 -13.16 3.39 8.26
N PHE D 275 -12.63 3.89 9.37
CA PHE D 275 -13.47 4.28 10.49
C PHE D 275 -14.60 5.18 10.00
N ASN D 276 -15.81 4.84 10.44
CA ASN D 276 -17.02 5.55 10.05
C ASN D 276 -17.45 6.59 11.09
N PHE D 277 -16.78 6.63 12.24
CA PHE D 277 -17.14 7.56 13.32
C PHE D 277 -15.97 8.40 13.85
N PHE D 278 -16.16 9.71 13.90
CA PHE D 278 -15.13 10.63 14.36
C PHE D 278 -14.49 10.27 15.70
N LEU D 279 -15.27 9.73 16.64
CA LEU D 279 -14.74 9.35 17.94
C LEU D 279 -13.75 8.21 17.80
N GLU D 280 -14.04 7.27 16.90
CA GLU D 280 -13.14 6.15 16.66
C GLU D 280 -11.85 6.71 16.09
N ARG D 281 -11.97 7.32 14.92
CA ARG D 281 -10.84 7.88 14.20
C ARG D 281 -9.95 8.78 15.04
N TYR D 282 -10.55 9.59 15.90
CA TYR D 282 -9.78 10.52 16.70
C TYR D 282 -9.64 10.14 18.18
N ASP D 283 -9.79 8.87 18.49
CA ASP D 283 -9.68 8.42 19.88
C ASP D 283 -8.40 8.94 20.53
N ALA D 284 -7.26 8.59 19.95
CA ALA D 284 -5.96 9.02 20.48
C ALA D 284 -5.86 10.54 20.54
N ALA D 285 -6.43 11.22 19.55
CA ALA D 285 -6.37 12.68 19.51
C ALA D 285 -6.95 13.33 20.76
N TYR D 286 -8.19 12.97 21.09
CA TYR D 286 -8.83 13.53 22.28
C TYR D 286 -7.99 13.30 23.52
N LYS D 287 -7.37 12.13 23.61
CA LYS D 287 -6.53 11.79 24.75
C LYS D 287 -5.31 12.70 24.80
N ALA D 288 -4.67 12.89 23.65
CA ALA D 288 -3.47 13.73 23.55
C ALA D 288 -3.83 15.18 23.83
N GLU D 289 -4.99 15.61 23.36
CA GLU D 289 -5.46 16.97 23.57
C GLU D 289 -5.54 17.20 25.08
N LEU D 290 -6.13 16.23 25.78
CA LEU D 290 -6.28 16.29 27.23
C LEU D 290 -4.93 16.33 27.93
N ALA D 291 -3.98 15.54 27.45
CA ALA D 291 -2.66 15.52 28.05
C ALA D 291 -1.97 16.86 27.86
N THR D 292 -2.35 17.57 26.80
CA THR D 292 -1.78 18.87 26.51
C THR D 292 -2.46 19.93 27.38
N PHE D 293 -3.75 19.73 27.66
CA PHE D 293 -4.50 20.67 28.48
C PHE D 293 -3.95 20.57 29.90
N ALA D 294 -3.36 19.42 30.21
CA ALA D 294 -2.78 19.17 31.53
C ALA D 294 -1.44 19.88 31.66
N GLN D 295 -0.67 19.90 30.57
CA GLN D 295 0.64 20.55 30.57
C GLN D 295 0.50 22.07 30.65
N GLY D 296 -0.53 22.60 29.99
CA GLY D 296 -0.76 24.03 29.99
C GLY D 296 -1.23 24.55 31.33
N ILE D 297 -1.72 23.64 32.18
CA ILE D 297 -2.20 24.01 33.51
C ILE D 297 -1.01 23.94 34.48
N ARG D 298 -0.18 22.92 34.31
CA ARG D 298 0.99 22.77 35.15
C ARG D 298 1.94 23.93 34.86
N ASP D 299 1.72 24.60 33.73
CA ASP D 299 2.54 25.75 33.35
C ASP D 299 1.76 27.03 33.58
N GLY D 300 1.02 27.45 32.56
CA GLY D 300 0.24 28.68 32.67
C GLY D 300 0.69 29.68 31.63
N GLN D 301 1.46 29.23 30.66
CA GLN D 301 1.97 30.09 29.60
C GLN D 301 0.86 30.35 28.59
N GLY D 302 -0.18 29.52 28.65
CA GLY D 302 -1.30 29.67 27.72
C GLY D 302 -1.53 28.37 26.98
N PHE D 303 -2.65 28.27 26.28
CA PHE D 303 -2.98 27.06 25.54
C PHE D 303 -2.99 27.27 24.03
N SER D 304 -2.75 26.18 23.30
CA SER D 304 -2.74 26.19 21.84
C SER D 304 -3.39 24.90 21.37
N PRO D 305 -4.44 24.98 20.53
CA PRO D 305 -5.09 26.18 20.00
C PRO D 305 -5.79 27.00 21.09
N ASN D 306 -5.79 28.31 20.92
CA ASN D 306 -6.42 29.19 21.88
C ASN D 306 -7.70 29.83 21.34
N PHE D 307 -8.40 30.55 22.20
CA PHE D 307 -9.65 31.22 21.85
C PHE D 307 -9.55 31.99 20.53
N GLU D 308 -8.40 32.60 20.29
CA GLU D 308 -8.17 33.37 19.07
C GLU D 308 -8.22 32.49 17.84
N ASP D 309 -7.59 31.31 17.92
CA ASP D 309 -7.58 30.38 16.80
C ASP D 309 -9.01 30.09 16.36
N GLY D 310 -9.91 29.97 17.33
CA GLY D 310 -11.30 29.71 17.01
C GLY D 310 -11.96 30.92 16.37
N VAL D 311 -11.53 32.11 16.78
CA VAL D 311 -12.08 33.34 16.23
C VAL D 311 -11.79 33.42 14.73
N ILE D 312 -10.53 33.19 14.38
CA ILE D 312 -10.10 33.24 12.99
C ILE D 312 -10.70 32.11 12.17
N ALA D 313 -10.80 30.93 12.76
CA ALA D 313 -11.37 29.78 12.06
C ALA D 313 -12.77 30.15 11.58
N LEU D 314 -13.58 30.70 12.50
CA LEU D 314 -14.94 31.10 12.15
C LEU D 314 -14.90 32.20 11.09
N GLU D 315 -13.95 33.12 11.23
CA GLU D 315 -13.79 34.21 10.26
C GLU D 315 -13.46 33.66 8.89
N LEU D 316 -12.71 32.55 8.86
CA LEU D 316 -12.35 31.90 7.60
C LEU D 316 -13.59 31.25 6.99
N ALA D 317 -14.41 30.63 7.84
CA ALA D 317 -15.63 29.98 7.39
C ALA D 317 -16.60 30.97 6.76
N ASN D 318 -16.85 32.10 7.43
CA ASN D 318 -17.77 33.10 6.89
C ASN D 318 -17.20 33.62 5.57
N ALA D 319 -15.89 33.84 5.54
CA ALA D 319 -15.24 34.33 4.32
C ALA D 319 -15.44 33.32 3.19
N CYS D 320 -15.37 32.03 3.52
CA CYS D 320 -15.57 30.99 2.51
C CYS D 320 -16.98 31.07 1.96
N LEU D 321 -17.96 31.21 2.85
CA LEU D 321 -19.37 31.30 2.45
C LEU D 321 -19.63 32.48 1.51
N GLU D 322 -19.01 33.64 1.81
CA GLU D 322 -19.18 34.84 0.99
C GLU D 322 -18.59 34.62 -0.39
N SER D 323 -17.45 33.94 -0.44
CA SER D 323 -16.79 33.65 -1.71
C SER D 323 -17.66 32.71 -2.54
N ALA D 324 -18.23 31.71 -1.90
CA ALA D 324 -19.06 30.74 -2.60
C ALA D 324 -20.30 31.40 -3.19
N GLN D 325 -20.87 32.34 -2.45
CA GLN D 325 -22.08 33.03 -2.91
C GLN D 325 -21.79 34.15 -3.92
N THR D 326 -20.55 34.61 -3.98
CA THR D 326 -20.23 35.72 -4.87
C THR D 326 -19.41 35.41 -6.11
N GLY D 327 -18.81 34.22 -6.17
CA GLY D 327 -18.03 33.86 -7.34
C GLY D 327 -16.76 34.67 -7.49
N ARG D 328 -16.15 35.03 -6.37
CA ARG D 328 -14.91 35.81 -6.38
C ARG D 328 -14.08 35.47 -5.15
N THR D 329 -12.80 35.80 -5.21
CA THR D 329 -11.90 35.53 -4.09
C THR D 329 -12.06 36.63 -3.03
N VAL D 330 -12.15 36.21 -1.78
CA VAL D 330 -12.32 37.13 -0.66
C VAL D 330 -11.01 37.44 0.06
N THR D 331 -10.70 38.72 0.19
CA THR D 331 -9.48 39.12 0.90
C THR D 331 -9.83 39.22 2.39
N LEU D 332 -9.20 38.35 3.19
CA LEU D 332 -9.45 38.29 4.62
C LEU D 332 -9.31 39.64 5.34
N ASN D 333 -8.14 40.25 5.21
CA ASN D 333 -7.90 41.55 5.84
C ASN D 333 -7.32 42.50 4.79
N PRO D 334 -8.07 43.55 4.42
CA PRO D 334 -7.61 44.52 3.42
C PRO D 334 -6.43 45.36 3.89
N ALA D 335 -6.55 46.68 3.73
CA ALA D 335 -5.50 47.61 4.14
C ALA D 335 -6.07 48.98 4.51
#